data_9CJZ
#
_entry.id   9CJZ
#
_cell.length_a   1.00
_cell.length_b   1.00
_cell.length_c   1.00
_cell.angle_alpha   90.00
_cell.angle_beta   90.00
_cell.angle_gamma   90.00
#
_symmetry.space_group_name_H-M   'P 1'
#
loop_
_entity.id
_entity.type
_entity.pdbx_description
1 polymer 'Hemagglutinin HA1 chain'
2 polymer 'Hemagglutinin HA2 chain'
3 polymer '3-E04 Heavy chain'
4 polymer '3-E04 Light chain'
#
loop_
_entity_poly.entity_id
_entity_poly.type
_entity_poly.pdbx_seq_one_letter_code
_entity_poly.pdbx_strand_id
1 'polypeptide(L)'
;DTICIGYHANNSTDTVDTVLEKNVTVTHSVNLLEDSHNGKLCLLKGIAPLQLGNCSVAGWILGNPECELLISKESWSYIV
ETPNPENGTCYPGYFADYEELREQLSSVSSFERFEIFPKESSWPNHTVTGVSASCSHNGKSSFYRNLLWLTGKNGLYPNL
SKSYVNNKEKEVLVLWGVHHPPNIGNQRALYHTENAYVSVVSSHYSRRFTPEIAKRPKVRDQEGRINYYWTLLEPGDTII
FEANGNLIAPWYAFALSRGFGSGIITSNAPMDECDAKCQTPQGAINSSLPFQNVHPVTIGECPKYVRSAKLRMVTGLRNI
PSIQSR
;
A,C,E
2 'polypeptide(L)'
;GLFGAIAGFIEGGWTGMVDGWYGYHHQNEQGSGYAADQKSTQNAINQITNKVNSVIEKMNTQFTAVGKEFNKLERRMENL
NKKVDDGFLDIWTYNAELLVLLENERTLDFHDSNVKNLYEKVKSQLKNNAKEIGNGCFEFYHKCNNECMESVKNGTYDYP
KYSEESKLNREKIDGVSGRLVPRGSPGSGYIPEAPRDGQAYVRKDGEWVLLSTFLGHHHHHH
;
B,D,F
3 'polypeptide(L)'
;EVQLVESGGGLVQPGGSLRLSCAASGFTFSSYGLSWVRQAPGKGLEWVSYISNSGISTYYADSVKGRFTISRDNSKNTVS
LQLNSLTPEDTAVYYCAKKGSTLIPYTWFDVWGPGVLVTVSS
;
H,J,M
4 'polypeptide(L)'
;EIVMTQSPATLSLSPGERATLSCRASQSVSTSLAWYQQKPGQAPKLLIYGASSRATGIPDRFSGSGSGTEFTLTISSLEP
EDVGVYYCQQDYNWPPLTFGGGTKVEIK
;
K,L,N
#
# COMPACT_ATOMS: atom_id res chain seq x y z
N ASP A 1 44.95 2.26 -18.04
CA ASP A 1 43.57 1.97 -18.50
C ASP A 1 42.55 2.44 -17.48
N THR A 2 41.28 2.37 -17.84
CA THR A 2 40.23 2.89 -16.99
C THR A 2 38.94 2.09 -17.20
N ILE A 3 38.19 1.92 -16.12
CA ILE A 3 36.90 1.26 -16.14
C ILE A 3 35.90 2.15 -15.42
N CYS A 4 34.83 2.52 -16.11
CA CYS A 4 33.77 3.35 -15.57
C CYS A 4 32.48 2.56 -15.55
N ILE A 5 31.48 3.10 -14.84
CA ILE A 5 30.17 2.47 -14.73
C ILE A 5 29.11 3.49 -15.07
N GLY A 6 27.97 3.00 -15.57
CA GLY A 6 26.87 3.89 -15.90
C GLY A 6 25.76 3.11 -16.57
N TYR A 7 24.74 3.84 -16.98
CA TYR A 7 23.55 3.25 -17.59
C TYR A 7 23.19 4.02 -18.85
N HIS A 8 22.58 3.32 -19.79
CA HIS A 8 22.23 3.92 -21.07
C HIS A 8 21.19 5.02 -20.89
N ALA A 9 21.31 6.06 -21.71
CA ALA A 9 20.39 7.19 -21.70
C ALA A 9 20.00 7.53 -23.14
N ASN A 10 18.89 8.24 -23.28
CA ASN A 10 18.34 8.54 -24.60
C ASN A 10 17.87 9.98 -24.62
N ASN A 11 17.11 10.33 -25.65
CA ASN A 11 16.69 11.71 -25.90
C ASN A 11 15.17 11.84 -25.92
N SER A 12 14.50 11.24 -24.95
CA SER A 12 13.04 11.30 -24.86
C SER A 12 12.65 11.80 -23.47
N THR A 13 11.45 12.40 -23.39
CA THR A 13 10.97 12.95 -22.13
C THR A 13 10.11 11.95 -21.37
N ASP A 14 9.00 11.52 -21.96
CA ASP A 14 8.10 10.54 -21.36
C ASP A 14 7.86 10.85 -19.88
N THR A 15 7.22 12.00 -19.66
CA THR A 15 7.07 12.52 -18.30
C THR A 15 6.34 11.53 -17.41
N VAL A 16 6.84 11.37 -16.18
CA VAL A 16 6.20 10.57 -15.15
C VAL A 16 6.28 11.36 -13.84
N ASP A 17 5.64 10.83 -12.80
CA ASP A 17 5.59 11.51 -11.51
C ASP A 17 5.69 10.48 -10.39
N THR A 18 6.12 10.96 -9.23
CA THR A 18 6.28 10.13 -8.05
C THR A 18 6.43 11.06 -6.85
N VAL A 19 6.71 10.48 -5.68
CA VAL A 19 6.82 11.27 -4.46
C VAL A 19 8.03 12.21 -4.53
N LEU A 20 9.14 11.73 -5.08
CA LEU A 20 10.35 12.54 -5.11
C LEU A 20 10.12 13.87 -5.81
N GLU A 21 9.46 13.85 -6.97
CA GLU A 21 9.29 15.05 -7.77
C GLU A 21 8.14 14.86 -8.73
N LYS A 22 7.49 15.96 -9.07
CA LYS A 22 6.52 15.96 -10.16
C LYS A 22 7.22 16.32 -11.47
N ASN A 23 6.72 15.74 -12.57
CA ASN A 23 7.26 16.01 -13.90
C ASN A 23 8.74 15.63 -13.98
N VAL A 24 9.00 14.34 -13.82
CA VAL A 24 10.34 13.77 -13.92
C VAL A 24 10.39 12.87 -15.16
N THR A 25 11.45 13.02 -15.93
CA THR A 25 11.60 12.26 -17.17
C THR A 25 12.09 10.85 -16.87
N VAL A 26 11.96 9.97 -17.86
CA VAL A 26 12.37 8.58 -17.72
C VAL A 26 12.69 8.03 -19.10
N THR A 27 13.67 7.12 -19.14
CA THR A 27 14.10 6.55 -20.41
C THR A 27 12.98 5.76 -21.07
N HIS A 28 12.28 4.93 -20.31
CA HIS A 28 11.21 4.08 -20.83
C HIS A 28 10.09 4.00 -19.82
N SER A 29 8.85 4.10 -20.31
CA SER A 29 7.68 4.11 -19.46
C SER A 29 6.53 3.46 -20.19
N VAL A 30 5.51 3.08 -19.42
CA VAL A 30 4.27 2.53 -19.96
C VAL A 30 3.11 3.27 -19.31
N ASN A 31 2.15 3.69 -20.12
CA ASN A 31 0.99 4.43 -19.65
C ASN A 31 -0.18 3.46 -19.44
N LEU A 32 -0.73 3.47 -18.24
CA LEU A 32 -1.92 2.68 -17.92
C LEU A 32 -3.20 3.46 -18.13
N LEU A 33 -3.13 4.68 -18.63
CA LEU A 33 -4.29 5.51 -18.93
C LEU A 33 -4.43 5.61 -20.43
N GLU A 34 -5.65 5.41 -20.92
CA GLU A 34 -5.93 5.37 -22.35
C GLU A 34 -6.87 6.51 -22.73
N ASP A 35 -6.70 7.02 -23.95
CA ASP A 35 -7.51 8.13 -24.42
C ASP A 35 -7.98 7.96 -25.87
N SER A 36 -7.69 6.85 -26.53
CA SER A 36 -8.18 6.63 -27.87
C SER A 36 -9.70 6.70 -27.88
N HIS A 37 -10.25 7.42 -28.85
CA HIS A 37 -11.67 7.71 -28.87
C HIS A 37 -12.09 8.07 -30.28
N ASN A 38 -13.39 8.20 -30.48
CA ASN A 38 -14.05 8.62 -31.70
C ASN A 38 -14.11 7.51 -32.73
N GLY A 39 -13.50 6.35 -32.49
CA GLY A 39 -13.69 5.22 -33.37
C GLY A 39 -15.16 4.89 -33.46
N LYS A 40 -15.70 4.82 -34.67
CA LYS A 40 -17.14 4.61 -34.83
C LYS A 40 -17.56 3.31 -34.17
N LEU A 41 -18.66 3.36 -33.42
CA LEU A 41 -19.19 2.16 -32.79
C LEU A 41 -19.45 1.10 -33.85
N CYS A 42 -19.01 -0.13 -33.57
CA CYS A 42 -19.12 -1.21 -34.54
C CYS A 42 -19.66 -2.48 -33.88
N LEU A 43 -19.65 -3.58 -34.60
CA LEU A 43 -20.17 -4.84 -34.09
C LEU A 43 -19.30 -5.31 -32.93
N LEU A 44 -19.84 -5.26 -31.70
CA LEU A 44 -19.09 -5.73 -30.55
C LEU A 44 -18.80 -7.22 -30.66
N LYS A 45 -19.79 -8.01 -31.10
CA LYS A 45 -19.65 -9.45 -31.26
C LYS A 45 -19.83 -9.86 -32.72
N GLY A 46 -19.46 -8.98 -33.64
CA GLY A 46 -19.62 -9.27 -35.05
C GLY A 46 -21.06 -9.35 -35.51
N ILE A 47 -21.99 -8.75 -34.76
CA ILE A 47 -23.40 -8.74 -35.10
C ILE A 47 -23.91 -7.31 -35.08
N ALA A 48 -24.97 -7.07 -35.83
CA ALA A 48 -25.53 -5.73 -35.93
C ALA A 48 -26.26 -5.38 -34.62
N PRO A 49 -25.90 -4.28 -33.96
CA PRO A 49 -26.67 -3.85 -32.79
C PRO A 49 -28.02 -3.28 -33.20
N LEU A 50 -28.97 -3.39 -32.28
CA LEU A 50 -30.34 -2.96 -32.54
C LEU A 50 -30.45 -1.45 -32.34
N GLN A 51 -30.15 -0.72 -33.41
CA GLN A 51 -30.38 0.71 -33.42
C GLN A 51 -31.88 0.99 -33.53
N LEU A 52 -32.34 2.03 -32.84
CA LEU A 52 -33.75 2.40 -32.82
C LEU A 52 -33.90 3.90 -33.04
N GLY A 53 -33.13 4.46 -33.97
CA GLY A 53 -33.18 5.89 -34.18
C GLY A 53 -34.54 6.35 -34.67
N ASN A 54 -34.89 7.58 -34.32
CA ASN A 54 -36.12 8.27 -34.70
C ASN A 54 -37.33 7.78 -33.93
N CYS A 55 -37.21 6.75 -33.09
CA CYS A 55 -38.34 6.26 -32.33
C CYS A 55 -37.85 5.74 -30.98
N SER A 56 -38.74 5.74 -30.00
CA SER A 56 -38.43 5.29 -28.66
C SER A 56 -38.61 3.78 -28.55
N VAL A 57 -38.03 3.21 -27.49
CA VAL A 57 -38.16 1.78 -27.24
C VAL A 57 -39.63 1.41 -27.09
N ALA A 58 -40.40 2.29 -26.43
CA ALA A 58 -41.84 2.04 -26.27
C ALA A 58 -42.50 1.77 -27.61
N GLY A 59 -42.45 2.75 -28.52
CA GLY A 59 -43.08 2.57 -29.81
C GLY A 59 -42.50 1.41 -30.59
N TRP A 60 -41.18 1.22 -30.49
CA TRP A 60 -40.55 0.08 -31.15
C TRP A 60 -41.21 -1.23 -30.73
N ILE A 61 -41.41 -1.42 -29.43
CA ILE A 61 -42.04 -2.65 -28.98
C ILE A 61 -43.52 -2.64 -29.31
N LEU A 62 -44.13 -1.47 -29.43
CA LEU A 62 -45.57 -1.34 -29.58
C LEU A 62 -45.97 -0.89 -30.99
N GLY A 63 -45.20 -1.29 -31.99
CA GLY A 63 -45.63 -1.13 -33.36
C GLY A 63 -45.95 0.29 -33.77
N ASN A 64 -45.08 1.23 -33.44
CA ASN A 64 -45.28 2.60 -33.89
C ASN A 64 -45.13 2.67 -35.41
N PRO A 65 -46.02 3.37 -36.12
CA PRO A 65 -45.92 3.36 -37.59
C PRO A 65 -44.65 3.99 -38.12
N GLU A 66 -44.07 4.96 -37.40
CA GLU A 66 -43.05 5.81 -38.00
C GLU A 66 -41.80 5.02 -38.40
N CYS A 67 -41.36 4.09 -37.57
CA CYS A 67 -40.11 3.40 -37.78
C CYS A 67 -40.23 2.15 -38.66
N GLU A 68 -41.42 1.85 -39.16
CA GLU A 68 -41.66 0.71 -40.04
C GLU A 68 -41.46 -0.63 -39.36
N LEU A 69 -41.31 -0.65 -38.03
CA LEU A 69 -41.31 -1.83 -37.19
C LEU A 69 -40.00 -2.61 -37.23
N LEU A 70 -39.00 -2.20 -38.02
CA LEU A 70 -37.72 -2.89 -38.09
C LEU A 70 -37.93 -4.40 -38.08
N ILE A 71 -38.60 -4.87 -39.13
CA ILE A 71 -39.18 -6.21 -39.11
C ILE A 71 -38.14 -7.27 -38.82
N SER A 72 -36.94 -7.12 -39.40
CA SER A 72 -35.93 -8.18 -39.38
C SER A 72 -34.69 -7.72 -38.64
N LYS A 73 -34.49 -8.25 -37.43
CA LYS A 73 -33.18 -8.20 -36.77
C LYS A 73 -33.12 -9.40 -35.83
N GLU A 74 -32.48 -10.48 -36.29
CA GLU A 74 -32.48 -11.73 -35.54
C GLU A 74 -31.57 -11.69 -34.33
N SER A 75 -30.46 -10.96 -34.39
CA SER A 75 -29.52 -10.89 -33.28
C SER A 75 -29.03 -9.47 -33.11
N TRP A 76 -28.90 -9.05 -31.85
CA TRP A 76 -28.48 -7.70 -31.54
C TRP A 76 -27.87 -7.73 -30.13
N SER A 77 -26.54 -7.58 -30.08
CA SER A 77 -25.85 -7.64 -28.79
C SER A 77 -26.37 -6.56 -27.85
N TYR A 78 -26.55 -5.35 -28.34
CA TYR A 78 -26.98 -4.23 -27.51
C TYR A 78 -27.91 -3.34 -28.32
N ILE A 79 -28.66 -2.50 -27.60
CA ILE A 79 -29.60 -1.57 -28.19
C ILE A 79 -29.07 -0.16 -28.01
N VAL A 80 -29.03 0.60 -29.09
CA VAL A 80 -28.63 2.01 -29.07
C VAL A 80 -29.84 2.84 -29.43
N GLU A 81 -30.22 3.75 -28.55
CA GLU A 81 -31.38 4.61 -28.72
C GLU A 81 -30.94 6.05 -28.88
N THR A 82 -31.66 6.79 -29.71
CA THR A 82 -31.36 8.21 -29.86
C THR A 82 -31.60 8.91 -28.53
N PRO A 83 -30.66 9.73 -28.04
CA PRO A 83 -30.88 10.40 -26.75
C PRO A 83 -32.16 11.21 -26.70
N ASN A 84 -32.58 11.77 -27.83
CA ASN A 84 -33.83 12.52 -27.91
C ASN A 84 -34.87 11.69 -28.66
N PRO A 85 -35.90 11.17 -28.00
CA PRO A 85 -36.89 10.34 -28.70
C PRO A 85 -37.71 11.16 -29.67
N GLU A 86 -38.22 10.46 -30.70
CA GLU A 86 -39.10 11.05 -31.70
C GLU A 86 -40.32 10.17 -31.86
N ASN A 87 -41.51 10.74 -31.65
CA ASN A 87 -42.76 10.00 -31.75
C ASN A 87 -42.68 8.69 -30.96
N GLY A 88 -42.18 8.80 -29.73
CA GLY A 88 -41.92 7.62 -28.92
C GLY A 88 -43.17 6.88 -28.48
N THR A 89 -44.31 7.57 -28.42
CA THR A 89 -45.56 6.93 -28.01
C THR A 89 -46.69 7.64 -28.75
N CYS A 90 -47.13 7.03 -29.86
CA CYS A 90 -48.10 7.68 -30.74
C CYS A 90 -49.31 8.16 -29.95
N TYR A 91 -50.03 7.25 -29.35
CA TYR A 91 -51.23 7.62 -28.59
C TYR A 91 -50.82 8.19 -27.24
N PRO A 92 -51.46 9.26 -26.77
CA PRO A 92 -51.19 9.74 -25.40
C PRO A 92 -51.63 8.70 -24.38
N GLY A 93 -50.67 8.22 -23.59
CA GLY A 93 -50.97 7.13 -22.69
C GLY A 93 -50.08 7.12 -21.48
N TYR A 94 -50.18 6.04 -20.72
CA TYR A 94 -49.45 5.89 -19.47
C TYR A 94 -49.20 4.40 -19.26
N PHE A 95 -47.95 3.98 -19.42
CA PHE A 95 -47.62 2.58 -19.30
C PHE A 95 -47.76 2.11 -17.86
N ALA A 96 -47.46 0.83 -17.62
CA ALA A 96 -47.49 0.27 -16.27
C ALA A 96 -46.13 0.43 -15.60
N ASP A 97 -45.09 -0.15 -16.19
CA ASP A 97 -43.72 0.05 -15.72
C ASP A 97 -42.80 -0.20 -16.89
N TYR A 98 -41.87 0.73 -17.14
CA TYR A 98 -40.91 0.60 -18.22
C TYR A 98 -39.50 0.49 -17.66
N GLU A 99 -39.36 -0.23 -16.57
CA GLU A 99 -38.06 -0.65 -16.05
C GLU A 99 -37.95 -2.16 -15.91
N GLU A 100 -39.02 -2.82 -15.47
CA GLU A 100 -39.03 -4.27 -15.48
C GLU A 100 -39.07 -4.84 -16.89
N LEU A 101 -39.41 -4.02 -17.89
CA LEU A 101 -39.30 -4.40 -19.28
C LEU A 101 -38.02 -3.87 -19.91
N ARG A 102 -37.73 -2.58 -19.74
CA ARG A 102 -36.52 -2.01 -20.31
C ARG A 102 -35.28 -2.70 -19.79
N GLU A 103 -35.35 -3.34 -18.63
CA GLU A 103 -34.18 -4.00 -18.06
C GLU A 103 -34.07 -5.46 -18.47
N GLN A 104 -35.19 -6.14 -18.74
CA GLN A 104 -35.11 -7.53 -19.14
C GLN A 104 -34.57 -7.67 -20.56
N LEU A 105 -34.83 -6.70 -21.43
CA LEU A 105 -34.36 -6.76 -22.80
C LEU A 105 -32.91 -6.35 -22.95
N SER A 106 -32.18 -6.18 -21.85
CA SER A 106 -30.77 -5.85 -21.91
C SER A 106 -29.88 -7.08 -22.00
N SER A 107 -30.43 -8.28 -21.85
CA SER A 107 -29.66 -9.51 -21.90
C SER A 107 -30.02 -10.39 -23.09
N VAL A 108 -31.30 -10.52 -23.43
CA VAL A 108 -31.68 -11.36 -24.55
C VAL A 108 -30.96 -10.88 -25.82
N SER A 109 -30.69 -11.84 -26.72
CA SER A 109 -29.94 -11.52 -27.94
C SER A 109 -30.61 -12.05 -29.20
N SER A 110 -31.88 -12.42 -29.14
CA SER A 110 -32.61 -12.86 -30.32
C SER A 110 -34.09 -12.87 -29.99
N PHE A 111 -34.91 -13.03 -31.03
CA PHE A 111 -36.35 -13.00 -30.87
C PHE A 111 -36.99 -13.85 -31.96
N GLU A 112 -38.23 -14.25 -31.71
CA GLU A 112 -39.04 -14.98 -32.69
C GLU A 112 -40.41 -14.31 -32.72
N ARG A 113 -40.55 -13.29 -33.56
CA ARG A 113 -41.84 -12.63 -33.69
C ARG A 113 -42.89 -13.66 -34.07
N PHE A 114 -43.90 -13.80 -33.22
CA PHE A 114 -44.87 -14.87 -33.33
C PHE A 114 -46.26 -14.27 -33.18
N GLU A 115 -47.11 -14.47 -34.19
CA GLU A 115 -48.44 -13.88 -34.18
C GLU A 115 -49.25 -14.62 -33.11
N ILE A 116 -49.13 -14.11 -31.88
CA ILE A 116 -49.69 -14.78 -30.71
C ILE A 116 -51.18 -15.03 -30.92
N PHE A 117 -51.87 -14.10 -31.57
CA PHE A 117 -53.31 -14.22 -31.74
C PHE A 117 -53.69 -14.17 -33.22
N PRO A 118 -54.65 -15.00 -33.65
CA PRO A 118 -55.06 -14.97 -35.05
C PRO A 118 -56.13 -13.93 -35.31
N LYS A 119 -55.80 -12.91 -36.12
CA LYS A 119 -56.69 -11.79 -36.34
C LYS A 119 -57.76 -12.08 -37.38
N GLU A 120 -57.97 -13.34 -37.77
CA GLU A 120 -59.02 -13.69 -38.71
C GLU A 120 -59.74 -14.98 -38.36
N SER A 121 -59.50 -15.57 -37.19
CA SER A 121 -60.04 -16.90 -36.90
C SER A 121 -61.34 -16.83 -36.08
N SER A 122 -61.29 -16.29 -34.87
CA SER A 122 -62.38 -16.49 -33.92
C SER A 122 -62.76 -15.19 -33.22
N TRP A 123 -62.89 -14.12 -33.98
CA TRP A 123 -63.59 -12.96 -33.44
C TRP A 123 -64.10 -12.04 -34.54
N PRO A 124 -64.93 -12.53 -35.45
CA PRO A 124 -65.62 -11.62 -36.36
C PRO A 124 -66.67 -10.78 -35.66
N ASN A 125 -67.13 -11.19 -34.48
CA ASN A 125 -68.10 -10.40 -33.73
C ASN A 125 -67.54 -9.04 -33.35
N HIS A 126 -66.21 -8.90 -33.29
CA HIS A 126 -65.60 -7.65 -32.91
C HIS A 126 -65.74 -6.62 -34.03
N THR A 127 -65.14 -5.46 -33.81
CA THR A 127 -65.01 -4.41 -34.82
C THR A 127 -63.53 -4.03 -34.83
N VAL A 128 -62.74 -4.78 -35.60
CA VAL A 128 -61.29 -4.61 -35.55
C VAL A 128 -60.85 -3.26 -36.09
N THR A 129 -61.70 -2.59 -36.87
CA THR A 129 -61.34 -1.30 -37.40
C THR A 129 -61.27 -0.26 -36.29
N GLY A 130 -60.59 0.85 -36.59
CA GLY A 130 -60.41 1.92 -35.63
C GLY A 130 -59.21 2.75 -35.99
N VAL A 131 -59.19 4.02 -35.58
CA VAL A 131 -58.12 4.92 -35.96
C VAL A 131 -58.16 6.15 -35.06
N SER A 132 -57.01 6.78 -34.89
CA SER A 132 -56.90 8.07 -34.20
C SER A 132 -56.21 9.05 -35.13
N ALA A 133 -56.85 10.20 -35.35
CA ALA A 133 -56.28 11.18 -36.26
C ALA A 133 -54.90 11.62 -35.81
N SER A 134 -54.74 11.85 -34.50
CA SER A 134 -53.43 12.24 -33.98
C SER A 134 -52.40 11.15 -34.12
N CYS A 135 -52.82 9.91 -34.43
CA CYS A 135 -51.89 8.81 -34.67
C CYS A 135 -51.86 8.43 -36.15
N SER A 136 -52.19 9.38 -37.03
CA SER A 136 -52.14 9.12 -38.46
C SER A 136 -50.71 8.85 -38.90
N HIS A 137 -50.55 7.95 -39.86
CA HIS A 137 -49.25 7.54 -40.36
C HIS A 137 -49.05 8.06 -41.78
N ASN A 138 -47.82 8.52 -42.07
CA ASN A 138 -47.44 8.98 -43.39
C ASN A 138 -48.49 9.92 -43.98
N GLY A 139 -49.09 10.74 -43.11
CA GLY A 139 -50.12 11.65 -43.54
C GLY A 139 -51.49 11.05 -43.70
N LYS A 140 -51.66 9.78 -43.34
CA LYS A 140 -52.95 9.11 -43.42
C LYS A 140 -53.27 8.44 -42.09
N SER A 141 -54.55 8.31 -41.80
CA SER A 141 -54.98 7.86 -40.48
C SER A 141 -54.65 6.39 -40.28
N SER A 142 -54.11 6.07 -39.10
CA SER A 142 -53.81 4.70 -38.72
C SER A 142 -53.66 4.65 -37.21
N PHE A 143 -53.63 3.44 -36.66
CA PHE A 143 -53.66 3.24 -35.22
C PHE A 143 -52.36 2.68 -34.67
N TYR A 144 -51.93 1.51 -35.13
CA TYR A 144 -50.77 0.83 -34.56
C TYR A 144 -50.45 -0.39 -35.41
N ARG A 145 -49.42 -1.12 -35.00
CA ARG A 145 -48.98 -2.29 -35.75
C ARG A 145 -48.83 -3.53 -34.86
N ASN A 146 -48.50 -3.35 -33.60
CA ASN A 146 -48.30 -4.47 -32.68
C ASN A 146 -49.56 -4.85 -31.92
N LEU A 147 -50.66 -4.14 -32.12
CA LEU A 147 -51.90 -4.44 -31.42
C LEU A 147 -53.00 -3.60 -32.06
N LEU A 148 -54.24 -4.01 -31.82
CA LEU A 148 -55.39 -3.48 -32.55
C LEU A 148 -56.50 -3.05 -31.62
N TRP A 149 -57.16 -1.96 -31.99
CA TRP A 149 -58.36 -1.47 -31.31
C TRP A 149 -59.43 -2.55 -31.32
N LEU A 150 -60.47 -2.34 -30.53
CA LEU A 150 -61.62 -3.24 -30.54
C LEU A 150 -62.91 -2.50 -30.25
N TYR A 157 -71.38 -6.23 -28.44
CA TYR A 157 -70.10 -6.48 -27.79
C TYR A 157 -70.24 -7.54 -26.70
N PRO A 158 -70.07 -8.81 -27.06
CA PRO A 158 -70.22 -9.89 -26.08
C PRO A 158 -69.07 -9.87 -25.08
N ASN A 159 -69.25 -10.68 -24.03
CA ASN A 159 -68.24 -10.82 -22.99
C ASN A 159 -67.08 -11.65 -23.50
N LEU A 160 -66.22 -11.06 -24.33
CA LEU A 160 -65.20 -11.83 -25.01
C LEU A 160 -64.21 -12.44 -24.01
N SER A 161 -63.62 -13.55 -24.43
CA SER A 161 -62.60 -14.23 -23.64
C SER A 161 -61.62 -14.93 -24.57
N LYS A 162 -60.44 -15.22 -24.04
CA LYS A 162 -59.44 -15.93 -24.82
C LYS A 162 -58.27 -16.28 -23.89
N SER A 163 -57.46 -17.22 -24.33
CA SER A 163 -56.31 -17.65 -23.55
C SER A 163 -55.27 -18.30 -24.45
N TYR A 164 -54.01 -18.01 -24.17
CA TYR A 164 -52.90 -18.71 -24.78
C TYR A 164 -52.59 -19.95 -23.97
N VAL A 165 -51.82 -20.87 -24.57
CA VAL A 165 -51.49 -22.14 -23.92
C VAL A 165 -49.99 -22.35 -23.78
N ASN A 166 -49.16 -21.55 -24.43
CA ASN A 166 -47.71 -21.72 -24.37
C ASN A 166 -47.32 -23.11 -24.86
N ASN A 167 -47.64 -23.37 -26.12
CA ASN A 167 -47.23 -24.64 -26.72
C ASN A 167 -45.73 -24.65 -27.00
N LYS A 168 -45.19 -23.55 -27.50
CA LYS A 168 -43.75 -23.44 -27.68
C LYS A 168 -43.05 -23.42 -26.33
N GLU A 169 -41.96 -24.16 -26.23
CA GLU A 169 -41.24 -24.30 -24.96
C GLU A 169 -40.23 -23.16 -24.79
N LYS A 170 -40.77 -21.94 -24.75
CA LYS A 170 -39.96 -20.75 -24.52
C LYS A 170 -40.85 -19.69 -23.88
N GLU A 171 -40.21 -18.72 -23.25
CA GLU A 171 -40.94 -17.63 -22.62
C GLU A 171 -41.63 -16.78 -23.68
N VAL A 172 -42.90 -16.46 -23.43
CA VAL A 172 -43.72 -15.68 -24.37
C VAL A 172 -44.17 -14.43 -23.64
N LEU A 173 -43.93 -13.27 -24.25
CA LEU A 173 -44.25 -11.98 -23.67
C LEU A 173 -45.56 -11.47 -24.26
N VAL A 174 -46.37 -10.83 -23.43
CA VAL A 174 -47.67 -10.30 -23.86
C VAL A 174 -47.80 -8.89 -23.31
N LEU A 175 -48.03 -7.93 -24.20
CA LEU A 175 -48.26 -6.54 -23.84
C LEU A 175 -49.65 -6.14 -24.28
N TRP A 176 -50.26 -5.23 -23.52
CA TRP A 176 -51.59 -4.74 -23.86
C TRP A 176 -51.91 -3.54 -22.99
N GLY A 177 -53.11 -3.01 -23.17
CA GLY A 177 -53.59 -1.90 -22.37
C GLY A 177 -55.10 -1.86 -22.38
N VAL A 178 -55.64 -0.80 -21.78
CA VAL A 178 -57.08 -0.58 -21.77
C VAL A 178 -57.35 0.86 -22.17
N HIS A 179 -58.55 1.09 -22.70
CA HIS A 179 -58.94 2.37 -23.25
C HIS A 179 -59.53 3.24 -22.14
N HIS A 180 -58.92 4.41 -21.91
CA HIS A 180 -59.38 5.36 -20.91
C HIS A 180 -60.03 6.55 -21.61
N PRO A 181 -61.32 6.45 -21.96
CA PRO A 181 -61.99 7.54 -22.69
C PRO A 181 -62.14 8.81 -21.87
N ALA A 196 -66.46 -1.43 -17.00
CA ALA A 196 -65.76 -2.59 -17.53
C ALA A 196 -64.94 -3.27 -16.43
N TYR A 197 -64.54 -4.52 -16.68
CA TYR A 197 -63.86 -5.34 -15.68
C TYR A 197 -62.65 -6.03 -16.27
N VAL A 198 -61.82 -5.28 -17.01
CA VAL A 198 -60.60 -5.87 -17.55
C VAL A 198 -59.87 -6.61 -16.45
N SER A 199 -59.55 -7.87 -16.71
CA SER A 199 -58.90 -8.70 -15.69
C SER A 199 -58.00 -9.71 -16.39
N VAL A 200 -56.71 -9.38 -16.51
CA VAL A 200 -55.74 -10.42 -16.83
C VAL A 200 -55.72 -11.41 -15.70
N VAL A 201 -55.54 -12.68 -16.03
CA VAL A 201 -55.55 -13.75 -15.04
C VAL A 201 -54.46 -14.75 -15.40
N SER A 202 -53.36 -14.72 -14.65
CA SER A 202 -52.32 -15.71 -14.82
C SER A 202 -52.52 -16.84 -13.82
N SER A 203 -51.83 -17.95 -14.06
CA SER A 203 -51.89 -19.07 -13.13
C SER A 203 -51.36 -18.66 -11.75
N HIS A 204 -50.40 -17.74 -11.71
CA HIS A 204 -49.85 -17.26 -10.45
C HIS A 204 -49.65 -15.75 -10.50
N TYR A 205 -50.65 -15.03 -11.01
CA TYR A 205 -50.63 -13.57 -11.01
C TYR A 205 -51.99 -13.06 -11.45
N SER A 206 -52.45 -11.99 -10.81
CA SER A 206 -53.79 -11.47 -11.07
C SER A 206 -53.82 -9.97 -10.84
N ARG A 207 -54.74 -9.31 -11.55
CA ARG A 207 -55.04 -7.91 -11.35
C ARG A 207 -56.45 -7.67 -11.85
N ARG A 208 -56.99 -6.50 -11.51
CA ARG A 208 -58.36 -6.17 -11.92
C ARG A 208 -58.47 -4.66 -12.04
N PHE A 209 -58.39 -4.15 -13.27
CA PHE A 209 -58.51 -2.72 -13.52
C PHE A 209 -59.95 -2.40 -13.93
N THR A 210 -60.29 -1.12 -13.86
CA THR A 210 -61.61 -0.64 -14.21
C THR A 210 -61.48 0.62 -15.06
N PRO A 211 -62.48 0.94 -15.87
CA PRO A 211 -62.46 2.18 -16.64
C PRO A 211 -62.79 3.38 -15.78
N GLU A 212 -62.41 4.56 -16.27
CA GLU A 212 -62.61 5.79 -15.52
C GLU A 212 -62.69 6.95 -16.51
N ILE A 213 -63.90 7.47 -16.71
CA ILE A 213 -64.10 8.65 -17.54
C ILE A 213 -64.07 9.88 -16.64
N ALA A 214 -63.14 10.79 -16.91
CA ALA A 214 -63.02 12.01 -16.12
C ALA A 214 -62.33 13.07 -16.97
N LYS A 215 -62.62 14.32 -16.66
CA LYS A 215 -62.04 15.43 -17.40
C LYS A 215 -60.52 15.38 -17.32
N ARG A 216 -59.86 15.56 -18.46
CA ARG A 216 -58.41 15.58 -18.55
C ARG A 216 -57.99 16.69 -19.51
N PRO A 217 -56.76 17.19 -19.38
CA PRO A 217 -56.28 18.20 -20.31
C PRO A 217 -55.97 17.61 -21.67
N LYS A 218 -55.87 18.48 -22.67
CA LYS A 218 -55.53 18.06 -24.02
C LYS A 218 -54.00 18.01 -24.17
N VAL A 219 -53.51 16.86 -24.61
CA VAL A 219 -52.09 16.67 -24.89
C VAL A 219 -51.96 15.91 -26.19
N ARG A 220 -51.01 16.34 -27.04
CA ARG A 220 -50.83 15.75 -28.36
C ARG A 220 -52.14 15.75 -29.14
N ASP A 221 -52.99 16.74 -28.86
CA ASP A 221 -54.28 16.86 -29.51
C ASP A 221 -55.15 15.63 -29.27
N GLN A 222 -55.37 15.32 -27.99
CA GLN A 222 -56.29 14.25 -27.63
C GLN A 222 -56.84 14.52 -26.23
N GLU A 223 -58.02 13.97 -25.97
CA GLU A 223 -58.80 14.27 -24.77
C GLU A 223 -58.95 13.03 -23.89
N GLY A 224 -57.87 12.28 -23.73
CA GLY A 224 -57.91 11.10 -22.89
C GLY A 224 -56.58 10.40 -22.93
N ARG A 225 -56.59 9.12 -22.59
CA ARG A 225 -55.38 8.32 -22.66
C ARG A 225 -55.77 6.85 -22.69
N ILE A 226 -54.78 6.00 -22.91
CA ILE A 226 -54.93 4.54 -22.81
C ILE A 226 -53.63 4.00 -22.23
N ASN A 227 -53.73 3.21 -21.16
CA ASN A 227 -52.57 2.77 -20.41
C ASN A 227 -52.25 1.33 -20.75
N TYR A 228 -50.95 1.05 -20.86
CA TYR A 228 -50.45 -0.25 -21.29
C TYR A 228 -49.86 -1.00 -20.10
N TYR A 229 -50.11 -2.30 -20.06
CA TYR A 229 -49.55 -3.21 -19.08
C TYR A 229 -48.87 -4.36 -19.82
N TRP A 230 -48.14 -5.19 -19.08
CA TRP A 230 -47.41 -6.29 -19.71
C TRP A 230 -47.00 -7.30 -18.67
N THR A 231 -47.22 -8.57 -18.96
CA THR A 231 -46.90 -9.67 -18.05
C THR A 231 -46.04 -10.69 -18.75
N LEU A 232 -45.26 -11.42 -17.97
CA LEU A 232 -44.39 -12.47 -18.48
C LEU A 232 -44.88 -13.83 -17.98
N LEU A 233 -44.92 -14.80 -18.88
CA LEU A 233 -45.31 -16.16 -18.52
C LEU A 233 -44.32 -17.15 -19.10
N GLU A 234 -44.13 -18.24 -18.39
CA GLU A 234 -43.16 -19.28 -18.70
C GLU A 234 -43.86 -20.53 -19.22
N PRO A 235 -43.10 -21.51 -19.71
CA PRO A 235 -43.73 -22.75 -20.19
C PRO A 235 -44.55 -23.41 -19.09
N GLY A 236 -45.66 -24.01 -19.50
CA GLY A 236 -46.62 -24.54 -18.56
C GLY A 236 -47.62 -23.53 -18.04
N ASP A 237 -47.62 -22.31 -18.56
CA ASP A 237 -48.52 -21.25 -18.15
C ASP A 237 -49.48 -20.92 -19.28
N THR A 238 -50.73 -20.61 -18.93
CA THR A 238 -51.75 -20.26 -19.91
C THR A 238 -52.62 -19.14 -19.32
N ILE A 239 -52.26 -17.90 -19.63
CA ILE A 239 -53.03 -16.78 -19.14
C ILE A 239 -54.38 -16.74 -19.85
N ILE A 240 -55.35 -16.10 -19.21
CA ILE A 240 -56.70 -15.98 -19.76
C ILE A 240 -57.17 -14.54 -19.57
N PHE A 241 -57.72 -13.95 -20.61
CA PHE A 241 -58.10 -12.55 -20.61
C PHE A 241 -59.59 -12.42 -20.35
N GLU A 242 -60.03 -11.17 -20.19
CA GLU A 242 -61.46 -10.85 -20.10
C GLU A 242 -61.66 -9.35 -20.04
N ALA A 243 -62.81 -8.87 -20.50
CA ALA A 243 -63.15 -7.45 -20.44
C ALA A 243 -64.55 -7.28 -20.97
N ASN A 244 -65.17 -6.15 -20.61
CA ASN A 244 -66.52 -5.84 -21.03
C ASN A 244 -66.60 -4.60 -21.89
N GLY A 245 -66.01 -3.49 -21.45
CA GLY A 245 -66.19 -2.22 -22.11
C GLY A 245 -65.03 -1.79 -22.98
N ASN A 246 -63.82 -2.27 -22.67
CA ASN A 246 -62.65 -1.91 -23.44
C ASN A 246 -61.60 -3.00 -23.33
N LEU A 247 -60.78 -3.10 -24.37
CA LEU A 247 -59.67 -4.05 -24.39
C LEU A 247 -58.75 -3.74 -25.55
N ILE A 248 -57.46 -3.64 -25.30
CA ILE A 248 -56.49 -3.46 -26.37
C ILE A 248 -55.77 -4.78 -26.58
N ALA A 249 -56.31 -5.63 -27.47
CA ALA A 249 -55.82 -6.98 -27.58
C ALA A 249 -54.43 -7.00 -28.22
N PRO A 250 -53.57 -7.94 -27.82
CA PRO A 250 -52.28 -8.07 -28.46
C PRO A 250 -52.37 -8.84 -29.77
N TRP A 251 -51.37 -8.61 -30.62
CA TRP A 251 -51.34 -9.21 -31.95
C TRP A 251 -49.98 -9.76 -32.34
N TYR A 252 -48.96 -9.59 -31.50
CA TYR A 252 -47.66 -10.20 -31.77
C TYR A 252 -46.81 -10.26 -30.50
N ALA A 253 -46.53 -11.48 -30.05
CA ALA A 253 -45.73 -11.69 -28.83
C ALA A 253 -44.26 -11.71 -29.20
N PHE A 254 -43.51 -10.74 -28.69
CA PHE A 254 -42.08 -10.64 -28.98
C PHE A 254 -41.35 -11.73 -28.19
N ALA A 255 -41.53 -12.96 -28.62
CA ALA A 255 -40.97 -14.10 -27.92
C ALA A 255 -39.47 -13.96 -27.79
N LEU A 256 -38.96 -14.19 -26.58
CA LEU A 256 -37.56 -13.98 -26.28
C LEU A 256 -36.72 -15.17 -26.76
N SER A 257 -35.42 -15.10 -26.50
CA SER A 257 -34.47 -16.13 -26.88
C SER A 257 -33.46 -16.35 -25.77
N ARG A 258 -33.94 -16.36 -24.52
CA ARG A 258 -33.07 -16.57 -23.37
C ARG A 258 -33.80 -17.34 -22.28
N GLY A 263 -28.26 -4.29 -22.93
CA GLY A 263 -27.85 -2.97 -22.49
C GLY A 263 -28.46 -1.86 -23.33
N ILE A 264 -28.50 -0.66 -22.78
CA ILE A 264 -29.05 0.51 -23.44
C ILE A 264 -28.00 1.62 -23.44
N ILE A 265 -27.80 2.25 -24.60
CA ILE A 265 -26.85 3.33 -24.75
C ILE A 265 -27.52 4.43 -25.57
N THR A 266 -27.39 5.68 -25.10
CA THR A 266 -27.90 6.84 -25.83
C THR A 266 -26.75 7.49 -26.56
N SER A 267 -26.86 7.58 -27.88
CA SER A 267 -25.78 8.13 -28.70
C SER A 267 -26.32 8.58 -30.04
N ASN A 268 -25.53 9.39 -30.73
CA ASN A 268 -25.88 9.90 -32.05
C ASN A 268 -24.81 9.60 -33.10
N ALA A 269 -23.78 8.85 -32.75
CA ALA A 269 -22.70 8.59 -33.69
C ALA A 269 -23.22 7.79 -34.88
N PRO A 270 -22.63 7.97 -36.07
CA PRO A 270 -23.10 7.22 -37.25
C PRO A 270 -22.73 5.75 -37.17
N MET A 271 -23.09 4.99 -38.20
CA MET A 271 -22.77 3.57 -38.27
C MET A 271 -21.55 3.33 -39.15
N GLN A 279 -18.67 -1.28 -26.66
CA GLN A 279 -18.76 0.08 -27.19
C GLN A 279 -19.11 1.06 -26.08
N THR A 280 -19.12 2.34 -26.42
CA THR A 280 -19.42 3.41 -25.49
C THR A 280 -20.39 4.37 -26.15
N PRO A 281 -21.06 5.23 -25.37
CA PRO A 281 -21.99 6.18 -25.96
C PRO A 281 -21.33 7.09 -26.98
N GLN A 282 -20.01 7.28 -26.87
CA GLN A 282 -19.29 8.21 -27.73
C GLN A 282 -18.16 7.54 -28.50
N GLY A 283 -18.35 6.31 -28.94
CA GLY A 283 -17.41 5.68 -29.85
C GLY A 283 -17.03 4.29 -29.37
N ALA A 284 -15.85 3.86 -29.81
CA ALA A 284 -15.32 2.54 -29.53
C ALA A 284 -13.88 2.64 -29.08
N ILE A 285 -13.44 1.65 -28.30
CA ILE A 285 -12.10 1.61 -27.74
C ILE A 285 -11.46 0.28 -28.11
N ASN A 286 -10.20 0.34 -28.56
CA ASN A 286 -9.44 -0.85 -28.95
C ASN A 286 -8.09 -0.79 -28.23
N SER A 287 -8.06 -1.30 -27.00
CA SER A 287 -6.83 -1.33 -26.21
C SER A 287 -7.01 -2.34 -25.09
N SER A 288 -5.89 -2.69 -24.46
CA SER A 288 -5.86 -3.71 -23.41
C SER A 288 -5.63 -3.14 -22.01
N LEU A 289 -5.45 -1.83 -21.89
CA LEU A 289 -5.19 -1.25 -20.58
C LEU A 289 -6.42 -1.37 -19.69
N PRO A 290 -6.23 -1.34 -18.37
CA PRO A 290 -7.36 -1.60 -17.46
C PRO A 290 -8.19 -0.36 -17.17
N PHE A 291 -7.59 0.82 -17.28
CA PHE A 291 -8.22 2.07 -16.90
C PHE A 291 -8.56 2.90 -18.13
N GLN A 292 -9.73 3.53 -18.09
CA GLN A 292 -10.24 4.32 -19.21
C GLN A 292 -10.60 5.72 -18.73
N ASN A 293 -10.45 6.68 -19.63
CA ASN A 293 -10.88 8.05 -19.38
C ASN A 293 -12.14 8.44 -20.14
N VAL A 294 -12.59 7.61 -21.07
CA VAL A 294 -13.85 7.84 -21.77
C VAL A 294 -14.98 7.63 -20.77
N HIS A 295 -16.19 8.01 -21.15
CA HIS A 295 -17.30 7.97 -20.21
C HIS A 295 -17.43 6.56 -19.62
N PRO A 296 -17.65 6.43 -18.31
CA PRO A 296 -17.66 5.09 -17.71
C PRO A 296 -18.66 4.13 -18.33
N VAL A 297 -19.86 4.60 -18.67
CA VAL A 297 -20.93 3.70 -19.06
C VAL A 297 -20.53 2.96 -20.32
N THR A 298 -20.72 1.64 -20.32
CA THR A 298 -20.40 0.80 -21.45
C THR A 298 -21.18 -0.51 -21.33
N ILE A 299 -21.04 -1.36 -22.34
CA ILE A 299 -21.67 -2.67 -22.34
C ILE A 299 -20.63 -3.70 -22.76
N GLY A 300 -20.64 -4.84 -22.07
CA GLY A 300 -19.66 -5.88 -22.32
C GLY A 300 -18.35 -5.60 -21.59
N GLU A 301 -17.43 -6.56 -21.72
CA GLU A 301 -16.13 -6.41 -21.09
C GLU A 301 -15.43 -5.16 -21.61
N CYS A 302 -14.97 -4.32 -20.68
CA CYS A 302 -14.32 -3.06 -21.03
C CYS A 302 -13.45 -2.63 -19.86
N PRO A 303 -12.46 -1.78 -20.11
CA PRO A 303 -11.63 -1.30 -19.00
C PRO A 303 -12.44 -0.54 -17.97
N LYS A 304 -12.07 -0.70 -16.70
CA LYS A 304 -12.72 0.02 -15.63
C LYS A 304 -12.44 1.52 -15.75
N TYR A 305 -13.45 2.33 -15.48
CA TYR A 305 -13.30 3.77 -15.57
C TYR A 305 -12.70 4.34 -14.29
N VAL A 306 -12.08 5.50 -14.42
CA VAL A 306 -11.46 6.18 -13.28
C VAL A 306 -11.37 7.66 -13.62
N ARG A 307 -11.36 8.50 -12.58
CA ARG A 307 -11.26 9.94 -12.76
C ARG A 307 -9.82 10.36 -12.46
N SER A 308 -8.98 10.26 -13.49
CA SER A 308 -7.58 10.67 -13.39
C SER A 308 -7.09 11.06 -14.77
N ALA A 309 -6.00 11.82 -14.78
CA ALA A 309 -5.45 12.36 -16.02
C ALA A 309 -4.28 11.55 -16.56
N LYS A 310 -3.24 11.36 -15.76
CA LYS A 310 -2.01 10.70 -16.21
C LYS A 310 -1.65 9.60 -15.23
N LEU A 311 -1.52 8.37 -15.72
CA LEU A 311 -1.09 7.22 -14.94
C LEU A 311 -0.04 6.47 -15.74
N ARG A 312 1.23 6.82 -15.54
CA ARG A 312 2.34 6.24 -16.28
C ARG A 312 3.25 5.49 -15.31
N MET A 313 3.61 4.27 -15.69
CA MET A 313 4.55 3.46 -14.93
C MET A 313 5.94 3.55 -15.54
N VAL A 314 6.94 3.40 -14.69
CA VAL A 314 8.34 3.49 -15.09
C VAL A 314 8.88 2.08 -15.27
N THR A 315 9.30 1.76 -16.50
CA THR A 315 9.85 0.45 -16.81
C THR A 315 11.35 0.50 -17.07
N GLY A 316 11.99 1.64 -16.82
CA GLY A 316 13.40 1.79 -17.07
C GLY A 316 14.10 2.63 -16.04
N LEU A 317 14.97 3.53 -16.49
CA LEU A 317 15.75 4.39 -15.62
C LEU A 317 15.56 5.85 -16.03
N ARG A 318 15.97 6.75 -15.14
CA ARG A 318 15.88 8.18 -15.41
C ARG A 318 16.66 8.53 -16.66
N ASN A 319 16.44 9.75 -17.16
CA ASN A 319 17.11 10.22 -18.37
C ASN A 319 17.54 11.66 -18.16
N ILE A 320 18.81 11.86 -17.84
CA ILE A 320 19.39 13.20 -17.75
C ILE A 320 20.83 13.12 -18.25
N PRO A 321 21.26 14.00 -19.14
CA PRO A 321 22.61 13.87 -19.69
C PRO A 321 23.68 14.17 -18.65
N SER A 322 24.86 13.60 -18.86
CA SER A 322 26.01 13.83 -17.99
C SER A 322 25.79 13.20 -16.63
N PHE B 9 27.38 9.75 -6.85
CA PHE B 9 28.22 8.61 -7.31
C PHE B 9 27.92 8.30 -8.78
N ILE B 10 26.64 8.16 -9.10
CA ILE B 10 26.17 7.99 -10.47
C ILE B 10 25.00 8.95 -10.66
N GLU B 11 25.10 9.83 -11.66
CA GLU B 11 24.14 10.91 -11.84
C GLU B 11 23.31 10.75 -13.11
N GLY B 12 23.95 10.64 -14.26
CA GLY B 12 23.23 10.57 -15.52
C GLY B 12 23.87 9.56 -16.45
N GLY B 13 23.04 9.00 -17.33
CA GLY B 13 23.52 8.00 -18.26
C GLY B 13 24.16 8.62 -19.49
N TRP B 14 25.10 7.88 -20.06
CA TRP B 14 25.80 8.33 -21.26
C TRP B 14 24.89 8.17 -22.48
N THR B 15 25.10 9.04 -23.47
CA THR B 15 24.39 8.89 -24.73
C THR B 15 24.88 7.69 -25.53
N GLY B 16 26.05 7.17 -25.20
CA GLY B 16 26.55 5.98 -25.85
C GLY B 16 25.82 4.74 -25.38
N MET B 17 26.48 3.58 -25.43
CA MET B 17 25.87 2.32 -25.04
C MET B 17 24.48 2.18 -25.66
N VAL B 18 24.49 2.07 -26.99
CA VAL B 18 23.25 2.13 -27.76
C VAL B 18 22.21 1.15 -27.24
N ASP B 19 22.63 0.00 -26.72
CA ASP B 19 21.70 -1.01 -26.24
C ASP B 19 22.17 -1.54 -24.89
N GLY B 20 21.21 -1.82 -24.02
CA GLY B 20 21.48 -2.35 -22.69
C GLY B 20 20.94 -1.44 -21.60
N TRP B 21 21.20 -1.84 -20.37
CA TRP B 21 20.81 -1.07 -19.20
C TRP B 21 21.99 -0.68 -18.33
N TYR B 22 22.95 -1.58 -18.11
CA TYR B 22 24.16 -1.28 -17.36
C TYR B 22 25.35 -1.77 -18.17
N GLY B 23 26.44 -1.02 -18.10
CA GLY B 23 27.61 -1.36 -18.88
C GLY B 23 28.82 -0.59 -18.42
N TYR B 24 29.94 -0.89 -19.06
CA TYR B 24 31.23 -0.28 -18.74
C TYR B 24 31.76 0.46 -19.95
N HIS B 25 32.45 1.57 -19.69
CA HIS B 25 33.15 2.33 -20.71
C HIS B 25 34.64 2.11 -20.46
N HIS B 26 35.16 1.03 -21.03
CA HIS B 26 36.56 0.70 -20.84
C HIS B 26 37.44 1.60 -21.70
N GLN B 27 38.72 1.62 -21.37
CA GLN B 27 39.70 2.38 -22.15
C GLN B 27 41.07 1.84 -21.86
N ASN B 28 41.83 1.58 -22.92
CA ASN B 28 43.18 1.06 -22.80
C ASN B 28 44.06 1.70 -23.86
N GLU B 29 45.36 1.45 -23.76
CA GLU B 29 46.29 2.04 -24.70
C GLU B 29 45.93 1.68 -26.13
N GLN B 30 45.31 0.53 -26.34
CA GLN B 30 45.03 0.08 -27.70
C GLN B 30 43.67 0.53 -28.22
N GLY B 31 42.68 0.68 -27.35
CA GLY B 31 41.35 1.04 -27.82
C GLY B 31 40.47 1.53 -26.69
N SER B 32 39.25 1.90 -27.07
CA SER B 32 38.28 2.41 -26.11
C SER B 32 36.90 2.26 -26.71
N GLY B 33 35.89 2.32 -25.84
CA GLY B 33 34.51 2.20 -26.29
C GLY B 33 33.62 1.81 -25.13
N TYR B 34 32.45 1.29 -25.48
CA TYR B 34 31.44 0.87 -24.52
C TYR B 34 31.32 -0.64 -24.52
N ALA B 35 30.55 -1.15 -23.55
CA ALA B 35 30.28 -2.58 -23.45
C ALA B 35 29.16 -2.78 -22.45
N ALA B 36 28.24 -3.69 -22.77
CA ALA B 36 27.04 -3.92 -21.98
C ALA B 36 27.10 -5.28 -21.29
N ASP B 37 26.56 -5.35 -20.09
CA ASP B 37 26.49 -6.58 -19.33
C ASP B 37 25.17 -7.31 -19.63
N GLN B 38 25.11 -8.58 -19.23
CA GLN B 38 23.98 -9.44 -19.57
C GLN B 38 23.15 -9.83 -18.36
N LYS B 39 23.75 -10.45 -17.35
CA LYS B 39 22.96 -11.05 -16.28
C LYS B 39 22.11 -10.00 -15.56
N SER B 40 22.73 -8.87 -15.20
CA SER B 40 21.97 -7.81 -14.53
C SER B 40 20.85 -7.30 -15.42
N THR B 41 21.14 -7.13 -16.71
CA THR B 41 20.11 -6.67 -17.64
C THR B 41 18.93 -7.64 -17.66
N GLN B 42 19.22 -8.94 -17.78
CA GLN B 42 18.16 -9.93 -17.83
C GLN B 42 17.34 -9.90 -16.55
N ASN B 43 18.02 -9.85 -15.40
CA ASN B 43 17.30 -9.84 -14.14
C ASN B 43 16.37 -8.63 -14.04
N ALA B 44 16.90 -7.45 -14.36
CA ALA B 44 16.10 -6.23 -14.24
C ALA B 44 14.90 -6.27 -15.17
N ILE B 45 15.12 -6.61 -16.44
CA ILE B 45 14.01 -6.60 -17.40
C ILE B 45 12.98 -7.64 -17.01
N ASN B 46 13.42 -8.82 -16.58
CA ASN B 46 12.48 -9.87 -16.19
C ASN B 46 11.64 -9.42 -15.01
N GLN B 47 12.28 -8.85 -13.99
CA GLN B 47 11.52 -8.43 -12.81
C GLN B 47 10.52 -7.32 -13.15
N ILE B 48 10.95 -6.36 -13.97
CA ILE B 48 10.05 -5.26 -14.30
C ILE B 48 8.87 -5.77 -15.13
N THR B 49 9.14 -6.68 -16.08
CA THR B 49 8.06 -7.25 -16.87
C THR B 49 7.10 -8.03 -15.99
N ASN B 50 7.62 -8.75 -15.00
CA ASN B 50 6.76 -9.47 -14.06
C ASN B 50 5.89 -8.49 -13.27
N LYS B 51 6.47 -7.37 -12.83
CA LYS B 51 5.70 -6.36 -12.13
C LYS B 51 4.56 -5.86 -13.02
N VAL B 52 4.87 -5.55 -14.27
CA VAL B 52 3.85 -5.02 -15.18
C VAL B 52 2.75 -6.06 -15.40
N ASN B 53 3.13 -7.32 -15.61
CA ASN B 53 2.14 -8.36 -15.83
C ASN B 53 1.25 -8.53 -14.60
N SER B 54 1.85 -8.49 -13.41
CA SER B 54 1.06 -8.64 -12.19
C SER B 54 0.07 -7.48 -12.04
N VAL B 55 0.52 -6.26 -12.30
CA VAL B 55 -0.37 -5.12 -12.08
C VAL B 55 -1.47 -5.10 -13.12
N ILE B 56 -1.14 -5.39 -14.39
CA ILE B 56 -2.15 -5.33 -15.45
C ILE B 56 -3.23 -6.38 -15.20
N GLU B 57 -2.82 -7.58 -14.77
CA GLU B 57 -3.78 -8.63 -14.45
C GLU B 57 -4.40 -8.33 -13.10
N LYS B 58 -5.13 -9.31 -12.55
CA LYS B 58 -5.92 -9.14 -11.33
C LYS B 58 -7.04 -8.15 -11.51
N MET B 59 -7.50 -7.93 -12.75
CA MET B 59 -8.59 -7.01 -13.05
C MET B 59 -9.51 -7.67 -14.05
N ASN B 60 -10.78 -7.86 -13.67
CA ASN B 60 -11.77 -8.50 -14.53
C ASN B 60 -13.12 -7.83 -14.30
N THR B 61 -13.94 -7.81 -15.36
CA THR B 61 -15.24 -7.17 -15.31
C THR B 61 -16.25 -8.01 -16.08
N GLN B 62 -17.44 -8.14 -15.50
CA GLN B 62 -18.55 -8.83 -16.15
C GLN B 62 -19.38 -7.81 -16.94
N PHE B 63 -20.54 -8.22 -17.43
CA PHE B 63 -21.45 -7.30 -18.10
C PHE B 63 -21.91 -6.26 -17.09
N THR B 64 -21.27 -5.09 -17.11
CA THR B 64 -21.56 -4.03 -16.15
C THR B 64 -22.54 -3.05 -16.80
N ALA B 65 -23.83 -3.36 -16.68
CA ALA B 65 -24.89 -2.47 -17.16
C ALA B 65 -25.03 -1.31 -16.17
N VAL B 66 -24.02 -0.44 -16.20
CA VAL B 66 -23.96 0.66 -15.23
C VAL B 66 -25.19 1.55 -15.37
N GLY B 67 -25.56 1.88 -16.60
CA GLY B 67 -26.71 2.72 -16.83
C GLY B 67 -27.97 2.13 -16.23
N LYS B 68 -28.69 2.93 -15.44
CA LYS B 68 -29.93 2.49 -14.81
C LYS B 68 -30.97 3.58 -14.95
N GLU B 69 -32.24 3.17 -14.92
CA GLU B 69 -33.37 4.08 -15.09
C GLU B 69 -34.25 4.02 -13.85
N PHE B 70 -34.82 5.17 -13.49
CA PHE B 70 -35.68 5.26 -12.32
C PHE B 70 -36.83 6.21 -12.60
N ASN B 71 -37.97 5.94 -11.97
CA ASN B 71 -39.20 6.66 -12.25
C ASN B 71 -39.22 7.99 -11.51
N LYS B 72 -40.23 8.81 -11.85
CA LYS B 72 -40.34 10.13 -11.25
C LYS B 72 -40.51 10.04 -9.74
N LEU B 73 -41.35 9.12 -9.27
CA LEU B 73 -41.66 9.02 -7.86
C LEU B 73 -40.56 8.34 -7.05
N GLU B 74 -39.54 7.78 -7.70
CA GLU B 74 -38.52 6.99 -7.04
C GLU B 74 -37.20 7.73 -6.88
N ARG B 75 -37.24 9.06 -6.75
CA ARG B 75 -36.00 9.82 -6.68
C ARG B 75 -35.11 9.32 -5.54
N ARG B 76 -35.70 8.76 -4.49
CA ARG B 76 -34.91 8.13 -3.45
C ARG B 76 -33.95 7.12 -4.04
N MET B 77 -34.45 6.26 -4.93
CA MET B 77 -33.60 5.27 -5.57
C MET B 77 -32.52 5.94 -6.40
N GLU B 78 -32.85 7.04 -7.08
CA GLU B 78 -31.85 7.77 -7.85
C GLU B 78 -30.71 8.21 -6.95
N ASN B 79 -31.04 8.81 -5.81
CA ASN B 79 -30.01 9.27 -4.89
C ASN B 79 -29.17 8.11 -4.38
N LEU B 80 -29.82 7.00 -4.04
CA LEU B 80 -29.07 5.84 -3.55
C LEU B 80 -28.09 5.34 -4.61
N ASN B 81 -28.57 5.23 -5.85
CA ASN B 81 -27.72 4.75 -6.93
C ASN B 81 -26.54 5.69 -7.16
N LYS B 82 -26.80 6.99 -7.17
CA LYS B 82 -25.72 7.95 -7.36
C LYS B 82 -24.70 7.83 -6.23
N LYS B 83 -25.16 7.69 -5.00
CA LYS B 83 -24.25 7.52 -3.89
C LYS B 83 -23.36 6.30 -4.12
N VAL B 84 -23.96 5.17 -4.44
CA VAL B 84 -23.18 3.95 -4.63
C VAL B 84 -22.14 4.15 -5.73
N ASP B 85 -22.58 4.69 -6.87
CA ASP B 85 -21.69 4.78 -8.02
C ASP B 85 -20.53 5.73 -7.74
N ASP B 86 -20.82 6.91 -7.20
CA ASP B 86 -19.75 7.88 -6.95
C ASP B 86 -18.79 7.35 -5.89
N GLY B 87 -19.31 6.67 -4.87
CA GLY B 87 -18.43 6.08 -3.89
C GLY B 87 -17.49 5.07 -4.50
N PHE B 88 -18.03 4.18 -5.34
CA PHE B 88 -17.18 3.21 -6.01
C PHE B 88 -16.11 3.90 -6.84
N LEU B 89 -16.51 4.92 -7.60
CA LEU B 89 -15.56 5.62 -8.44
C LEU B 89 -14.44 6.23 -7.62
N ASP B 90 -14.79 6.90 -6.52
CA ASP B 90 -13.78 7.53 -5.69
C ASP B 90 -12.84 6.50 -5.08
N ILE B 91 -13.39 5.39 -4.59
CA ILE B 91 -12.55 4.35 -3.99
C ILE B 91 -11.55 3.84 -5.01
N TRP B 92 -12.02 3.55 -6.22
CA TRP B 92 -11.12 3.01 -7.23
C TRP B 92 -10.07 4.04 -7.64
N THR B 93 -10.46 5.31 -7.75
CA THR B 93 -9.50 6.35 -8.08
C THR B 93 -8.37 6.38 -7.05
N TYR B 94 -8.73 6.46 -5.78
CA TYR B 94 -7.72 6.53 -4.73
C TYR B 94 -6.82 5.30 -4.76
N ASN B 95 -7.42 4.12 -4.86
CA ASN B 95 -6.64 2.89 -4.85
C ASN B 95 -5.64 2.87 -6.00
N ALA B 96 -6.11 3.15 -7.22
CA ALA B 96 -5.24 3.08 -8.37
C ALA B 96 -4.12 4.10 -8.28
N GLU B 97 -4.44 5.32 -7.86
CA GLU B 97 -3.41 6.35 -7.75
C GLU B 97 -2.33 5.94 -6.76
N LEU B 98 -2.74 5.46 -5.58
CA LEU B 98 -1.74 5.03 -4.61
C LEU B 98 -0.89 3.89 -5.16
N LEU B 99 -1.53 2.92 -5.81
CA LEU B 99 -0.78 1.79 -6.33
C LEU B 99 0.25 2.22 -7.36
N VAL B 100 -0.15 3.09 -8.29
CA VAL B 100 0.78 3.51 -9.34
C VAL B 100 1.96 4.26 -8.74
N LEU B 101 1.69 5.17 -7.80
CA LEU B 101 2.79 5.91 -7.18
C LEU B 101 3.74 4.95 -6.47
N LEU B 102 3.19 4.00 -5.72
CA LEU B 102 4.03 3.06 -4.99
C LEU B 102 4.90 2.25 -5.95
N GLU B 103 4.30 1.78 -7.05
CA GLU B 103 5.06 0.97 -7.99
C GLU B 103 6.19 1.78 -8.61
N ASN B 104 5.92 3.04 -8.97
CA ASN B 104 6.98 3.87 -9.53
C ASN B 104 8.14 4.01 -8.54
N GLU B 105 7.82 4.30 -7.29
CA GLU B 105 8.89 4.45 -6.30
C GLU B 105 9.69 3.16 -6.15
N ARG B 106 8.99 2.03 -6.05
CA ARG B 106 9.64 0.76 -5.81
C ARG B 106 10.38 0.21 -7.01
N THR B 107 10.13 0.75 -8.21
CA THR B 107 10.98 0.37 -9.33
C THR B 107 12.21 1.28 -9.43
N LEU B 108 12.04 2.59 -9.20
CA LEU B 108 13.21 3.47 -9.26
C LEU B 108 14.25 3.08 -8.22
N ASP B 109 13.80 2.87 -6.97
CA ASP B 109 14.75 2.51 -5.93
C ASP B 109 15.44 1.19 -6.25
N PHE B 110 14.69 0.22 -6.79
CA PHE B 110 15.29 -1.06 -7.13
C PHE B 110 16.37 -0.90 -8.19
N HIS B 111 16.10 -0.09 -9.21
CA HIS B 111 17.10 0.13 -10.25
C HIS B 111 18.38 0.72 -9.65
N ASP B 112 18.22 1.73 -8.78
CA ASP B 112 19.41 2.33 -8.16
C ASP B 112 20.17 1.31 -7.33
N SER B 113 19.44 0.49 -6.56
CA SER B 113 20.09 -0.53 -5.75
C SER B 113 20.86 -1.51 -6.62
N ASN B 114 20.27 -1.91 -7.75
CA ASN B 114 20.94 -2.88 -8.62
C ASN B 114 22.23 -2.30 -9.19
N VAL B 115 22.21 -1.03 -9.63
CA VAL B 115 23.44 -0.45 -10.17
C VAL B 115 24.50 -0.36 -9.09
N LYS B 116 24.10 0.05 -7.88
CA LYS B 116 25.06 0.08 -6.77
C LYS B 116 25.64 -1.31 -6.53
N ASN B 117 24.79 -2.33 -6.60
CA ASN B 117 25.26 -3.69 -6.39
C ASN B 117 26.30 -4.08 -7.43
N LEU B 118 26.04 -3.78 -8.69
CA LEU B 118 27.01 -4.08 -9.73
C LEU B 118 28.33 -3.37 -9.43
N TYR B 119 28.24 -2.13 -8.94
CA TYR B 119 29.46 -1.39 -8.63
C TYR B 119 30.28 -2.10 -7.56
N GLU B 120 29.64 -2.50 -6.47
CA GLU B 120 30.43 -3.14 -5.41
C GLU B 120 30.95 -4.48 -5.90
N LYS B 121 30.17 -5.16 -6.74
CA LYS B 121 30.61 -6.42 -7.31
C LYS B 121 31.91 -6.25 -8.07
N VAL B 122 31.97 -5.26 -8.95
CA VAL B 122 33.21 -5.04 -9.70
C VAL B 122 34.33 -4.62 -8.76
N LYS B 123 34.00 -3.84 -7.73
CA LYS B 123 35.02 -3.47 -6.74
C LYS B 123 35.62 -4.70 -6.08
N SER B 124 34.81 -5.74 -5.88
CA SER B 124 35.22 -6.86 -5.02
C SER B 124 36.56 -7.44 -5.46
N GLN B 125 36.70 -7.79 -6.74
CA GLN B 125 37.81 -8.60 -7.20
C GLN B 125 39.03 -7.79 -7.61
N LEU B 126 39.12 -6.53 -7.16
CA LEU B 126 40.24 -5.65 -7.49
C LEU B 126 40.72 -4.92 -6.26
N LYS B 127 40.96 -5.68 -5.19
CA LYS B 127 41.20 -5.09 -3.88
C LYS B 127 42.29 -4.03 -3.92
N ASN B 128 43.44 -4.34 -4.54
CA ASN B 128 44.58 -3.44 -4.53
C ASN B 128 45.19 -3.18 -5.90
N ASN B 129 44.96 -4.03 -6.89
CA ASN B 129 45.57 -3.79 -8.20
C ASN B 129 45.06 -2.51 -8.85
N ALA B 130 43.96 -1.95 -8.36
CA ALA B 130 43.38 -0.74 -8.89
C ALA B 130 43.37 0.35 -7.81
N LYS B 131 42.74 1.48 -8.13
CA LYS B 131 42.66 2.59 -7.20
C LYS B 131 41.45 3.44 -7.57
N GLU B 132 40.51 3.57 -6.64
CA GLU B 132 39.29 4.32 -6.92
C GLU B 132 39.61 5.79 -7.18
N ILE B 133 38.91 6.37 -8.16
CA ILE B 133 39.05 7.77 -8.50
C ILE B 133 37.79 8.56 -8.16
N GLY B 134 36.63 7.95 -8.33
CA GLY B 134 35.36 8.60 -8.10
C GLY B 134 34.43 8.42 -9.27
N ASN B 135 33.19 8.88 -9.08
CA ASN B 135 32.15 8.77 -10.10
C ASN B 135 32.02 7.33 -10.58
N GLY B 136 32.29 6.38 -9.70
CA GLY B 136 32.20 4.98 -10.05
C GLY B 136 33.12 4.58 -11.17
N CYS B 137 34.39 4.97 -11.09
CA CYS B 137 35.37 4.65 -12.11
C CYS B 137 36.66 4.17 -11.45
N PHE B 138 37.37 3.28 -12.14
CA PHE B 138 38.57 2.67 -11.62
C PHE B 138 39.68 2.71 -12.65
N GLU B 139 40.91 2.53 -12.17
CA GLU B 139 42.07 2.40 -13.03
C GLU B 139 43.08 1.48 -12.34
N PHE B 140 43.96 0.89 -13.14
CA PHE B 140 44.90 -0.09 -12.64
C PHE B 140 46.32 0.47 -12.64
N TYR B 141 47.08 0.15 -11.59
CA TYR B 141 48.49 0.49 -11.59
C TYR B 141 49.21 -0.21 -12.73
N HIS B 142 48.91 -1.48 -12.95
CA HIS B 142 49.48 -2.22 -14.06
C HIS B 142 48.72 -1.94 -15.34
N LYS B 143 49.44 -1.98 -16.45
CA LYS B 143 48.82 -1.88 -17.77
C LYS B 143 48.47 -3.28 -18.26
N CYS B 144 47.27 -3.41 -18.84
CA CYS B 144 46.82 -4.68 -19.37
C CYS B 144 46.12 -4.45 -20.70
N ASN B 145 46.15 -5.47 -21.56
CA ASN B 145 45.57 -5.39 -22.89
C ASN B 145 44.07 -5.62 -22.79
N ASN B 146 43.43 -5.84 -23.95
CA ASN B 146 41.97 -5.99 -23.98
C ASN B 146 41.52 -7.16 -23.11
N GLU B 147 42.32 -8.23 -23.05
CA GLU B 147 41.85 -9.46 -22.43
C GLU B 147 41.54 -9.28 -20.95
N CYS B 148 42.30 -8.43 -20.25
CA CYS B 148 41.99 -8.17 -18.86
C CYS B 148 40.57 -7.61 -18.71
N MET B 149 40.10 -6.88 -19.72
CA MET B 149 38.74 -6.36 -19.68
C MET B 149 37.74 -7.51 -19.62
N GLU B 150 37.90 -8.50 -20.50
CA GLU B 150 37.03 -9.66 -20.46
C GLU B 150 37.18 -10.39 -19.13
N SER B 151 38.42 -10.49 -18.62
CA SER B 151 38.66 -11.19 -17.38
C SER B 151 37.86 -10.57 -16.24
N VAL B 152 37.89 -9.25 -16.13
CA VAL B 152 37.13 -8.58 -15.08
C VAL B 152 35.64 -8.68 -15.35
N LYS B 153 35.23 -8.57 -16.61
CA LYS B 153 33.82 -8.65 -16.94
C LYS B 153 33.25 -10.02 -16.56
N ASN B 154 33.97 -11.08 -16.87
CA ASN B 154 33.54 -12.43 -16.50
C ASN B 154 33.83 -12.76 -15.03
N GLY B 155 34.54 -11.88 -14.33
CA GLY B 155 34.92 -12.15 -12.95
C GLY B 155 36.14 -13.03 -12.80
N THR B 156 36.79 -13.43 -13.90
CA THR B 156 37.94 -14.31 -13.86
C THR B 156 39.26 -13.55 -13.73
N TYR B 157 39.23 -12.35 -13.17
CA TYR B 157 40.46 -11.59 -12.97
C TYR B 157 41.32 -12.26 -11.92
N ASP B 158 42.35 -12.99 -12.36
CA ASP B 158 43.25 -13.68 -11.45
C ASP B 158 44.11 -12.66 -10.74
N TYR B 159 43.75 -12.34 -9.49
CA TYR B 159 44.48 -11.34 -8.73
C TYR B 159 45.97 -11.61 -8.65
N PRO B 160 46.43 -12.84 -8.34
CA PRO B 160 47.87 -13.05 -8.24
C PRO B 160 48.63 -12.77 -9.52
N LYS B 161 47.97 -12.92 -10.67
CA LYS B 161 48.67 -12.76 -11.95
C LYS B 161 49.29 -11.38 -12.06
N TYR B 162 48.57 -10.34 -11.67
CA TYR B 162 49.07 -8.97 -11.71
C TYR B 162 49.40 -8.41 -10.34
N SER B 163 49.20 -9.18 -9.27
CA SER B 163 49.55 -8.69 -7.94
C SER B 163 51.04 -8.39 -7.85
N GLU B 164 51.87 -9.27 -8.44
CA GLU B 164 53.31 -9.09 -8.37
C GLU B 164 53.76 -7.76 -8.98
N GLU B 165 52.96 -7.15 -9.84
CA GLU B 165 53.35 -5.90 -10.47
C GLU B 165 53.77 -4.90 -9.40
N SER B 166 54.73 -4.05 -9.76
CA SER B 166 55.26 -3.08 -8.83
C SER B 166 54.24 -1.99 -8.54
N LYS B 167 53.45 -2.16 -7.50
CA LYS B 167 52.44 -1.18 -7.12
C LYS B 167 53.04 0.09 -6.55
N LEU B 168 54.36 0.18 -6.46
CA LEU B 168 55.03 1.37 -5.94
C LEU B 168 55.37 2.36 -7.04
N ASN B 169 54.55 2.43 -8.09
CA ASN B 169 54.85 3.30 -9.22
C ASN B 169 54.96 4.76 -8.79
N ARG B 170 54.39 5.12 -7.65
CA ARG B 170 54.53 6.47 -7.12
C ARG B 170 55.99 6.90 -7.08
N ASP C 1 39.80 -21.39 14.58
CA ASP C 1 40.14 -19.97 14.30
C ASP C 1 39.42 -19.48 13.05
N THR C 2 38.15 -19.84 12.94
CA THR C 2 37.34 -19.46 11.78
C THR C 2 35.92 -19.19 12.23
N ILE C 3 35.30 -18.17 11.65
CA ILE C 3 33.93 -17.77 11.95
C ILE C 3 33.19 -17.59 10.64
N CYS C 4 31.91 -17.96 10.63
CA CYS C 4 31.09 -17.78 9.45
C CYS C 4 29.66 -17.52 9.89
N ILE C 5 28.89 -16.88 9.03
CA ILE C 5 27.51 -16.50 9.32
C ILE C 5 26.57 -17.33 8.47
N GLY C 6 25.35 -17.49 8.95
CA GLY C 6 24.36 -18.24 8.20
C GLY C 6 23.04 -18.26 8.94
N TYR C 7 22.07 -18.91 8.32
CA TYR C 7 20.72 -19.00 8.85
C TYR C 7 20.23 -20.45 8.78
N HIS C 8 19.18 -20.74 9.54
CA HIS C 8 18.68 -22.09 9.67
C HIS C 8 17.95 -22.51 8.41
N ALA C 9 18.08 -23.79 8.06
CA ALA C 9 17.39 -24.40 6.94
C ALA C 9 16.79 -25.72 7.36
N ASN C 10 15.77 -26.17 6.63
CA ASN C 10 15.03 -27.37 6.99
C ASN C 10 14.70 -28.14 5.72
N ASN C 11 13.81 -29.12 5.85
CA ASN C 11 13.45 -30.00 4.74
C ASN C 11 11.96 -29.89 4.41
N SER C 12 11.45 -28.67 4.33
CA SER C 12 10.05 -28.43 3.99
C SER C 12 9.97 -27.41 2.87
N THR C 13 8.89 -27.50 2.09
CA THR C 13 8.71 -26.60 0.96
C THR C 13 7.86 -25.38 1.33
N ASP C 14 6.62 -25.61 1.74
CA ASP C 14 5.70 -24.55 2.14
C ASP C 14 5.74 -23.39 1.13
N THR C 15 5.33 -23.71 -0.09
CA THR C 15 5.46 -22.77 -1.19
C THR C 15 4.76 -21.45 -0.89
N VAL C 16 5.42 -20.34 -1.23
CA VAL C 16 4.86 -19.01 -1.12
C VAL C 16 5.23 -18.25 -2.39
N ASP C 17 4.59 -17.09 -2.56
CA ASP C 17 4.79 -16.28 -3.76
C ASP C 17 4.89 -14.81 -3.37
N THR C 18 5.53 -14.03 -4.24
CA THR C 18 5.69 -12.61 -4.04
C THR C 18 6.05 -11.96 -5.36
N VAL C 19 6.05 -10.62 -5.38
CA VAL C 19 6.40 -9.90 -6.58
C VAL C 19 7.83 -10.23 -7.02
N LEU C 20 8.69 -10.58 -6.06
CA LEU C 20 10.04 -10.99 -6.41
C LEU C 20 10.04 -12.19 -7.32
N GLU C 21 9.18 -13.18 -7.03
CA GLU C 21 9.12 -14.40 -7.82
C GLU C 21 7.97 -15.23 -7.31
N LYS C 22 7.42 -16.06 -8.20
CA LYS C 22 6.37 -17.00 -7.85
C LYS C 22 6.97 -18.36 -7.49
N ASN C 23 6.28 -19.08 -6.62
CA ASN C 23 6.67 -20.44 -6.25
C ASN C 23 8.09 -20.48 -5.65
N VAL C 24 8.21 -19.82 -4.50
CA VAL C 24 9.45 -19.80 -3.74
C VAL C 24 9.20 -20.43 -2.38
N THR C 25 10.11 -21.30 -1.96
CA THR C 25 9.96 -21.99 -0.68
C THR C 25 10.38 -21.08 0.47
N VAL C 26 10.05 -21.50 1.68
CA VAL C 26 10.33 -20.72 2.88
C VAL C 26 10.44 -21.64 4.08
N THR C 27 11.31 -21.27 5.02
CA THR C 27 11.52 -22.08 6.20
C THR C 27 10.25 -22.18 7.04
N HIS C 28 9.56 -21.06 7.24
CA HIS C 28 8.36 -21.03 8.06
C HIS C 28 7.38 -20.05 7.47
N SER C 29 6.10 -20.42 7.49
CA SER C 29 5.05 -19.60 6.89
C SER C 29 3.75 -19.83 7.64
N VAL C 30 2.82 -18.91 7.43
CA VAL C 30 1.48 -19.02 7.99
C VAL C 30 0.48 -18.71 6.87
N ASN C 31 -0.54 -19.56 6.75
CA ASN C 31 -1.55 -19.43 5.72
C ASN C 31 -2.76 -18.68 6.26
N LEU C 32 -3.18 -17.65 5.54
CA LEU C 32 -4.37 -16.89 5.89
C LEU C 32 -5.61 -17.36 5.13
N LEU C 33 -5.50 -18.42 4.35
CA LEU C 33 -6.62 -18.99 3.62
C LEU C 33 -6.99 -20.33 4.24
N GLU C 34 -8.28 -20.52 4.48
CA GLU C 34 -8.78 -21.70 5.18
C GLU C 34 -9.65 -22.53 4.24
N ASP C 35 -9.63 -23.85 4.45
CA ASP C 35 -10.40 -24.76 3.62
C ASP C 35 -11.11 -25.85 4.41
N SER C 36 -11.04 -25.84 5.73
CA SER C 36 -11.75 -26.84 6.52
C SER C 36 -13.23 -26.79 6.19
N HIS C 37 -13.84 -27.96 6.07
CA HIS C 37 -15.21 -28.05 5.57
C HIS C 37 -15.81 -29.37 6.02
N ASN C 38 -17.05 -29.61 5.62
CA ASN C 38 -17.81 -30.84 5.82
C ASN C 38 -18.21 -31.05 7.27
N GLY C 39 -17.81 -30.18 8.19
CA GLY C 39 -18.29 -30.29 9.55
C GLY C 39 -19.79 -30.19 9.61
N LYS C 40 -20.44 -31.13 10.30
CA LYS C 40 -21.90 -31.10 10.39
C LYS C 40 -22.35 -29.84 11.13
N LEU C 41 -23.46 -29.27 10.67
CA LEU C 41 -23.95 -28.04 11.26
C LEU C 41 -24.35 -28.28 12.71
N CYS C 42 -23.75 -27.52 13.62
CA CYS C 42 -23.93 -27.70 15.05
C CYS C 42 -24.58 -26.44 15.64
N LEU C 43 -24.69 -26.43 16.96
CA LEU C 43 -25.31 -25.30 17.66
C LEU C 43 -24.37 -24.12 17.64
N LEU C 44 -24.73 -23.08 16.88
CA LEU C 44 -23.89 -21.89 16.82
C LEU C 44 -23.75 -21.24 18.19
N LYS C 45 -24.86 -21.13 18.93
CA LYS C 45 -24.86 -20.55 20.26
C LYS C 45 -25.30 -21.57 21.31
N GLY C 46 -24.98 -22.83 21.08
CA GLY C 46 -25.38 -23.87 22.01
C GLY C 46 -26.86 -24.15 22.05
N ILE C 47 -27.59 -23.74 21.01
CA ILE C 47 -29.03 -23.95 20.93
C ILE C 47 -29.34 -24.62 19.60
N ALA C 48 -30.48 -25.30 19.58
CA ALA C 48 -30.91 -25.99 18.37
C ALA C 48 -31.43 -24.99 17.35
N PRO C 49 -30.89 -24.93 16.14
CA PRO C 49 -31.46 -24.05 15.12
C PRO C 49 -32.81 -24.57 14.65
N LEU C 50 -33.66 -23.64 14.22
CA LEU C 50 -35.01 -23.99 13.78
C LEU C 50 -34.91 -24.71 12.45
N GLN C 51 -35.02 -26.03 12.49
CA GLN C 51 -35.03 -26.86 11.29
C GLN C 51 -36.46 -27.27 10.98
N LEU C 52 -36.90 -26.98 9.77
CA LEU C 52 -38.28 -27.23 9.35
C LEU C 52 -38.30 -27.83 7.95
N GLY C 53 -37.41 -28.79 7.70
CA GLY C 53 -37.35 -29.39 6.38
C GLY C 53 -38.63 -30.11 6.02
N ASN C 54 -38.78 -30.36 4.72
CA ASN C 54 -39.93 -31.00 4.10
C ASN C 54 -41.11 -30.03 3.98
N CYS C 55 -41.00 -28.81 4.52
CA CYS C 55 -42.07 -27.83 4.40
C CYS C 55 -41.45 -26.44 4.27
N SER C 56 -42.18 -25.54 3.63
CA SER C 56 -41.70 -24.19 3.42
C SER C 56 -41.94 -23.33 4.65
N VAL C 57 -41.22 -22.21 4.73
CA VAL C 57 -41.41 -21.28 5.83
C VAL C 57 -42.85 -20.78 5.85
N ALA C 58 -43.41 -20.53 4.66
CA ALA C 58 -44.80 -20.10 4.58
C ALA C 58 -45.72 -21.05 5.33
N GLY C 59 -45.76 -22.32 4.89
CA GLY C 59 -46.63 -23.28 5.55
C GLY C 59 -46.29 -23.46 7.02
N TRP C 60 -45.00 -23.44 7.35
CA TRP C 60 -44.58 -23.54 8.74
C TRP C 60 -45.26 -22.47 9.59
N ILE C 61 -45.19 -21.22 9.16
CA ILE C 61 -45.85 -20.16 9.91
C ILE C 61 -47.36 -20.30 9.84
N LEU C 62 -47.86 -20.89 8.76
CA LEU C 62 -49.30 -20.97 8.52
C LEU C 62 -49.86 -22.36 8.81
N GLY C 63 -49.22 -23.12 9.70
CA GLY C 63 -49.82 -24.34 10.19
C GLY C 63 -50.14 -25.37 9.12
N ASN C 64 -49.17 -25.65 8.25
CA ASN C 64 -49.36 -26.71 7.27
C ASN C 64 -49.44 -28.06 7.98
N PRO C 65 -50.34 -28.95 7.58
CA PRO C 65 -50.49 -30.22 8.31
C PRO C 65 -49.24 -31.09 8.27
N GLU C 66 -48.47 -31.05 7.18
CA GLU C 66 -47.47 -32.09 6.94
C GLU C 66 -46.39 -32.11 8.01
N CYS C 67 -45.91 -30.94 8.43
CA CYS C 67 -44.77 -30.85 9.32
C CYS C 67 -45.13 -30.99 10.80
N GLU C 68 -46.40 -31.15 11.13
CA GLU C 68 -46.86 -31.35 12.50
C GLU C 68 -46.66 -30.11 13.38
N LEU C 69 -46.35 -28.97 12.79
CA LEU C 69 -46.32 -27.66 13.43
C LEU C 69 -45.11 -27.43 14.32
N LEU C 70 -44.24 -28.42 14.53
CA LEU C 70 -43.05 -28.26 15.36
C LEU C 70 -43.40 -27.45 16.62
N ILE C 71 -44.31 -28.01 17.41
CA ILE C 71 -44.94 -27.26 18.49
C ILE C 71 -43.92 -26.65 19.44
N SER C 72 -42.81 -27.34 19.66
CA SER C 72 -41.86 -26.96 20.71
C SER C 72 -40.49 -26.65 20.11
N LYS C 73 -40.22 -25.35 19.91
CA LYS C 73 -38.85 -24.88 19.66
C LYS C 73 -38.76 -23.46 20.21
N GLU C 74 -38.33 -23.35 21.47
CA GLU C 74 -38.32 -22.05 22.12
C GLU C 74 -37.21 -21.15 21.59
N SER C 75 -36.01 -21.69 21.42
CA SER C 75 -34.85 -20.91 21.03
C SER C 75 -34.29 -21.43 19.72
N TRP C 76 -34.10 -20.53 18.76
CA TRP C 76 -33.56 -20.92 17.46
C TRP C 76 -32.66 -19.79 16.97
N SER C 77 -31.36 -20.04 16.96
CA SER C 77 -30.42 -19.01 16.51
C SER C 77 -30.67 -18.65 15.06
N TYR C 78 -30.88 -19.65 14.21
CA TYR C 78 -31.06 -19.44 12.78
C TYR C 78 -32.01 -20.49 12.24
N ILE C 79 -32.53 -20.23 11.04
CA ILE C 79 -33.46 -21.12 10.37
C ILE C 79 -32.76 -21.72 9.16
N VAL C 80 -32.81 -23.04 9.05
CA VAL C 80 -32.28 -23.76 7.90
C VAL C 80 -33.45 -24.41 7.18
N GLU C 81 -33.63 -24.07 5.91
CA GLU C 81 -34.73 -24.55 5.10
C GLU C 81 -34.20 -25.46 4.00
N THR C 82 -34.97 -26.47 3.66
CA THR C 82 -34.59 -27.35 2.56
C THR C 82 -34.56 -26.53 1.26
N PRO C 83 -33.50 -26.63 0.45
CA PRO C 83 -33.45 -25.81 -0.77
C PRO C 83 -34.66 -25.98 -1.66
N ASN C 84 -35.22 -27.20 -1.72
CA ASN C 84 -36.41 -27.46 -2.52
C ASN C 84 -37.59 -27.69 -1.58
N PRO C 85 -38.56 -26.78 -1.51
CA PRO C 85 -39.67 -26.97 -0.57
C PRO C 85 -40.58 -28.13 -0.97
N GLU C 86 -41.25 -28.68 0.04
CA GLU C 86 -42.23 -29.75 -0.14
C GLU C 86 -43.53 -29.35 0.53
N ASN C 87 -44.62 -29.39 -0.24
CA ASN C 87 -45.93 -29.00 0.26
C ASN C 87 -45.86 -27.67 1.00
N GLY C 88 -45.16 -26.71 0.39
CA GLY C 88 -44.87 -25.45 1.05
C GLY C 88 -46.07 -24.56 1.27
N THR C 89 -47.14 -24.75 0.49
CA THR C 89 -48.35 -23.94 0.65
C THR C 89 -49.52 -24.82 0.26
N CYS C 90 -50.21 -25.37 1.28
CA CYS C 90 -51.22 -26.38 1.04
C CYS C 90 -52.28 -25.90 0.05
N TYR C 91 -52.86 -24.76 0.32
CA TYR C 91 -53.91 -24.21 -0.54
C TYR C 91 -53.30 -23.24 -1.53
N PRO C 92 -53.59 -23.35 -2.83
CA PRO C 92 -53.04 -22.38 -3.77
C PRO C 92 -53.50 -20.97 -3.42
N GLY C 93 -52.58 -20.01 -3.54
CA GLY C 93 -52.91 -18.65 -3.16
C GLY C 93 -51.80 -17.70 -3.49
N TYR C 94 -52.10 -16.42 -3.29
CA TYR C 94 -51.18 -15.32 -3.58
C TYR C 94 -50.88 -14.61 -2.26
N PHE C 95 -49.71 -14.92 -1.70
CA PHE C 95 -49.29 -14.31 -0.44
C PHE C 95 -48.55 -13.01 -0.76
N ALA C 96 -49.04 -11.91 -0.20
CA ALA C 96 -48.57 -10.58 -0.54
C ALA C 96 -47.52 -10.10 0.46
N ASP C 97 -46.83 -9.03 0.08
CA ASP C 97 -45.87 -8.36 0.96
C ASP C 97 -44.77 -9.31 1.41
N TYR C 98 -44.56 -10.40 0.69
CA TYR C 98 -43.71 -11.45 1.19
C TYR C 98 -42.25 -11.00 1.23
N GLU C 99 -41.46 -11.80 1.94
CA GLU C 99 -40.05 -11.55 2.21
C GLU C 99 -39.87 -10.44 3.23
N GLU C 100 -40.92 -9.67 3.51
CA GLU C 100 -40.85 -8.75 4.63
C GLU C 100 -40.97 -9.49 5.95
N LEU C 101 -41.91 -10.44 6.02
CA LEU C 101 -41.95 -11.34 7.16
C LEU C 101 -40.67 -12.17 7.24
N ARG C 102 -40.16 -12.60 6.09
CA ARG C 102 -38.95 -13.41 6.10
C ARG C 102 -37.77 -12.64 6.69
N GLU C 103 -37.62 -11.37 6.32
CA GLU C 103 -36.56 -10.57 6.88
C GLU C 103 -36.81 -10.23 8.35
N GLN C 104 -38.08 -10.03 8.72
CA GLN C 104 -38.40 -9.76 10.12
C GLN C 104 -38.02 -10.94 11.01
N LEU C 105 -38.29 -12.16 10.54
CA LEU C 105 -38.11 -13.36 11.34
C LEU C 105 -36.68 -13.86 11.37
N SER C 106 -35.71 -13.04 10.98
CA SER C 106 -34.32 -13.46 10.96
C SER C 106 -33.57 -13.16 12.25
N SER C 107 -34.21 -12.49 13.21
CA SER C 107 -33.54 -12.08 14.44
C SER C 107 -34.16 -12.69 15.68
N VAL C 108 -35.49 -12.63 15.82
CA VAL C 108 -36.13 -13.08 17.04
C VAL C 108 -35.76 -14.52 17.31
N SER C 109 -35.28 -14.79 18.53
CA SER C 109 -34.84 -16.12 18.94
C SER C 109 -35.75 -16.71 20.02
N SER C 110 -36.95 -16.18 20.17
CA SER C 110 -37.90 -16.71 21.15
C SER C 110 -39.31 -16.38 20.70
N PHE C 111 -40.21 -17.35 20.88
CA PHE C 111 -41.60 -17.19 20.50
C PHE C 111 -42.49 -17.63 21.64
N GLU C 112 -43.65 -17.01 21.76
CA GLU C 112 -44.66 -17.36 22.76
C GLU C 112 -45.97 -17.59 22.02
N ARG C 113 -46.17 -18.82 21.54
CA ARG C 113 -47.41 -19.14 20.85
C ARG C 113 -48.59 -18.81 21.75
N PHE C 114 -49.57 -18.11 21.21
CA PHE C 114 -50.62 -17.49 22.01
C PHE C 114 -51.91 -17.49 21.21
N GLU C 115 -52.90 -18.26 21.66
CA GLU C 115 -54.18 -18.33 20.96
C GLU C 115 -54.89 -17.00 21.11
N ILE C 116 -54.87 -16.19 20.05
CA ILE C 116 -55.38 -14.83 20.15
C ILE C 116 -56.90 -14.85 20.31
N PHE C 117 -57.59 -15.75 19.62
CA PHE C 117 -59.04 -15.75 19.65
C PHE C 117 -59.57 -17.04 20.25
N PRO C 118 -60.76 -17.02 20.86
CA PRO C 118 -61.34 -18.24 21.42
C PRO C 118 -62.06 -19.03 20.34
N LYS C 119 -61.73 -20.32 20.24
CA LYS C 119 -62.36 -21.19 19.27
C LYS C 119 -63.64 -21.82 19.78
N GLU C 120 -64.17 -21.35 20.91
CA GLU C 120 -65.30 -22.01 21.55
C GLU C 120 -66.42 -21.06 21.97
N SER C 121 -66.08 -19.80 22.27
CA SER C 121 -67.01 -18.92 22.97
C SER C 121 -67.46 -17.72 22.14
N SER C 122 -66.53 -16.90 21.66
CA SER C 122 -66.88 -15.58 21.16
C SER C 122 -67.52 -15.59 19.78
N TRP C 123 -67.72 -16.75 19.17
CA TRP C 123 -68.26 -16.76 17.82
C TRP C 123 -68.85 -18.11 17.46
N PRO C 124 -69.93 -18.53 18.12
CA PRO C 124 -70.63 -19.76 17.69
C PRO C 124 -71.68 -19.51 16.63
N ASN C 125 -72.02 -18.24 16.35
CA ASN C 125 -73.10 -17.95 15.41
C ASN C 125 -72.83 -18.55 14.03
N HIS C 126 -71.57 -18.73 13.67
CA HIS C 126 -71.20 -19.26 12.37
C HIS C 126 -70.39 -20.53 12.54
N THR C 127 -70.46 -21.40 11.54
CA THR C 127 -69.79 -22.68 11.59
C THR C 127 -68.29 -22.52 11.33
N VAL C 128 -67.52 -23.50 11.83
CA VAL C 128 -66.07 -23.48 11.70
C VAL C 128 -65.55 -24.61 10.83
N THR C 129 -66.35 -25.64 10.56
CA THR C 129 -65.87 -26.77 9.77
C THR C 129 -65.51 -26.31 8.35
N GLY C 130 -64.89 -27.23 7.61
CA GLY C 130 -64.48 -26.95 6.25
C GLY C 130 -63.14 -27.59 5.92
N VAL C 131 -63.03 -28.17 4.73
CA VAL C 131 -61.82 -28.84 4.28
C VAL C 131 -61.67 -28.64 2.78
N SER C 132 -60.47 -28.93 2.29
CA SER C 132 -60.16 -28.90 0.87
C SER C 132 -59.52 -30.23 0.48
N ALA C 133 -60.03 -30.84 -0.60
CA ALA C 133 -59.47 -32.12 -1.02
C ALA C 133 -57.97 -32.02 -1.26
N SER C 134 -57.53 -30.93 -1.90
CA SER C 134 -56.11 -30.73 -2.12
C SER C 134 -55.35 -30.48 -0.82
N CYS C 135 -56.06 -30.23 0.29
CA CYS C 135 -55.43 -30.04 1.59
C CYS C 135 -55.86 -31.12 2.58
N SER C 136 -56.09 -32.33 2.08
CA SER C 136 -56.45 -33.46 2.92
C SER C 136 -55.18 -34.00 3.58
N HIS C 137 -55.10 -33.88 4.90
CA HIS C 137 -53.90 -34.29 5.63
C HIS C 137 -53.88 -35.80 5.81
N ASN C 138 -52.68 -36.38 5.71
CA ASN C 138 -52.47 -37.81 5.97
C ASN C 138 -53.52 -38.67 5.28
N GLY C 139 -53.96 -38.25 4.10
CA GLY C 139 -54.97 -38.98 3.37
C GLY C 139 -56.39 -38.73 3.81
N LYS C 140 -56.62 -37.76 4.69
CA LYS C 140 -57.96 -37.42 5.15
C LYS C 140 -58.15 -35.92 5.07
N SER C 141 -59.39 -35.50 4.82
CA SER C 141 -59.69 -34.10 4.56
C SER C 141 -59.40 -33.24 5.78
N SER C 142 -58.90 -32.03 5.52
CA SER C 142 -58.61 -31.05 6.57
C SER C 142 -58.24 -29.75 5.88
N PHE C 143 -58.13 -28.68 6.68
CA PHE C 143 -57.89 -27.35 6.14
C PHE C 143 -56.54 -26.78 6.56
N TYR C 144 -56.28 -26.63 7.85
CA TYR C 144 -55.06 -25.97 8.30
C TYR C 144 -54.96 -26.15 9.81
N ARG C 145 -53.92 -25.55 10.40
CA ARG C 145 -53.68 -25.69 11.83
C ARG C 145 -53.49 -24.33 12.52
N ASN C 146 -52.96 -23.35 11.81
CA ASN C 146 -52.67 -22.05 12.43
C ASN C 146 -53.84 -21.08 12.35
N LEU C 147 -54.69 -21.19 11.32
CA LEU C 147 -55.78 -20.25 11.13
C LEU C 147 -57.05 -21.02 10.81
N LEU C 148 -58.16 -20.28 10.74
CA LEU C 148 -59.49 -20.86 10.78
C LEU C 148 -60.29 -20.41 9.56
N TRP C 149 -60.76 -21.37 8.77
CA TRP C 149 -61.82 -21.10 7.80
C TRP C 149 -63.10 -20.75 8.55
N LEU C 150 -63.98 -20.00 7.90
CA LEU C 150 -65.22 -19.59 8.53
C LEU C 150 -66.39 -19.74 7.56
N THR C 151 -67.50 -20.18 8.10
CA THR C 151 -68.75 -20.32 7.35
C THR C 151 -69.94 -20.08 8.27
N TYR C 157 -75.46 -15.32 8.16
CA TYR C 157 -74.08 -14.90 8.38
C TYR C 157 -74.03 -13.54 9.06
N PRO C 158 -73.30 -13.43 10.17
CA PRO C 158 -73.21 -12.15 10.87
C PRO C 158 -72.03 -11.30 10.40
N ASN C 159 -72.12 -10.01 10.69
CA ASN C 159 -71.05 -9.07 10.39
C ASN C 159 -70.00 -9.18 11.48
N LEU C 160 -69.01 -10.03 11.25
CA LEU C 160 -67.98 -10.27 12.25
C LEU C 160 -67.31 -8.96 12.63
N SER C 161 -67.18 -8.72 13.94
CA SER C 161 -66.53 -7.51 14.45
C SER C 161 -65.80 -7.89 15.72
N LYS C 162 -64.48 -8.04 15.64
CA LYS C 162 -63.67 -8.45 16.79
C LYS C 162 -62.37 -7.67 16.77
N SER C 163 -61.72 -7.61 17.92
CA SER C 163 -60.49 -6.83 18.04
C SER C 163 -59.66 -7.35 19.20
N TYR C 164 -58.36 -7.45 18.97
CA TYR C 164 -57.41 -7.66 20.05
C TYR C 164 -57.12 -6.32 20.73
N VAL C 165 -56.41 -6.38 21.87
CA VAL C 165 -56.13 -5.18 22.64
C VAL C 165 -54.66 -5.08 22.99
N ASN C 166 -53.90 -6.18 22.80
CA ASN C 166 -52.49 -6.20 23.12
C ASN C 166 -52.27 -5.88 24.60
N ASN C 167 -52.78 -6.78 25.45
CA ASN C 167 -52.55 -6.64 26.89
C ASN C 167 -51.12 -6.98 27.24
N LYS C 168 -50.57 -8.05 26.67
CA LYS C 168 -49.19 -8.40 26.90
C LYS C 168 -48.27 -7.33 26.33
N GLU C 169 -47.22 -7.00 27.09
CA GLU C 169 -46.31 -5.92 26.71
C GLU C 169 -45.21 -6.45 25.77
N LYS C 170 -45.66 -6.99 24.65
CA LYS C 170 -44.74 -7.46 23.62
C LYS C 170 -45.44 -7.37 22.27
N GLU C 171 -44.64 -7.35 21.20
CA GLU C 171 -45.20 -7.28 19.86
C GLU C 171 -45.93 -8.58 19.53
N VAL C 172 -47.11 -8.46 18.93
CA VAL C 172 -47.94 -9.59 18.58
C VAL C 172 -48.20 -9.56 17.08
N LEU C 173 -47.92 -10.67 16.42
CA LEU C 173 -48.07 -10.79 14.98
C LEU C 173 -49.42 -11.41 14.67
N VAL C 174 -50.02 -10.99 13.55
CA VAL C 174 -51.33 -11.48 13.15
C VAL C 174 -51.31 -11.71 11.64
N LEU C 175 -51.57 -12.95 11.23
CA LEU C 175 -51.62 -13.32 9.82
C LEU C 175 -53.02 -13.78 9.47
N TRP C 176 -53.45 -13.51 8.25
CA TRP C 176 -54.78 -13.93 7.81
C TRP C 176 -54.87 -13.74 6.29
N GLY C 177 -56.05 -14.03 5.76
CA GLY C 177 -56.28 -13.89 4.34
C GLY C 177 -57.77 -13.83 4.05
N VAL C 178 -58.09 -13.80 2.76
CA VAL C 178 -59.47 -13.75 2.31
C VAL C 178 -59.66 -14.79 1.21
N HIS C 179 -60.92 -15.18 1.01
CA HIS C 179 -61.29 -16.27 0.13
C HIS C 179 -61.65 -15.72 -1.25
N HIS C 180 -60.97 -16.24 -2.29
CA HIS C 180 -61.24 -15.85 -3.67
C HIS C 180 -61.96 -16.98 -4.39
N PRO C 181 -63.28 -17.09 -4.27
CA PRO C 181 -64.00 -18.19 -4.91
C PRO C 181 -64.21 -17.92 -6.40
N PRO C 182 -63.62 -18.72 -7.29
CA PRO C 182 -63.89 -18.52 -8.73
C PRO C 182 -65.15 -19.24 -9.18
N ASN C 183 -66.29 -18.69 -8.81
CA ASN C 183 -67.57 -19.30 -9.13
C ASN C 183 -68.52 -18.28 -9.76
N ALA C 196 -67.85 -7.79 -0.31
CA ALA C 196 -67.24 -8.17 0.96
C ALA C 196 -66.14 -7.19 1.34
N TYR C 197 -66.48 -6.26 2.23
CA TYR C 197 -65.57 -5.17 2.60
C TYR C 197 -64.60 -5.60 3.71
N VAL C 198 -63.89 -6.70 3.48
CA VAL C 198 -62.84 -7.10 4.42
C VAL C 198 -61.92 -5.92 4.64
N SER C 199 -61.76 -5.51 5.90
CA SER C 199 -61.00 -4.29 6.19
C SER C 199 -60.32 -4.46 7.54
N VAL C 200 -59.06 -4.90 7.53
CA VAL C 200 -58.24 -4.75 8.72
C VAL C 200 -58.13 -3.26 9.01
N VAL C 201 -58.12 -2.91 10.30
CA VAL C 201 -58.09 -1.52 10.71
C VAL C 201 -57.19 -1.41 11.94
N SER C 202 -56.03 -0.78 11.78
CA SER C 202 -55.14 -0.50 12.88
C SER C 202 -55.31 0.92 13.37
N SER C 203 -54.64 1.24 14.47
CA SER C 203 -54.62 2.62 14.95
C SER C 203 -53.99 3.54 13.92
N HIS C 204 -52.91 3.10 13.29
CA HIS C 204 -52.19 3.89 12.29
C HIS C 204 -51.85 3.03 11.08
N TYR C 205 -52.83 2.27 10.59
CA TYR C 205 -52.67 1.50 9.37
C TYR C 205 -54.03 1.00 8.93
N SER C 206 -54.30 1.10 7.63
CA SER C 206 -55.61 0.77 7.10
C SER C 206 -55.47 0.18 5.70
N ARG C 207 -56.44 -0.67 5.35
CA ARG C 207 -56.55 -1.22 4.00
C ARG C 207 -58.00 -1.64 3.81
N ARG C 208 -58.37 -1.88 2.55
CA ARG C 208 -59.74 -2.27 2.24
C ARG C 208 -59.72 -3.15 1.00
N PHE C 209 -59.76 -4.47 1.20
CA PHE C 209 -59.80 -5.40 0.08
C PHE C 209 -61.24 -5.77 -0.23
N THR C 210 -61.44 -6.31 -1.43
CA THR C 210 -62.74 -6.72 -1.92
C THR C 210 -62.65 -8.10 -2.53
N PRO C 211 -63.77 -8.81 -2.63
CA PRO C 211 -63.74 -10.15 -3.22
C PRO C 211 -63.74 -10.11 -4.74
N GLU C 212 -63.09 -11.11 -5.32
CA GLU C 212 -63.02 -11.28 -6.77
C GLU C 212 -63.78 -12.53 -7.18
N ILE C 213 -64.27 -12.52 -8.43
CA ILE C 213 -65.05 -13.61 -8.97
C ILE C 213 -64.56 -14.06 -10.34
N ALA C 214 -63.46 -13.52 -10.83
CA ALA C 214 -62.98 -13.85 -12.16
C ALA C 214 -62.56 -15.31 -12.24
N LYS C 215 -62.68 -15.89 -13.44
CA LYS C 215 -62.31 -17.28 -13.65
C LYS C 215 -60.82 -17.46 -13.42
N ARG C 216 -60.44 -18.67 -13.01
CA ARG C 216 -59.07 -19.01 -12.71
C ARG C 216 -58.73 -20.35 -13.36
N PRO C 217 -57.48 -20.55 -13.77
CA PRO C 217 -57.07 -21.88 -14.21
C PRO C 217 -56.91 -22.82 -13.04
N LYS C 218 -56.94 -24.12 -13.36
CA LYS C 218 -56.78 -25.15 -12.33
C LYS C 218 -55.30 -25.37 -12.04
N VAL C 219 -54.95 -25.35 -10.77
CA VAL C 219 -53.57 -25.61 -10.32
C VAL C 219 -53.62 -26.38 -9.02
N ARG C 220 -52.75 -27.38 -8.89
CA ARG C 220 -52.72 -28.24 -7.72
C ARG C 220 -54.09 -28.84 -7.47
N ASP C 221 -54.80 -29.13 -8.57
CA ASP C 221 -56.15 -29.69 -8.57
C ASP C 221 -57.18 -28.70 -8.07
N GLN C 222 -56.78 -27.50 -7.64
CA GLN C 222 -57.69 -26.54 -7.04
C GLN C 222 -58.11 -25.50 -8.07
N GLU C 223 -59.31 -24.96 -7.88
CA GLU C 223 -59.95 -24.12 -8.89
C GLU C 223 -59.59 -22.65 -8.78
N GLY C 224 -59.16 -22.18 -7.60
CA GLY C 224 -58.97 -20.76 -7.36
C GLY C 224 -57.76 -20.48 -6.51
N ARG C 225 -57.91 -19.55 -5.58
CA ARG C 225 -56.82 -19.14 -4.71
C ARG C 225 -57.41 -18.47 -3.49
N ILE C 226 -56.58 -18.28 -2.47
CA ILE C 226 -56.94 -17.50 -1.29
C ILE C 226 -55.70 -16.80 -0.78
N ASN C 227 -55.71 -15.47 -0.82
CA ASN C 227 -54.52 -14.67 -0.55
C ASN C 227 -54.47 -14.26 0.92
N TYR C 228 -53.25 -14.16 1.44
CA TYR C 228 -53.00 -13.89 2.84
C TYR C 228 -52.20 -12.61 3.00
N TYR C 229 -52.49 -11.88 4.07
CA TYR C 229 -51.78 -10.67 4.45
C TYR C 229 -51.27 -10.84 5.88
N TRP C 230 -50.58 -9.82 6.38
CA TRP C 230 -50.05 -9.88 7.73
C TRP C 230 -49.57 -8.52 8.21
N THR C 231 -50.00 -8.11 9.40
CA THR C 231 -49.65 -6.82 9.96
C THR C 231 -49.00 -7.01 11.33
N LEU C 232 -48.16 -6.05 11.70
CA LEU C 232 -47.46 -6.06 12.97
C LEU C 232 -47.97 -4.91 13.83
N LEU C 233 -48.17 -5.18 15.12
CA LEU C 233 -48.63 -4.17 16.06
C LEU C 233 -47.82 -4.27 17.35
N GLU C 234 -47.61 -3.12 17.97
CA GLU C 234 -46.78 -2.98 19.16
C GLU C 234 -47.65 -2.88 20.40
N PRO C 235 -47.03 -2.88 21.59
CA PRO C 235 -47.82 -2.67 22.81
C PRO C 235 -48.53 -1.32 22.79
N GLY C 236 -49.71 -1.29 23.39
CA GLY C 236 -50.52 -0.10 23.40
C GLY C 236 -51.36 0.10 22.16
N ASP C 237 -51.47 -0.92 21.31
CA ASP C 237 -52.23 -0.84 20.07
C ASP C 237 -53.35 -1.88 20.09
N THR C 238 -54.31 -1.70 19.19
CA THR C 238 -55.41 -2.64 19.07
C THR C 238 -55.96 -2.56 17.64
N ILE C 239 -56.23 -3.71 17.05
CA ILE C 239 -56.65 -3.81 15.66
C ILE C 239 -58.03 -4.44 15.63
N ILE C 240 -58.90 -3.92 14.78
CA ILE C 240 -60.29 -4.36 14.70
C ILE C 240 -60.56 -4.85 13.29
N PHE C 241 -61.16 -6.04 13.19
CA PHE C 241 -61.40 -6.67 11.91
C PHE C 241 -62.81 -6.39 11.43
N GLU C 242 -63.12 -6.87 10.21
CA GLU C 242 -64.47 -6.85 9.69
C GLU C 242 -64.52 -7.57 8.35
N ALA C 243 -65.67 -8.12 7.99
CA ALA C 243 -65.84 -8.76 6.70
C ALA C 243 -67.30 -9.19 6.57
N ASN C 244 -67.75 -9.33 5.32
CA ASN C 244 -69.10 -9.75 5.02
C ASN C 244 -69.17 -11.05 4.26
N GLY C 245 -68.41 -11.18 3.16
CA GLY C 245 -68.53 -12.32 2.27
C GLY C 245 -67.64 -13.49 2.66
N ASN C 246 -66.43 -13.20 3.10
CA ASN C 246 -65.52 -14.24 3.56
C ASN C 246 -64.45 -13.63 4.44
N LEU C 247 -63.75 -14.49 5.17
CA LEU C 247 -62.68 -14.06 6.05
C LEU C 247 -61.95 -15.30 6.56
N ILE C 248 -60.64 -15.17 6.72
CA ILE C 248 -59.82 -16.26 7.25
C ILE C 248 -59.28 -15.85 8.60
N ALA C 249 -59.99 -16.18 9.66
CA ALA C 249 -59.65 -15.67 10.97
C ALA C 249 -58.34 -16.28 11.47
N PRO C 250 -57.56 -15.54 12.24
CA PRO C 250 -56.35 -16.11 12.84
C PRO C 250 -56.68 -16.83 14.14
N TRP C 251 -55.79 -17.75 14.51
CA TRP C 251 -55.99 -18.57 15.69
C TRP C 251 -54.73 -18.74 16.52
N TYR C 252 -53.60 -18.17 16.10
CA TYR C 252 -52.38 -18.23 16.90
C TYR C 252 -51.36 -17.21 16.41
N ALA C 253 -50.89 -16.36 17.32
CA ALA C 253 -49.92 -15.32 16.98
C ALA C 253 -48.54 -15.77 17.41
N PHE C 254 -47.61 -15.77 16.45
CA PHE C 254 -46.22 -16.14 16.73
C PHE C 254 -45.50 -14.96 17.38
N ALA C 255 -45.89 -14.68 18.62
CA ALA C 255 -45.40 -13.51 19.33
C ALA C 255 -43.88 -13.51 19.37
N LEU C 256 -43.29 -12.36 19.01
CA LEU C 256 -41.85 -12.25 18.88
C LEU C 256 -41.22 -11.93 20.24
N SER C 257 -39.95 -11.58 20.23
CA SER C 257 -39.21 -11.25 21.44
C SER C 257 -38.06 -10.31 21.13
N GLY C 263 -31.44 -14.88 8.99
CA GLY C 263 -31.29 -16.19 9.59
C GLY C 263 -31.85 -17.30 8.74
N ILE C 264 -31.57 -17.26 7.44
CA ILE C 264 -32.08 -18.24 6.48
C ILE C 264 -30.89 -18.84 5.75
N ILE C 265 -30.86 -20.17 5.68
CA ILE C 265 -29.83 -20.89 4.94
C ILE C 265 -30.48 -22.11 4.30
N THR C 266 -30.13 -22.39 3.04
CA THR C 266 -30.64 -23.54 2.31
C THR C 266 -29.55 -24.61 2.29
N SER C 267 -29.85 -25.79 2.83
CA SER C 267 -28.86 -26.86 2.91
C SER C 267 -29.58 -28.18 3.13
N ASN C 268 -28.82 -29.25 2.98
CA ASN C 268 -29.34 -30.61 3.14
C ASN C 268 -28.51 -31.44 4.12
N ALA C 269 -27.45 -30.88 4.69
CA ALA C 269 -26.61 -31.65 5.59
C ALA C 269 -27.39 -32.02 6.86
N PRO C 270 -27.02 -33.13 7.52
CA PRO C 270 -27.70 -33.49 8.77
C PRO C 270 -27.34 -32.55 9.90
N MET C 271 -27.83 -32.83 11.10
CA MET C 271 -27.52 -32.03 12.27
C MET C 271 -26.02 -31.84 12.37
N GLN C 279 -21.46 -21.48 10.99
CA GLN C 279 -22.42 -22.28 10.24
C GLN C 279 -22.63 -21.71 8.85
N THR C 280 -22.53 -22.57 7.85
CA THR C 280 -22.63 -22.20 6.45
C THR C 280 -23.57 -23.17 5.76
N PRO C 281 -24.04 -22.83 4.56
CA PRO C 281 -24.94 -23.74 3.85
C PRO C 281 -24.33 -25.11 3.61
N GLN C 282 -23.00 -25.21 3.65
CA GLN C 282 -22.31 -26.45 3.34
C GLN C 282 -21.37 -26.89 4.46
N GLY C 283 -21.71 -26.62 5.72
CA GLY C 283 -20.96 -27.18 6.82
C GLY C 283 -20.63 -26.13 7.84
N ALA C 284 -19.60 -26.42 8.62
CA ALA C 284 -19.15 -25.56 9.72
C ALA C 284 -17.65 -25.32 9.61
N ILE C 285 -17.21 -24.21 10.20
CA ILE C 285 -15.82 -23.79 10.14
C ILE C 285 -15.34 -23.55 11.57
N ASN C 286 -14.16 -24.06 11.89
CA ASN C 286 -13.54 -23.89 13.21
C ASN C 286 -12.12 -23.40 13.00
N SER C 287 -11.96 -22.09 12.90
CA SER C 287 -10.64 -21.49 12.73
C SER C 287 -10.75 -20.00 13.02
N SER C 288 -9.59 -19.36 13.18
CA SER C 288 -9.52 -17.94 13.53
C SER C 288 -9.01 -17.08 12.40
N LEU C 289 -8.78 -17.63 11.21
CA LEU C 289 -8.29 -16.85 10.10
C LEU C 289 -9.37 -15.86 9.63
N PRO C 290 -8.97 -14.79 8.96
CA PRO C 290 -9.94 -13.76 8.58
C PRO C 290 -10.62 -14.03 7.25
N PHE C 291 -9.99 -14.84 6.40
CA PHE C 291 -10.47 -15.07 5.04
C PHE C 291 -10.93 -16.52 4.88
N GLN C 292 -11.95 -16.69 4.05
CA GLN C 292 -12.57 -18.00 3.84
C GLN C 292 -12.68 -18.28 2.36
N ASN C 293 -12.63 -19.57 2.01
CA ASN C 293 -12.88 -20.02 0.65
C ASN C 293 -14.21 -20.73 0.50
N VAL C 294 -14.85 -21.11 1.60
CA VAL C 294 -16.18 -21.70 1.55
C VAL C 294 -17.14 -20.63 1.04
N HIS C 295 -18.36 -21.04 0.69
CA HIS C 295 -19.29 -20.12 0.06
C HIS C 295 -19.45 -18.87 0.92
N PRO C 296 -19.48 -17.67 0.33
CA PRO C 296 -19.51 -16.46 1.15
C PRO C 296 -20.66 -16.40 2.13
N VAL C 297 -21.86 -16.82 1.72
CA VAL C 297 -23.04 -16.64 2.57
C VAL C 297 -22.84 -17.41 3.86
N THR C 298 -23.15 -16.74 4.98
CA THR C 298 -23.00 -17.33 6.30
C THR C 298 -23.93 -16.61 7.25
N ILE C 299 -23.91 -17.03 8.51
CA ILE C 299 -24.72 -16.43 9.57
C ILE C 299 -23.82 -16.13 10.75
N GLY C 300 -23.98 -14.95 11.32
CA GLY C 300 -23.18 -14.54 12.46
C GLY C 300 -21.78 -14.09 12.05
N GLU C 301 -21.01 -13.70 13.06
CA GLU C 301 -19.63 -13.31 12.81
C GLU C 301 -18.86 -14.46 12.16
N CYS C 302 -18.17 -14.15 11.07
CA CYS C 302 -17.46 -15.16 10.30
C CYS C 302 -16.35 -14.48 9.51
N PRO C 303 -15.33 -15.21 9.09
CA PRO C 303 -14.28 -14.60 8.27
C PRO C 303 -14.84 -14.07 6.96
N LYS C 304 -14.30 -12.94 6.52
CA LYS C 304 -14.71 -12.36 5.26
C LYS C 304 -14.35 -13.29 4.11
N TYR C 305 -15.28 -13.43 3.16
CA TYR C 305 -15.02 -14.27 2.00
C TYR C 305 -14.20 -13.52 0.97
N VAL C 306 -13.47 -14.29 0.15
CA VAL C 306 -12.60 -13.73 -0.87
C VAL C 306 -12.44 -14.75 -1.98
N ARG C 307 -12.28 -14.27 -3.21
CA ARG C 307 -12.11 -15.12 -4.37
C ARG C 307 -10.62 -15.23 -4.68
N SER C 308 -9.95 -16.15 -3.99
CA SER C 308 -8.53 -16.39 -4.20
C SER C 308 -8.22 -17.82 -3.81
N ALA C 309 -7.07 -18.30 -4.27
CA ALA C 309 -6.67 -19.70 -4.08
C ALA C 309 -5.74 -19.87 -2.89
N LYS C 310 -4.60 -19.18 -2.90
CA LYS C 310 -3.57 -19.36 -1.89
C LYS C 310 -3.10 -17.99 -1.40
N LEU C 311 -3.22 -17.76 -0.10
CA LEU C 311 -2.75 -16.53 0.55
C LEU C 311 -1.91 -16.96 1.75
N ARG C 312 -0.62 -17.20 1.52
CA ARG C 312 0.30 -17.64 2.57
C ARG C 312 1.25 -16.50 2.91
N MET C 313 1.35 -16.20 4.19
CA MET C 313 2.26 -15.18 4.67
C MET C 313 3.59 -15.82 5.06
N VAL C 314 4.66 -15.04 4.95
CA VAL C 314 6.01 -15.52 5.27
C VAL C 314 6.38 -15.02 6.66
N THR C 315 6.79 -15.94 7.53
CA THR C 315 7.19 -15.61 8.89
C THR C 315 8.62 -16.03 9.19
N GLY C 316 9.40 -16.39 8.16
CA GLY C 316 10.76 -16.82 8.38
C GLY C 316 11.67 -16.46 7.22
N LEU C 317 12.70 -17.27 7.00
CA LEU C 317 13.66 -17.04 5.93
C LEU C 317 13.51 -18.11 4.85
N ARG C 318 14.12 -17.84 3.70
CA ARG C 318 14.10 -18.78 2.59
C ARG C 318 14.72 -20.11 3.02
N ASN C 319 14.39 -21.16 2.29
CA ASN C 319 14.89 -22.51 2.58
C ASN C 319 15.38 -23.13 1.28
N ILE C 320 16.68 -23.01 1.02
CA ILE C 320 17.31 -23.69 -0.10
C ILE C 320 18.70 -24.12 0.36
N PRO C 321 19.06 -25.39 0.27
CA PRO C 321 20.39 -25.81 0.74
C PRO C 321 21.49 -25.06 -0.01
N SER C 322 22.53 -24.69 0.73
CA SER C 322 23.64 -23.93 0.17
C SER C 322 24.35 -24.72 -0.92
N PHE D 9 27.71 -14.23 2.81
CA PHE D 9 26.40 -13.54 2.61
C PHE D 9 25.29 -14.59 2.59
N ILE D 10 24.15 -14.27 1.98
CA ILE D 10 23.03 -15.18 1.89
C ILE D 10 23.26 -16.08 0.67
N GLU D 11 23.52 -17.35 0.91
CA GLU D 11 23.53 -18.37 -0.13
C GLU D 11 22.58 -19.51 0.18
N GLY D 12 22.63 -20.05 1.39
CA GLY D 12 21.77 -21.15 1.77
C GLY D 12 21.97 -21.53 3.22
N GLY D 13 20.89 -21.81 3.93
CA GLY D 13 20.99 -22.10 5.35
C GLY D 13 21.55 -23.49 5.61
N TRP D 14 22.42 -23.58 6.60
CA TRP D 14 23.00 -24.87 6.95
C TRP D 14 21.95 -25.78 7.55
N THR D 15 22.01 -27.06 7.21
CA THR D 15 21.09 -28.01 7.80
C THR D 15 21.29 -28.12 9.31
N GLY D 16 22.52 -27.99 9.78
CA GLY D 16 22.80 -28.03 11.19
C GLY D 16 22.27 -26.82 11.93
N MET D 17 22.65 -26.73 13.20
CA MET D 17 22.20 -25.65 14.08
C MET D 17 20.66 -25.60 14.07
N VAL D 18 20.11 -26.65 14.67
CA VAL D 18 18.68 -26.93 14.55
C VAL D 18 17.84 -25.74 15.03
N ASP D 19 18.21 -25.16 16.15
CA ASP D 19 17.38 -24.16 16.82
C ASP D 19 17.98 -22.78 16.67
N GLY D 20 17.14 -21.81 16.30
CA GLY D 20 17.54 -20.44 16.12
C GLY D 20 17.24 -19.95 14.71
N TRP D 21 17.65 -18.71 14.45
CA TRP D 21 17.52 -18.11 13.13
C TRP D 21 18.85 -17.69 12.55
N TYR D 22 19.76 -17.19 13.37
CA TYR D 22 21.11 -16.87 12.96
C TYR D 22 22.09 -17.52 13.93
N GLY D 23 23.36 -17.50 13.56
CA GLY D 23 24.38 -18.07 14.40
C GLY D 23 25.72 -18.09 13.69
N TYR D 24 26.69 -18.71 14.35
CA TYR D 24 28.04 -18.81 13.83
C TYR D 24 28.47 -20.27 13.84
N HIS D 25 29.33 -20.61 12.89
CA HIS D 25 29.95 -21.94 12.82
C HIS D 25 31.41 -21.76 13.20
N HIS D 26 31.68 -21.79 14.50
CA HIS D 26 33.04 -21.63 14.96
C HIS D 26 33.86 -22.87 14.65
N GLN D 27 35.17 -22.68 14.52
CA GLN D 27 36.09 -23.79 14.35
C GLN D 27 37.41 -23.41 14.98
N ASN D 28 38.01 -24.36 15.69
CA ASN D 28 39.26 -24.12 16.38
C ASN D 28 40.01 -25.44 16.50
N GLU D 29 41.30 -25.35 16.81
CA GLU D 29 42.12 -26.54 16.89
C GLU D 29 41.56 -27.55 17.90
N GLN D 30 40.82 -27.08 18.91
CA GLN D 30 40.31 -27.99 19.93
C GLN D 30 38.94 -28.55 19.56
N GLY D 31 38.10 -27.79 18.89
CA GLY D 31 36.75 -28.24 18.61
C GLY D 31 36.12 -27.44 17.51
N SER D 32 34.90 -27.85 17.15
CA SER D 32 34.14 -27.21 16.09
C SER D 32 32.67 -27.52 16.30
N GLY D 33 31.82 -26.73 15.67
CA GLY D 33 30.39 -26.93 15.79
C GLY D 33 29.64 -25.65 15.44
N TYR D 34 28.41 -25.58 15.95
CA TYR D 34 27.52 -24.46 15.69
C TYR D 34 27.26 -23.69 16.99
N ALA D 35 26.63 -22.53 16.82
CA ALA D 35 26.23 -21.71 17.97
C ALA D 35 25.26 -20.62 17.53
N ALA D 36 24.13 -20.49 18.23
CA ALA D 36 23.11 -19.52 17.88
C ALA D 36 23.30 -18.22 18.66
N ASP D 37 22.74 -17.15 18.11
CA ASP D 37 22.79 -15.82 18.72
C ASP D 37 21.37 -15.42 19.10
N GLN D 38 21.11 -15.34 20.41
CA GLN D 38 19.74 -15.13 20.87
C GLN D 38 19.31 -13.67 20.73
N LYS D 39 20.23 -12.73 20.93
CA LYS D 39 19.83 -11.32 21.06
C LYS D 39 19.14 -10.83 19.79
N SER D 40 19.70 -11.13 18.62
CA SER D 40 19.05 -10.72 17.38
C SER D 40 17.85 -11.62 17.05
N THR D 41 17.97 -12.91 17.36
CA THR D 41 16.90 -13.85 17.05
C THR D 41 15.61 -13.47 17.77
N GLN D 42 15.70 -13.16 19.06
CA GLN D 42 14.50 -12.80 19.81
C GLN D 42 13.88 -11.54 19.26
N ASN D 43 14.69 -10.53 18.93
CA ASN D 43 14.16 -9.31 18.34
C ASN D 43 13.40 -9.61 17.05
N ALA D 44 14.03 -10.38 16.15
CA ALA D 44 13.41 -10.65 14.87
C ALA D 44 12.09 -11.40 15.05
N ILE D 45 12.10 -12.47 15.84
CA ILE D 45 10.88 -13.27 16.00
C ILE D 45 9.79 -12.44 16.65
N ASN D 46 10.14 -11.66 17.68
CA ASN D 46 9.14 -10.84 18.35
C ASN D 46 8.51 -9.85 17.38
N GLN D 47 9.35 -9.17 16.59
CA GLN D 47 8.82 -8.18 15.66
C GLN D 47 7.90 -8.83 14.62
N ILE D 48 8.33 -9.96 14.06
CA ILE D 48 7.53 -10.60 13.02
C ILE D 48 6.22 -11.09 13.59
N THR D 49 6.25 -11.70 14.78
CA THR D 49 5.02 -12.18 15.40
C THR D 49 4.09 -11.01 15.71
N ASN D 50 4.63 -9.89 16.17
CA ASN D 50 3.81 -8.72 16.42
C ASN D 50 3.17 -8.22 15.14
N LYS D 51 3.92 -8.22 14.04
CA LYS D 51 3.34 -7.77 12.78
C LYS D 51 2.22 -8.70 12.33
N VAL D 52 2.41 -10.00 12.50
CA VAL D 52 1.35 -10.95 12.13
C VAL D 52 0.12 -10.71 12.99
N ASN D 53 0.31 -10.53 14.30
CA ASN D 53 -0.82 -10.27 15.18
C ASN D 53 -1.51 -8.97 14.83
N SER D 54 -0.76 -7.99 14.32
CA SER D 54 -1.35 -6.73 13.91
C SER D 54 -2.19 -6.91 12.66
N VAL D 55 -1.65 -7.59 11.65
CA VAL D 55 -2.37 -7.72 10.40
C VAL D 55 -3.60 -8.60 10.56
N ILE D 56 -3.50 -9.64 11.38
CA ILE D 56 -4.63 -10.56 11.54
C ILE D 56 -5.84 -9.83 12.13
N GLU D 57 -5.60 -9.00 13.14
CA GLU D 57 -6.69 -8.31 13.81
C GLU D 57 -7.20 -7.18 12.93
N LYS D 58 -8.10 -6.36 13.48
CA LYS D 58 -8.80 -5.28 12.81
C LYS D 58 -9.88 -5.79 11.86
N MET D 59 -10.03 -7.10 11.71
CA MET D 59 -11.06 -7.68 10.85
C MET D 59 -12.16 -8.21 11.76
N ASN D 60 -13.26 -7.47 11.84
CA ASN D 60 -14.42 -7.87 12.62
C ASN D 60 -15.69 -7.49 11.87
N THR D 61 -16.70 -8.36 11.98
CA THR D 61 -17.95 -8.16 11.26
C THR D 61 -19.11 -8.53 12.18
N GLN D 62 -20.26 -7.90 11.92
CA GLN D 62 -21.48 -8.10 12.68
C GLN D 62 -22.31 -9.21 12.02
N PHE D 63 -23.58 -9.28 12.39
CA PHE D 63 -24.49 -10.26 11.78
C PHE D 63 -24.75 -9.82 10.34
N THR D 64 -24.05 -10.47 9.40
CA THR D 64 -24.14 -10.11 7.98
C THR D 64 -25.01 -11.16 7.29
N ALA D 65 -26.32 -10.93 7.33
CA ALA D 65 -27.26 -11.80 6.61
C ALA D 65 -27.16 -11.46 5.13
N VAL D 66 -26.09 -11.95 4.51
CA VAL D 66 -25.81 -11.60 3.13
C VAL D 66 -26.94 -12.05 2.22
N GLY D 67 -27.44 -13.28 2.42
CA GLY D 67 -28.51 -13.78 1.61
C GLY D 67 -29.73 -12.89 1.66
N LYS D 68 -30.23 -12.48 0.49
CA LYS D 68 -31.39 -11.62 0.38
C LYS D 68 -32.32 -12.18 -0.69
N GLU D 69 -33.62 -11.92 -0.51
CA GLU D 69 -34.64 -12.38 -1.42
C GLU D 69 -35.32 -11.20 -2.09
N PHE D 70 -35.77 -11.41 -3.33
CA PHE D 70 -36.41 -10.36 -4.11
C PHE D 70 -37.50 -10.97 -4.97
N ASN D 71 -38.61 -10.24 -5.10
CA ASN D 71 -39.78 -10.76 -5.78
C ASN D 71 -39.61 -10.73 -7.29
N LYS D 72 -40.48 -11.48 -7.98
CA LYS D 72 -40.44 -11.52 -9.44
C LYS D 72 -40.61 -10.14 -10.03
N LEU D 73 -41.31 -9.25 -9.35
CA LEU D 73 -41.62 -7.92 -9.86
C LEU D 73 -40.57 -6.88 -9.50
N GLU D 74 -39.39 -7.31 -9.05
CA GLU D 74 -38.36 -6.38 -8.59
C GLU D 74 -36.98 -6.76 -9.11
N ARG D 75 -36.90 -7.15 -10.38
CA ARG D 75 -35.59 -7.53 -10.93
C ARG D 75 -34.58 -6.41 -10.78
N ARG D 76 -35.05 -5.16 -10.76
CA ARG D 76 -34.16 -4.03 -10.55
C ARG D 76 -33.40 -4.18 -9.23
N MET D 77 -34.11 -4.55 -8.17
CA MET D 77 -33.46 -4.77 -6.89
C MET D 77 -32.44 -5.89 -6.99
N GLU D 78 -32.78 -6.97 -7.69
CA GLU D 78 -31.84 -8.07 -7.86
C GLU D 78 -30.55 -7.58 -8.49
N ASN D 79 -30.67 -6.81 -9.58
CA ASN D 79 -29.48 -6.33 -10.26
C ASN D 79 -28.67 -5.41 -9.35
N LEU D 80 -29.34 -4.53 -8.62
CA LEU D 80 -28.63 -3.63 -7.73
C LEU D 80 -27.86 -4.39 -6.66
N ASN D 81 -28.53 -5.38 -6.05
CA ASN D 81 -27.89 -6.16 -5.00
C ASN D 81 -26.70 -6.95 -5.54
N LYS D 82 -26.86 -7.55 -6.72
CA LYS D 82 -25.73 -8.26 -7.33
C LYS D 82 -24.58 -7.30 -7.59
N LYS D 83 -24.89 -6.12 -8.10
CA LYS D 83 -23.84 -5.13 -8.35
C LYS D 83 -23.07 -4.83 -7.07
N VAL D 84 -23.78 -4.50 -5.99
CA VAL D 84 -23.08 -4.10 -4.78
C VAL D 84 -22.25 -5.26 -4.23
N ASP D 85 -22.83 -6.46 -4.24
CA ASP D 85 -22.12 -7.61 -3.67
C ASP D 85 -20.86 -7.93 -4.46
N ASP D 86 -20.97 -8.00 -5.78
CA ASP D 86 -19.80 -8.31 -6.59
C ASP D 86 -18.75 -7.22 -6.46
N GLY D 87 -19.17 -5.96 -6.40
CA GLY D 87 -18.21 -4.89 -6.21
C GLY D 87 -17.44 -5.03 -4.91
N PHE D 88 -18.17 -5.29 -3.82
CA PHE D 88 -17.49 -5.48 -2.54
C PHE D 88 -16.53 -6.66 -2.61
N LEU D 89 -16.96 -7.76 -3.21
CA LEU D 89 -16.10 -8.94 -3.31
C LEU D 89 -14.81 -8.60 -4.06
N ASP D 90 -14.93 -7.95 -5.21
CA ASP D 90 -13.75 -7.63 -6.01
C ASP D 90 -12.84 -6.67 -5.26
N ILE D 91 -13.40 -5.65 -4.63
CA ILE D 91 -12.58 -4.68 -3.92
C ILE D 91 -11.78 -5.38 -2.82
N TRP D 92 -12.46 -6.22 -2.03
CA TRP D 92 -11.77 -6.88 -0.93
C TRP D 92 -10.72 -7.86 -1.45
N THR D 93 -11.03 -8.58 -2.53
CA THR D 93 -10.03 -9.48 -3.10
C THR D 93 -8.77 -8.72 -3.47
N TYR D 94 -8.93 -7.64 -4.23
CA TYR D 94 -7.76 -6.89 -4.68
C TYR D 94 -6.98 -6.34 -3.49
N ASN D 95 -7.69 -5.78 -2.51
CA ASN D 95 -7.02 -5.18 -1.36
C ASN D 95 -6.23 -6.22 -0.60
N ALA D 96 -6.85 -7.37 -0.29
CA ALA D 96 -6.16 -8.38 0.49
C ALA D 96 -4.96 -8.94 -0.26
N GLU D 97 -5.12 -9.21 -1.56
CA GLU D 97 -4.00 -9.71 -2.34
C GLU D 97 -2.84 -8.73 -2.30
N LEU D 98 -3.12 -7.44 -2.53
CA LEU D 98 -2.05 -6.45 -2.52
C LEU D 98 -1.38 -6.41 -1.15
N LEU D 99 -2.16 -6.43 -0.07
CA LEU D 99 -1.57 -6.34 1.25
C LEU D 99 -0.64 -7.52 1.53
N VAL D 100 -1.11 -8.73 1.21
CA VAL D 100 -0.30 -9.92 1.52
C VAL D 100 0.97 -9.92 0.70
N LEU D 101 0.87 -9.57 -0.59
CA LEU D 101 2.07 -9.51 -1.42
C LEU D 101 3.05 -8.47 -0.88
N LEU D 102 2.54 -7.32 -0.47
CA LEU D 102 3.42 -6.27 0.04
C LEU D 102 4.15 -6.73 1.29
N GLU D 103 3.43 -7.36 2.22
CA GLU D 103 4.10 -7.82 3.44
C GLU D 103 5.12 -8.90 3.14
N ASN D 104 4.80 -9.81 2.22
CA ASN D 104 5.77 -10.83 1.84
C ASN D 104 7.04 -10.19 1.27
N GLU D 105 6.87 -9.19 0.42
CA GLU D 105 8.04 -8.51 -0.14
C GLU D 105 8.83 -7.83 0.97
N ARG D 106 8.14 -7.21 1.93
CA ARG D 106 8.81 -6.42 2.96
C ARG D 106 9.52 -7.29 3.99
N THR D 107 9.11 -8.54 4.16
CA THR D 107 9.71 -9.35 5.23
C THR D 107 11.10 -9.86 4.87
N LEU D 108 11.26 -10.40 3.64
CA LEU D 108 12.51 -11.06 3.30
C LEU D 108 13.67 -10.08 3.27
N ASP D 109 13.46 -8.91 2.68
CA ASP D 109 14.52 -7.89 2.65
C ASP D 109 14.88 -7.45 4.07
N PHE D 110 13.89 -7.37 4.96
CA PHE D 110 14.20 -7.03 6.35
C PHE D 110 15.09 -8.10 6.98
N HIS D 111 14.77 -9.37 6.73
CA HIS D 111 15.61 -10.44 7.27
C HIS D 111 17.04 -10.32 6.75
N ASP D 112 17.18 -10.08 5.45
CA ASP D 112 18.51 -9.95 4.86
C ASP D 112 19.25 -8.76 5.46
N SER D 113 18.54 -7.65 5.68
CA SER D 113 19.17 -6.47 6.27
C SER D 113 19.65 -6.78 7.68
N ASN D 114 18.86 -7.52 8.46
CA ASN D 114 19.30 -7.89 9.80
C ASN D 114 20.55 -8.75 9.74
N VAL D 115 20.59 -9.69 8.81
CA VAL D 115 21.79 -10.53 8.67
C VAL D 115 23.00 -9.68 8.32
N LYS D 116 22.83 -8.75 7.38
CA LYS D 116 23.94 -7.87 7.02
C LYS D 116 24.37 -7.03 8.22
N ASN D 117 23.41 -6.61 9.04
CA ASN D 117 23.76 -5.85 10.24
C ASN D 117 24.62 -6.68 11.17
N LEU D 118 24.25 -7.94 11.38
CA LEU D 118 25.07 -8.80 12.23
C LEU D 118 26.46 -8.97 11.64
N TYR D 119 26.53 -9.08 10.31
CA TYR D 119 27.84 -9.22 9.66
C TYR D 119 28.70 -8.00 9.91
N GLU D 120 28.15 -6.80 9.75
CA GLU D 120 28.98 -5.62 9.95
C GLU D 120 29.30 -5.43 11.43
N LYS D 121 28.42 -5.92 12.31
CA LYS D 121 28.73 -5.91 13.73
C LYS D 121 29.98 -6.73 14.02
N VAL D 122 30.01 -7.97 13.54
CA VAL D 122 31.17 -8.81 13.79
C VAL D 122 32.40 -8.22 13.12
N LYS D 123 32.23 -7.60 11.95
CA LYS D 123 33.34 -6.92 11.30
C LYS D 123 33.88 -5.80 12.20
N SER D 124 32.99 -5.03 12.81
CA SER D 124 33.41 -3.92 13.66
C SER D 124 34.09 -4.41 14.92
N GLN D 125 33.69 -5.58 15.42
CA GLN D 125 34.24 -6.06 16.69
C GLN D 125 35.76 -6.12 16.66
N LEU D 126 36.35 -6.37 15.49
CA LEU D 126 37.80 -6.37 15.35
C LEU D 126 38.13 -6.14 13.88
N LYS D 127 39.31 -5.58 13.63
CA LYS D 127 39.65 -5.06 12.31
C LYS D 127 40.77 -5.83 11.63
N ASN D 128 41.95 -5.92 12.25
CA ASN D 128 43.12 -6.48 11.59
C ASN D 128 43.65 -7.75 12.25
N ASN D 129 43.06 -8.19 13.37
CA ASN D 129 43.45 -9.48 13.91
C ASN D 129 42.99 -10.64 13.02
N ALA D 130 42.11 -10.37 12.06
CA ALA D 130 41.62 -11.40 11.15
C ALA D 130 41.78 -10.94 9.71
N LYS D 131 41.20 -11.70 8.77
CA LYS D 131 41.28 -11.35 7.36
C LYS D 131 40.09 -11.96 6.65
N GLU D 132 39.26 -11.12 6.02
CA GLU D 132 38.08 -11.62 5.34
C GLU D 132 38.47 -12.55 4.20
N ILE D 133 37.71 -13.63 4.05
CA ILE D 133 37.93 -14.60 2.99
C ILE D 133 36.79 -14.59 1.98
N GLY D 134 35.56 -14.36 2.43
CA GLY D 134 34.39 -14.38 1.59
C GLY D 134 33.29 -15.24 2.17
N ASN D 135 32.13 -15.17 1.54
CA ASN D 135 30.95 -15.91 1.97
C ASN D 135 30.67 -15.66 3.45
N GLY D 136 30.96 -14.45 3.92
CA GLY D 136 30.75 -14.11 5.31
C GLY D 136 31.56 -14.97 6.25
N CYS D 137 32.85 -15.12 5.98
CA CYS D 137 33.73 -15.92 6.80
C CYS D 137 34.99 -15.13 7.14
N PHE D 138 35.51 -15.37 8.35
CA PHE D 138 36.72 -14.72 8.83
C PHE D 138 37.63 -15.73 9.48
N GLU D 139 38.92 -15.39 9.53
CA GLU D 139 39.92 -16.21 10.20
C GLU D 139 40.95 -15.29 10.84
N PHE D 140 41.40 -15.66 12.02
CA PHE D 140 42.36 -14.85 12.76
C PHE D 140 43.78 -15.17 12.33
N TYR D 141 44.60 -14.12 12.18
CA TYR D 141 46.02 -14.34 11.96
C TYR D 141 46.65 -15.06 13.15
N HIS D 142 46.27 -14.66 14.36
CA HIS D 142 46.71 -15.34 15.56
C HIS D 142 45.87 -16.61 15.77
N LYS D 143 46.21 -17.35 16.81
CA LYS D 143 45.43 -18.51 17.25
C LYS D 143 44.90 -18.24 18.65
N CYS D 144 43.64 -18.60 18.87
CA CYS D 144 43.02 -18.42 20.18
C CYS D 144 42.24 -19.67 20.54
N ASN D 145 42.08 -19.90 21.84
CA ASN D 145 41.43 -21.09 22.36
C ASN D 145 39.92 -20.92 22.28
N ASN D 146 39.18 -21.80 22.96
CA ASN D 146 37.73 -21.78 22.88
C ASN D 146 37.15 -20.47 23.37
N GLU D 147 37.70 -19.92 24.46
CA GLU D 147 37.08 -18.78 25.11
C GLU D 147 37.01 -17.56 24.21
N CYS D 148 37.92 -17.45 23.23
CA CYS D 148 37.88 -16.29 22.34
C CYS D 148 36.58 -16.26 21.54
N MET D 149 36.00 -17.43 21.26
CA MET D 149 34.67 -17.46 20.65
C MET D 149 33.66 -16.70 21.50
N GLU D 150 33.58 -17.03 22.79
CA GLU D 150 32.66 -16.32 23.66
C GLU D 150 33.02 -14.84 23.71
N SER D 151 34.31 -14.53 23.73
CA SER D 151 34.74 -13.15 23.81
C SER D 151 34.21 -12.35 22.63
N VAL D 152 34.34 -12.90 21.42
CA VAL D 152 33.88 -12.19 20.24
C VAL D 152 32.35 -12.15 20.20
N LYS D 153 31.70 -13.24 20.61
CA LYS D 153 30.25 -13.28 20.56
C LYS D 153 29.64 -12.20 21.45
N ASN D 154 30.19 -12.02 22.65
CA ASN D 154 29.76 -10.92 23.51
C ASN D 154 30.23 -9.57 23.00
N GLY D 155 31.11 -9.55 22.00
CA GLY D 155 31.70 -8.30 21.56
C GLY D 155 32.83 -7.81 22.42
N THR D 156 33.36 -8.65 23.31
CA THR D 156 34.39 -8.27 24.25
C THR D 156 35.80 -8.52 23.73
N TYR D 157 35.97 -8.59 22.41
CA TYR D 157 37.30 -8.81 21.87
C TYR D 157 38.22 -7.66 22.29
N ASP D 158 39.41 -8.02 22.76
CA ASP D 158 40.39 -7.07 23.27
C ASP D 158 41.49 -6.95 22.23
N TYR D 159 41.43 -5.89 21.41
CA TYR D 159 42.33 -5.79 20.27
C TYR D 159 43.80 -5.80 20.67
N PRO D 160 44.27 -4.97 21.59
CA PRO D 160 45.69 -5.03 21.96
C PRO D 160 46.10 -6.37 22.53
N LYS D 161 45.20 -7.04 23.26
CA LYS D 161 45.55 -8.30 23.89
C LYS D 161 45.95 -9.34 22.87
N TYR D 162 45.22 -9.43 21.76
CA TYR D 162 45.52 -10.37 20.69
C TYR D 162 46.22 -9.72 19.51
N SER D 163 46.84 -8.55 19.73
CA SER D 163 47.65 -7.92 18.69
C SER D 163 48.93 -8.69 18.41
N GLU D 164 49.25 -9.69 19.23
CA GLU D 164 50.47 -10.46 19.05
C GLU D 164 50.55 -11.02 17.63
N GLU D 165 51.71 -10.84 17.00
CA GLU D 165 51.99 -11.40 15.69
C GLU D 165 50.99 -10.94 14.64
N SER D 166 50.20 -9.91 14.93
CA SER D 166 49.20 -9.40 14.00
C SER D 166 49.91 -8.59 12.92
N LYS D 167 50.70 -9.30 12.11
CA LYS D 167 51.55 -8.67 11.13
C LYS D 167 51.74 -9.61 9.94
N LEU D 168 52.43 -9.10 8.92
CA LEU D 168 52.75 -9.89 7.75
C LEU D 168 53.56 -11.12 8.15
N ASN D 169 52.99 -12.31 7.97
CA ASN D 169 53.66 -13.55 8.29
C ASN D 169 53.41 -14.60 7.20
N ARG D 170 53.14 -14.15 5.99
CA ARG D 170 52.83 -15.06 4.89
C ARG D 170 53.02 -14.35 3.55
N ASP E 1 41.33 18.20 17.52
CA ASP E 1 39.92 18.60 17.20
C ASP E 1 39.07 17.38 16.92
N THR E 2 37.74 17.58 16.86
CA THR E 2 36.83 16.46 16.71
C THR E 2 35.61 16.90 15.91
N ILE E 3 35.03 15.95 15.19
CA ILE E 3 33.78 16.14 14.46
C ILE E 3 32.86 14.99 14.79
N CYS E 4 31.57 15.29 14.94
CA CYS E 4 30.58 14.25 15.22
C CYS E 4 29.27 14.63 14.55
N ILE E 5 28.45 13.63 14.27
CA ILE E 5 27.18 13.81 13.58
C ILE E 5 26.05 13.58 14.57
N GLY E 6 24.90 14.19 14.28
CA GLY E 6 23.73 14.01 15.11
C GLY E 6 22.57 14.80 14.56
N TYR E 7 21.44 14.69 15.26
CA TYR E 7 20.21 15.34 14.86
C TYR E 7 19.58 16.03 16.08
N HIS E 8 18.93 17.16 15.82
CA HIS E 8 18.35 17.95 16.90
C HIS E 8 17.27 17.15 17.62
N ALA E 9 17.21 17.33 18.94
CA ALA E 9 16.23 16.67 19.79
C ALA E 9 15.60 17.69 20.72
N ASN E 10 14.42 17.35 21.24
CA ASN E 10 13.65 18.28 22.06
C ASN E 10 13.05 17.52 23.23
N ASN E 11 12.11 18.16 23.92
CA ASN E 11 11.54 17.63 25.15
C ASN E 11 10.03 17.43 25.04
N SER E 12 9.56 16.86 23.93
CA SER E 12 8.15 16.60 23.74
C SER E 12 7.94 15.13 23.44
N THR E 13 6.75 14.63 23.77
CA THR E 13 6.43 13.21 23.58
C THR E 13 5.74 12.97 22.23
N ASP E 14 4.57 13.56 22.04
CA ASP E 14 3.80 13.44 20.80
C ASP E 14 3.78 11.99 20.32
N THR E 15 3.16 11.14 21.13
CA THR E 15 3.19 9.71 20.87
C THR E 15 2.64 9.39 19.49
N VAL E 16 3.34 8.48 18.79
CA VAL E 16 2.93 8.00 17.48
C VAL E 16 3.18 6.50 17.42
N ASP E 17 2.63 5.86 16.39
CA ASP E 17 2.79 4.43 16.18
C ASP E 17 3.15 4.19 14.73
N THR E 18 3.77 3.04 14.47
CA THR E 18 4.26 2.72 13.14
C THR E 18 4.18 1.20 12.93
N VAL E 19 4.76 0.76 11.82
CA VAL E 19 4.73 -0.66 11.47
C VAL E 19 5.48 -1.50 12.49
N LEU E 20 6.57 -0.95 13.02
CA LEU E 20 7.49 -1.75 13.83
C LEU E 20 6.99 -1.89 15.27
N GLU E 21 6.70 -0.76 15.93
CA GLU E 21 6.47 -0.76 17.36
C GLU E 21 5.40 0.26 17.70
N LYS E 22 4.73 0.02 18.83
CA LYS E 22 3.71 0.93 19.34
C LYS E 22 4.34 1.94 20.30
N ASN E 23 3.69 3.09 20.41
CA ASN E 23 4.00 4.08 21.45
C ASN E 23 5.46 4.51 21.39
N VAL E 24 5.79 5.17 20.29
CA VAL E 24 7.12 5.74 20.07
C VAL E 24 6.98 7.25 19.92
N THR E 25 7.86 7.98 20.61
CA THR E 25 7.82 9.43 20.56
C THR E 25 8.46 9.95 19.28
N VAL E 26 8.24 11.23 19.00
CA VAL E 26 8.76 11.86 17.79
C VAL E 26 8.97 13.34 18.06
N THR E 27 10.00 13.91 17.44
CA THR E 27 10.30 15.32 17.63
C THR E 27 9.18 16.19 17.08
N HIS E 28 8.67 15.86 15.90
CA HIS E 28 7.62 16.67 15.27
C HIS E 28 6.66 15.76 14.54
N SER E 29 5.37 16.02 14.70
CA SER E 29 4.34 15.17 14.12
C SER E 29 3.14 16.03 13.76
N VAL E 30 2.28 15.48 12.90
CA VAL E 30 1.02 16.10 12.52
C VAL E 30 -0.08 15.07 12.67
N ASN E 31 -1.19 15.50 13.26
CA ASN E 31 -2.33 14.61 13.51
C ASN E 31 -3.38 14.83 12.43
N LEU E 32 -3.76 13.74 11.77
CA LEU E 32 -4.83 13.77 10.78
C LEU E 32 -6.19 13.42 11.37
N LEU E 33 -6.26 13.17 12.68
CA LEU E 33 -7.50 12.90 13.37
C LEU E 33 -7.88 14.12 14.19
N GLU E 34 -9.13 14.56 14.06
CA GLU E 34 -9.60 15.79 14.68
C GLU E 34 -10.69 15.48 15.69
N ASP E 35 -10.75 16.30 16.75
CA ASP E 35 -11.73 16.11 17.81
C ASP E 35 -12.37 17.40 18.29
N SER E 36 -12.07 18.54 17.67
CA SER E 36 -12.74 19.79 18.06
C SER E 36 -14.24 19.63 17.91
N HIS E 37 -14.98 20.12 18.89
CA HIS E 37 -16.41 19.87 18.96
C HIS E 37 -17.06 20.95 19.82
N ASN E 38 -18.39 20.88 19.92
CA ASN E 38 -19.23 21.72 20.77
C ASN E 38 -19.33 23.14 20.26
N GLY E 39 -18.63 23.51 19.19
CA GLY E 39 -18.85 24.80 18.59
C GLY E 39 -20.31 24.93 18.18
N LYS E 40 -20.96 26.01 18.59
CA LYS E 40 -22.38 26.16 18.31
C LYS E 40 -22.63 26.15 16.81
N LEU E 41 -23.65 25.39 16.40
CA LEU E 41 -24.01 25.34 14.99
C LEU E 41 -24.30 26.75 14.48
N CYS E 42 -23.67 27.12 13.37
CA CYS E 42 -23.77 28.48 12.86
C CYS E 42 -24.14 28.47 11.38
N LEU E 43 -24.11 29.64 10.75
CA LEU E 43 -24.47 29.78 9.35
C LEU E 43 -23.43 29.06 8.49
N LEU E 44 -23.81 27.92 7.92
CA LEU E 44 -22.88 27.19 7.06
C LEU E 44 -22.49 28.02 5.84
N LYS E 45 -23.47 28.70 5.23
CA LYS E 45 -23.25 29.54 4.05
C LYS E 45 -23.59 30.99 4.35
N GLY E 46 -23.42 31.41 5.60
CA GLY E 46 -23.74 32.77 5.97
C GLY E 46 -25.20 33.09 5.96
N ILE E 47 -26.07 32.08 6.02
CA ILE E 47 -27.51 32.26 6.02
C ILE E 47 -28.09 31.52 7.21
N ALA E 48 -29.28 31.95 7.63
CA ALA E 48 -29.95 31.32 8.75
C ALA E 48 -30.55 29.99 8.29
N PRO E 49 -30.18 28.86 8.90
CA PRO E 49 -30.82 27.61 8.53
C PRO E 49 -32.26 27.56 9.03
N LEU E 50 -33.09 26.83 8.29
CA LEU E 50 -34.51 26.75 8.61
C LEU E 50 -34.68 25.95 9.90
N GLN E 51 -34.93 26.65 11.00
CA GLN E 51 -35.18 26.03 12.29
C GLN E 51 -36.66 26.08 12.58
N LEU E 52 -37.23 24.91 12.88
CA LEU E 52 -38.67 24.75 13.06
C LEU E 52 -38.97 23.88 14.26
N GLY E 53 -38.15 23.98 15.29
CA GLY E 53 -38.35 23.17 16.47
C GLY E 53 -39.74 23.33 17.06
N ASN E 54 -40.11 22.37 17.90
CA ASN E 54 -41.40 22.27 18.57
C ASN E 54 -42.49 21.78 17.63
N CYS E 55 -42.21 21.62 16.34
CA CYS E 55 -43.21 21.11 15.40
C CYS E 55 -42.51 20.26 14.35
N SER E 56 -43.25 19.29 13.82
CA SER E 56 -42.71 18.38 12.82
C SER E 56 -42.69 19.06 11.45
N VAL E 57 -41.86 18.48 10.56
CA VAL E 57 -41.77 19.02 9.20
C VAL E 57 -43.13 18.94 8.52
N ALA E 58 -43.86 17.86 8.75
CA ALA E 58 -45.19 17.72 8.15
C ALA E 58 -46.10 18.86 8.56
N GLY E 59 -46.22 19.10 9.87
CA GLY E 59 -47.06 20.20 10.33
C GLY E 59 -46.57 21.54 9.83
N TRP E 60 -45.24 21.72 9.78
CA TRP E 60 -44.69 22.94 9.22
C TRP E 60 -45.20 23.18 7.81
N ILE E 61 -45.06 22.18 6.94
CA ILE E 61 -45.49 22.36 5.56
C ILE E 61 -47.01 22.47 5.47
N LEU E 62 -47.72 21.92 6.45
CA LEU E 62 -49.18 21.88 6.42
C LEU E 62 -49.80 22.87 7.41
N GLY E 63 -49.11 23.97 7.68
CA GLY E 63 -49.71 25.06 8.41
C GLY E 63 -50.25 24.69 9.78
N ASN E 64 -49.46 23.98 10.57
CA ASN E 64 -49.86 23.67 11.93
C ASN E 64 -49.93 24.96 12.74
N PRO E 65 -50.98 25.15 13.56
CA PRO E 65 -51.11 26.43 14.27
C PRO E 65 -49.98 26.72 15.24
N GLU E 66 -49.39 25.69 15.85
CA GLU E 66 -48.53 25.92 17.01
C GLU E 66 -47.30 26.75 16.66
N CYS E 67 -46.68 26.47 15.51
CA CYS E 67 -45.39 27.09 15.17
C CYS E 67 -45.53 28.47 14.55
N GLU E 68 -46.75 28.96 14.34
CA GLU E 68 -47.01 30.29 13.79
C GLU E 68 -46.60 30.43 12.33
N LEU E 69 -46.23 29.34 11.67
CA LEU E 69 -46.03 29.24 10.23
C LEU E 69 -44.69 29.81 9.76
N LEU E 70 -43.84 30.33 10.64
CA LEU E 70 -42.52 30.84 10.27
C LEU E 70 -42.60 31.58 8.93
N ILE E 71 -43.41 32.63 8.92
CA ILE E 71 -43.85 33.25 7.68
C ILE E 71 -42.66 33.68 6.81
N SER E 72 -41.53 34.03 7.42
CA SER E 72 -40.41 34.63 6.69
C SER E 72 -39.12 33.84 6.96
N LYS E 73 -38.73 33.01 6.00
CA LYS E 73 -37.38 32.45 5.97
C LYS E 73 -37.05 32.19 4.50
N GLU E 74 -36.42 33.19 3.87
CA GLU E 74 -36.18 33.11 2.44
C GLU E 74 -35.03 32.16 2.11
N SER E 75 -33.95 32.22 2.87
CA SER E 75 -32.74 31.44 2.59
C SER E 75 -32.53 30.46 3.73
N TRP E 76 -32.44 29.16 3.40
CA TRP E 76 -32.23 28.13 4.40
C TRP E 76 -31.41 27.02 3.75
N SER E 77 -30.12 26.99 4.06
CA SER E 77 -29.24 25.97 3.49
C SER E 77 -29.69 24.58 3.92
N TYR E 78 -30.02 24.41 5.19
CA TYR E 78 -30.39 23.11 5.72
C TYR E 78 -31.49 23.29 6.77
N ILE E 79 -32.14 22.18 7.11
CA ILE E 79 -33.23 22.16 8.07
C ILE E 79 -32.76 21.39 9.29
N VAL E 80 -32.91 21.99 10.47
CA VAL E 80 -32.62 21.33 11.74
C VAL E 80 -33.93 21.12 12.45
N GLU E 81 -34.23 19.86 12.79
CA GLU E 81 -35.48 19.48 13.39
C GLU E 81 -35.24 18.91 14.79
N THR E 82 -36.18 19.17 15.69
CA THR E 82 -36.09 18.59 17.02
C THR E 82 -36.23 17.07 16.92
N PRO E 83 -35.34 16.29 17.55
CA PRO E 83 -35.46 14.83 17.42
C PRO E 83 -36.82 14.30 17.82
N ASN E 84 -37.45 14.90 18.82
CA ASN E 84 -38.78 14.50 19.27
C ASN E 84 -39.78 15.55 18.84
N PRO E 85 -40.67 15.27 17.89
CA PRO E 85 -41.62 16.30 17.44
C PRO E 85 -42.67 16.62 18.51
N GLU E 86 -43.20 17.84 18.41
CA GLU E 86 -44.27 18.30 19.27
C GLU E 86 -45.43 18.79 18.42
N ASN E 87 -46.62 18.22 18.66
CA ASN E 87 -47.81 18.56 17.88
C ASN E 87 -47.50 18.52 16.39
N GLY E 88 -46.84 17.45 15.97
CA GLY E 88 -46.34 17.36 14.61
C GLY E 88 -47.40 17.14 13.56
N THR E 89 -48.60 16.74 13.96
CA THR E 89 -49.69 16.55 13.00
C THR E 89 -51.00 16.81 13.74
N CYS E 90 -51.55 18.01 13.56
CA CYS E 90 -52.68 18.46 14.36
C CYS E 90 -53.84 17.45 14.31
N TYR E 91 -54.25 17.09 13.12
CA TYR E 91 -55.38 16.19 12.94
C TYR E 91 -54.86 14.77 12.74
N PRO E 92 -55.38 13.77 13.44
CA PRO E 92 -54.93 12.39 13.18
C PRO E 92 -55.14 12.03 11.72
N GLY E 93 -54.11 11.45 11.11
CA GLY E 93 -54.20 11.18 9.68
C GLY E 93 -53.08 10.29 9.21
N TYR E 94 -53.29 9.72 8.03
CA TYR E 94 -52.31 8.88 7.36
C TYR E 94 -51.77 9.64 6.16
N PHE E 95 -50.53 10.09 6.26
CA PHE E 95 -49.88 10.83 5.19
C PHE E 95 -48.88 9.90 4.50
N ALA E 96 -49.03 9.75 3.19
CA ALA E 96 -48.28 8.76 2.43
C ALA E 96 -46.98 9.32 1.89
N ASP E 97 -46.16 8.42 1.36
CA ASP E 97 -44.99 8.75 0.54
C ASP E 97 -44.15 9.86 1.19
N TYR E 98 -43.73 9.60 2.42
CA TYR E 98 -42.86 10.53 3.13
C TYR E 98 -41.38 10.16 2.96
N GLU E 99 -40.99 9.99 1.70
CA GLU E 99 -39.59 9.91 1.33
C GLU E 99 -39.30 10.66 0.04
N GLU E 100 -40.31 11.29 -0.55
CA GLU E 100 -40.17 12.03 -1.79
C GLU E 100 -40.47 13.51 -1.62
N LEU E 101 -41.23 13.88 -0.60
CA LEU E 101 -41.32 15.28 -0.20
C LEU E 101 -40.15 15.66 0.69
N ARG E 102 -39.91 14.86 1.74
CA ARG E 102 -38.79 15.15 2.62
C ARG E 102 -37.46 15.15 1.89
N GLU E 103 -37.38 14.49 0.74
CA GLU E 103 -36.18 14.52 -0.08
C GLU E 103 -36.22 15.58 -1.16
N GLN E 104 -37.36 16.24 -1.34
CA GLN E 104 -37.45 17.35 -2.28
C GLN E 104 -37.01 18.67 -1.63
N LEU E 105 -37.14 18.79 -0.32
CA LEU E 105 -36.81 20.01 0.39
C LEU E 105 -35.40 20.00 0.94
N SER E 106 -34.56 19.05 0.54
CA SER E 106 -33.18 19.01 0.97
C SER E 106 -32.27 19.94 0.18
N SER E 107 -32.75 20.50 -0.92
CA SER E 107 -31.93 21.35 -1.79
C SER E 107 -32.48 22.76 -1.91
N VAL E 108 -33.78 22.91 -2.17
CA VAL E 108 -34.35 24.23 -2.39
C VAL E 108 -33.98 25.15 -1.25
N SER E 109 -33.50 26.35 -1.59
CA SER E 109 -33.09 27.33 -0.60
C SER E 109 -33.79 28.66 -0.81
N SER E 110 -34.92 28.66 -1.52
CA SER E 110 -35.68 29.87 -1.76
C SER E 110 -37.13 29.50 -2.03
N PHE E 111 -38.02 29.96 -1.15
CA PHE E 111 -39.43 29.65 -1.26
C PHE E 111 -40.17 30.92 -1.66
N GLU E 112 -40.94 30.84 -2.74
CA GLU E 112 -41.82 31.92 -3.16
C GLU E 112 -43.24 31.55 -2.73
N ARG E 113 -43.50 31.69 -1.43
CA ARG E 113 -44.84 31.42 -0.92
C ARG E 113 -45.85 32.23 -1.69
N PHE E 114 -46.91 31.58 -2.13
CA PHE E 114 -47.81 32.17 -3.12
C PHE E 114 -49.19 31.56 -2.94
N GLU E 115 -50.19 32.41 -2.73
CA GLU E 115 -51.55 31.92 -2.47
C GLU E 115 -52.05 31.26 -3.76
N ILE E 116 -51.97 29.93 -3.80
CA ILE E 116 -52.23 29.20 -5.03
C ILE E 116 -53.66 29.43 -5.51
N PHE E 117 -54.61 29.46 -4.58
CA PHE E 117 -56.02 29.50 -4.92
C PHE E 117 -56.69 30.72 -4.30
N PRO E 118 -57.81 31.18 -4.87
CA PRO E 118 -58.56 32.28 -4.28
C PRO E 118 -59.60 31.80 -3.29
N LYS E 119 -59.67 32.49 -2.16
CA LYS E 119 -60.63 32.18 -1.09
C LYS E 119 -61.52 33.38 -0.82
N GLU E 120 -61.86 34.12 -1.87
CA GLU E 120 -62.69 35.32 -1.74
C GLU E 120 -63.89 35.33 -2.66
N SER E 121 -63.76 34.80 -3.88
CA SER E 121 -64.82 34.90 -4.87
C SER E 121 -65.19 33.55 -5.48
N SER E 122 -64.24 32.66 -5.68
CA SER E 122 -64.49 31.42 -6.42
C SER E 122 -65.10 30.33 -5.54
N TRP E 123 -65.29 30.57 -4.24
CA TRP E 123 -65.84 29.56 -3.34
C TRP E 123 -67.00 30.14 -2.54
N PRO E 124 -68.00 30.73 -3.21
CA PRO E 124 -69.16 31.25 -2.48
C PRO E 124 -70.11 30.14 -2.09
N ASN E 125 -70.27 29.15 -2.97
CA ASN E 125 -71.14 28.02 -2.70
C ASN E 125 -70.55 27.10 -1.64
N HIS E 126 -69.25 27.17 -1.41
CA HIS E 126 -68.58 26.30 -0.45
C HIS E 126 -68.61 26.92 0.93
N THR E 127 -68.91 26.11 1.93
CA THR E 127 -69.00 26.55 3.32
C THR E 127 -67.64 26.39 3.97
N VAL E 128 -66.76 27.35 3.71
CA VAL E 128 -65.41 27.32 4.23
C VAL E 128 -65.45 27.65 5.72
N THR E 129 -65.44 26.61 6.56
CA THR E 129 -65.45 26.78 8.00
C THR E 129 -65.36 25.38 8.61
N GLY E 130 -65.23 25.34 9.94
CA GLY E 130 -65.13 24.09 10.64
C GLY E 130 -63.88 24.01 11.50
N VAL E 131 -63.92 23.19 12.55
CA VAL E 131 -62.82 23.07 13.49
C VAL E 131 -62.83 21.65 14.05
N SER E 132 -61.70 21.28 14.67
CA SER E 132 -61.58 20.02 15.39
C SER E 132 -61.07 20.31 16.79
N ALA E 133 -61.76 19.76 17.79
CA ALA E 133 -61.34 19.98 19.18
C ALA E 133 -59.88 19.60 19.36
N SER E 134 -59.44 18.52 18.72
CA SER E 134 -58.04 18.12 18.78
C SER E 134 -57.12 19.11 18.09
N CYS E 135 -57.67 20.05 17.31
CA CYS E 135 -56.88 21.07 16.63
C CYS E 135 -57.33 22.46 17.04
N SER E 136 -57.74 22.62 18.30
CA SER E 136 -58.14 23.92 18.82
C SER E 136 -56.88 24.66 19.28
N HIS E 137 -56.50 25.69 18.53
CA HIS E 137 -55.27 26.41 18.81
C HIS E 137 -55.48 27.42 19.94
N ASN E 138 -54.46 27.56 20.78
CA ASN E 138 -54.43 28.57 21.84
C ASN E 138 -55.74 28.57 22.63
N GLY E 139 -56.26 27.38 22.88
CA GLY E 139 -57.50 27.26 23.63
C GLY E 139 -58.74 27.63 22.86
N LYS E 140 -58.64 27.83 21.55
CA LYS E 140 -59.80 28.15 20.72
C LYS E 140 -59.80 27.23 19.50
N SER E 141 -60.99 26.90 19.03
CA SER E 141 -61.15 25.90 17.99
C SER E 141 -60.71 26.45 16.63
N SER E 142 -59.93 25.66 15.91
CA SER E 142 -59.48 26.02 14.57
C SER E 142 -59.10 24.74 13.84
N PHE E 143 -58.76 24.87 12.56
CA PHE E 143 -58.48 23.72 11.71
C PHE E 143 -57.04 23.66 11.24
N TYR E 144 -56.57 24.65 10.51
CA TYR E 144 -55.23 24.60 9.92
C TYR E 144 -54.91 25.98 9.36
N ARG E 145 -53.75 26.11 8.71
CA ARG E 145 -53.33 27.39 8.15
C ARG E 145 -52.93 27.28 6.69
N ASN E 146 -52.45 26.13 6.25
CA ASN E 146 -52.02 25.94 4.87
C ASN E 146 -53.13 25.38 3.97
N LEU E 147 -54.32 25.14 4.51
CA LEU E 147 -55.41 24.59 3.72
C LEU E 147 -56.66 24.56 4.58
N LEU E 148 -57.82 24.48 3.92
CA LEU E 148 -59.10 24.73 4.57
C LEU E 148 -60.06 23.58 4.34
N TRP E 149 -60.74 23.18 5.41
CA TRP E 149 -61.86 22.26 5.32
C TRP E 149 -62.93 22.83 4.38
N LEU E 150 -63.80 21.95 3.90
CA LEU E 150 -64.92 22.38 3.06
C LEU E 150 -66.18 21.62 3.39
N TYR E 157 -74.47 21.24 -2.13
CA TYR E 157 -73.07 20.96 -2.47
C TYR E 157 -72.91 20.72 -3.97
N PRO E 158 -72.11 21.53 -4.65
CA PRO E 158 -71.88 21.36 -6.07
C PRO E 158 -70.67 20.48 -6.37
N ASN E 159 -70.57 20.07 -7.62
CA ASN E 159 -69.45 19.25 -8.09
C ASN E 159 -68.26 20.17 -8.31
N LEU E 160 -67.44 20.31 -7.27
CA LEU E 160 -66.30 21.21 -7.33
C LEU E 160 -65.40 20.85 -8.50
N SER E 161 -65.04 21.87 -9.29
CA SER E 161 -64.10 21.69 -10.40
C SER E 161 -63.27 22.95 -10.51
N LYS E 162 -61.94 22.79 -10.50
CA LYS E 162 -61.05 23.93 -10.58
C LYS E 162 -59.69 23.45 -11.06
N SER E 163 -58.86 24.41 -11.47
CA SER E 163 -57.55 24.10 -12.02
C SER E 163 -56.60 25.25 -11.73
N TYR E 164 -55.31 24.98 -11.89
CA TYR E 164 -54.30 26.00 -11.69
C TYR E 164 -53.92 26.61 -13.03
N VAL E 165 -53.72 27.93 -13.02
CA VAL E 165 -53.42 28.68 -14.24
C VAL E 165 -52.00 28.42 -14.72
N ASN E 166 -51.16 27.86 -13.84
CA ASN E 166 -49.79 27.45 -14.18
C ASN E 166 -49.02 28.55 -14.90
N ASN E 167 -49.15 29.81 -14.45
CA ASN E 167 -48.57 30.93 -15.17
C ASN E 167 -47.09 31.14 -14.85
N LYS E 168 -46.73 31.13 -13.57
CA LYS E 168 -45.34 31.37 -13.20
C LYS E 168 -44.44 30.29 -13.76
N GLU E 169 -43.27 30.69 -14.26
CA GLU E 169 -42.34 29.77 -14.89
C GLU E 169 -41.38 29.17 -13.86
N LYS E 170 -41.98 28.46 -12.90
CA LYS E 170 -41.21 27.77 -11.87
C LYS E 170 -42.01 26.58 -11.37
N GLU E 171 -41.31 25.65 -10.73
CA GLU E 171 -41.97 24.48 -10.18
C GLU E 171 -42.91 24.88 -9.06
N VAL E 172 -44.14 24.37 -9.12
CA VAL E 172 -45.18 24.69 -8.14
C VAL E 172 -45.63 23.40 -7.47
N LEU E 173 -45.73 23.44 -6.16
CA LEU E 173 -46.10 22.29 -5.35
C LEU E 173 -47.52 22.48 -4.83
N VAL E 174 -48.25 21.38 -4.70
CA VAL E 174 -49.62 21.42 -4.19
C VAL E 174 -49.85 20.18 -3.32
N LEU E 175 -50.28 20.39 -2.09
CA LEU E 175 -50.60 19.32 -1.17
C LEU E 175 -52.08 19.39 -0.81
N TRP E 176 -52.68 18.24 -0.56
CA TRP E 176 -54.09 18.20 -0.18
C TRP E 176 -54.40 16.85 0.44
N GLY E 177 -55.68 16.63 0.72
CA GLY E 177 -56.12 15.38 1.30
C GLY E 177 -57.63 15.23 1.15
N VAL E 178 -58.15 14.17 1.73
CA VAL E 178 -59.58 13.86 1.66
C VAL E 178 -60.07 13.48 3.04
N HIS E 179 -61.28 13.95 3.35
CA HIS E 179 -61.92 13.65 4.63
C HIS E 179 -62.34 12.20 4.70
N HIS E 180 -62.17 11.59 5.88
CA HIS E 180 -62.43 10.18 6.11
C HIS E 180 -63.41 10.06 7.27
N PRO E 181 -64.69 10.31 7.03
CA PRO E 181 -65.67 10.30 8.12
C PRO E 181 -65.78 8.93 8.75
N PRO E 182 -65.39 8.77 10.03
CA PRO E 182 -65.38 7.42 10.63
C PRO E 182 -66.73 7.04 11.20
N ASN E 183 -67.72 6.90 10.33
CA ASN E 183 -69.08 6.61 10.76
C ASN E 183 -69.95 6.17 9.59
N ALA E 196 -67.52 9.30 -3.40
CA ALA E 196 -66.77 10.54 -3.62
C ALA E 196 -65.55 10.27 -4.49
N TYR E 197 -65.65 10.63 -5.78
CA TYR E 197 -64.62 10.31 -6.75
C TYR E 197 -63.53 11.37 -6.80
N VAL E 198 -62.92 11.67 -5.65
CA VAL E 198 -61.78 12.57 -5.62
C VAL E 198 -60.77 12.09 -6.63
N SER E 199 -60.38 12.97 -7.56
CA SER E 199 -59.50 12.56 -8.65
C SER E 199 -58.64 13.75 -9.07
N VAL E 200 -57.43 13.83 -8.52
CA VAL E 200 -56.44 14.71 -9.10
C VAL E 200 -56.11 14.19 -10.50
N VAL E 201 -56.00 15.10 -11.45
CA VAL E 201 -55.74 14.71 -12.84
C VAL E 201 -54.67 15.61 -13.44
N SER E 202 -53.44 15.14 -13.48
CA SER E 202 -52.37 15.85 -14.14
C SER E 202 -52.36 15.53 -15.63
N SER E 203 -51.62 16.34 -16.38
CA SER E 203 -51.45 16.06 -17.80
C SER E 203 -50.79 14.70 -18.01
N HIS E 204 -49.90 14.30 -17.10
CA HIS E 204 -49.20 13.03 -17.20
C HIS E 204 -49.12 12.35 -15.84
N TYR E 205 -50.22 12.37 -15.09
CA TYR E 205 -50.31 11.66 -13.83
C TYR E 205 -51.76 11.65 -13.38
N SER E 206 -52.22 10.50 -12.90
CA SER E 206 -53.62 10.34 -12.54
C SER E 206 -53.75 9.42 -11.34
N ARG E 207 -54.82 9.64 -10.57
CA ARG E 207 -55.19 8.76 -9.47
C ARG E 207 -56.68 8.93 -9.22
N ARG E 208 -57.25 8.00 -8.47
CA ARG E 208 -58.70 8.03 -8.21
C ARG E 208 -58.94 7.39 -6.85
N PHE E 209 -59.08 8.22 -5.82
CA PHE E 209 -59.34 7.71 -4.48
C PHE E 209 -60.84 7.76 -4.19
N THR E 210 -61.24 7.05 -3.15
CA THR E 210 -62.64 6.94 -2.76
C THR E 210 -62.75 7.10 -1.25
N PRO E 211 -63.93 7.43 -0.75
CA PRO E 211 -64.10 7.61 0.70
C PRO E 211 -64.35 6.29 1.40
N GLU E 212 -63.83 6.18 2.61
CA GLU E 212 -64.03 5.01 3.47
C GLU E 212 -64.92 5.39 4.64
N ILE E 213 -65.63 4.39 5.17
CA ILE E 213 -66.57 4.62 6.26
C ILE E 213 -66.32 3.60 7.37
N ALA E 214 -65.25 2.82 7.25
CA ALA E 214 -64.99 1.78 8.22
C ALA E 214 -64.69 2.37 9.60
N LYS E 215 -65.05 1.62 10.63
CA LYS E 215 -64.82 2.06 12.00
C LYS E 215 -63.33 2.22 12.28
N ARG E 216 -63.02 3.13 13.20
CA ARG E 216 -61.64 3.42 13.57
C ARG E 216 -61.54 3.50 15.08
N PRO E 217 -60.39 3.13 15.65
CA PRO E 217 -60.18 3.37 17.08
C PRO E 217 -59.93 4.85 17.36
N LYS E 218 -60.13 5.23 18.61
CA LYS E 218 -59.93 6.62 19.01
C LYS E 218 -58.44 6.88 19.24
N VAL E 219 -57.94 7.97 18.67
CA VAL E 219 -56.56 8.40 18.87
C VAL E 219 -56.53 9.92 18.86
N ARG E 220 -55.73 10.49 19.77
CA ARG E 220 -55.66 11.94 19.92
C ARG E 220 -57.05 12.53 20.09
N ASP E 221 -57.91 11.78 20.76
CA ASP E 221 -59.29 12.15 21.07
C ASP E 221 -60.20 12.13 19.85
N GLN E 222 -59.67 11.87 18.65
CA GLN E 222 -60.48 11.85 17.44
C GLN E 222 -60.79 10.41 17.05
N GLU E 223 -61.85 10.25 16.26
CA GLU E 223 -62.43 8.96 15.97
C GLU E 223 -62.06 8.43 14.59
N GLY E 224 -61.00 8.97 13.98
CA GLY E 224 -60.58 8.47 12.69
C GLY E 224 -59.34 9.16 12.15
N ARG E 225 -59.38 9.51 10.87
CA ARG E 225 -58.22 10.09 10.22
C ARG E 225 -58.67 10.88 9.00
N ILE E 226 -57.74 11.62 8.41
CA ILE E 226 -57.91 12.26 7.12
C ILE E 226 -56.55 12.28 6.43
N ASN E 227 -56.43 11.60 5.30
CA ASN E 227 -55.15 11.38 4.66
C ASN E 227 -54.88 12.45 3.61
N TYR E 228 -53.59 12.77 3.45
CA TYR E 228 -53.14 13.82 2.56
C TYR E 228 -52.21 13.26 1.50
N TYR E 229 -52.27 13.85 0.31
CA TYR E 229 -51.43 13.50 -0.82
C TYR E 229 -50.71 14.74 -1.30
N TRP E 230 -49.89 14.61 -2.33
CA TRP E 230 -49.18 15.77 -2.86
C TRP E 230 -48.52 15.40 -4.18
N THR E 231 -48.56 16.34 -5.11
CA THR E 231 -47.99 16.16 -6.44
C THR E 231 -47.13 17.36 -6.80
N LEU E 232 -46.15 17.10 -7.67
CA LEU E 232 -45.24 18.13 -8.16
C LEU E 232 -45.46 18.29 -9.66
N LEU E 233 -45.62 19.53 -10.12
CA LEU E 233 -45.82 19.81 -11.53
C LEU E 233 -44.88 20.93 -11.97
N GLU E 234 -44.35 20.79 -13.18
CA GLU E 234 -43.37 21.72 -13.73
C GLU E 234 -44.07 22.82 -14.51
N PRO E 235 -43.32 23.82 -14.98
CA PRO E 235 -43.93 24.84 -15.84
C PRO E 235 -44.51 24.22 -17.10
N GLY E 236 -45.63 24.80 -17.54
CA GLY E 236 -46.32 24.28 -18.70
C GLY E 236 -47.32 23.18 -18.41
N ASP E 237 -47.51 22.83 -17.15
CA ASP E 237 -48.49 21.82 -16.76
C ASP E 237 -49.80 22.49 -16.37
N THR E 238 -50.80 21.66 -16.06
CA THR E 238 -52.06 22.16 -15.55
C THR E 238 -52.81 21.00 -14.92
N ILE E 239 -53.15 21.12 -13.65
CA ILE E 239 -53.77 20.05 -12.88
C ILE E 239 -55.20 20.46 -12.55
N ILE E 240 -56.14 19.57 -12.82
CA ILE E 240 -57.56 19.84 -12.64
C ILE E 240 -58.11 18.91 -11.57
N PHE E 241 -58.77 19.47 -10.57
CA PHE E 241 -59.25 18.72 -9.44
C PHE E 241 -60.70 18.28 -9.66
N GLU E 242 -61.21 17.49 -8.72
CA GLU E 242 -62.62 17.14 -8.70
C GLU E 242 -62.94 16.35 -7.44
N ALA E 243 -64.18 16.41 -6.98
CA ALA E 243 -64.62 15.63 -5.83
C ALA E 243 -66.10 15.86 -5.63
N ASN E 244 -66.75 14.89 -4.99
CA ASN E 244 -68.18 14.96 -4.74
C ASN E 244 -68.51 14.98 -3.25
N GLY E 245 -67.95 14.06 -2.48
CA GLY E 245 -68.32 13.92 -1.08
C GLY E 245 -67.45 14.70 -0.12
N ASN E 246 -66.15 14.81 -0.42
CA ASN E 246 -65.24 15.54 0.45
C ASN E 246 -64.02 15.96 -0.35
N LEU E 247 -63.29 16.92 0.21
CA LEU E 247 -62.07 17.41 -0.39
C LEU E 247 -61.41 18.39 0.58
N ILE E 248 -60.09 18.44 0.54
CA ILE E 248 -59.30 19.34 1.37
C ILE E 248 -58.55 20.26 0.42
N ALA E 249 -59.14 21.41 0.11
CA ALA E 249 -58.58 22.29 -0.90
C ALA E 249 -57.27 22.92 -0.39
N PRO E 250 -56.30 23.13 -1.27
CA PRO E 250 -55.09 23.84 -0.86
C PRO E 250 -55.24 25.36 -0.97
N TRP E 251 -54.40 26.05 -0.21
CA TRP E 251 -54.45 27.50 -0.14
C TRP E 251 -53.08 28.17 -0.22
N TYR E 252 -51.99 27.41 -0.19
CA TYR E 252 -50.66 27.97 -0.28
C TYR E 252 -49.73 26.96 -0.95
N ALA E 253 -49.17 27.33 -2.09
CA ALA E 253 -48.24 26.49 -2.83
C ALA E 253 -46.83 26.93 -2.47
N PHE E 254 -46.09 26.06 -1.78
CA PHE E 254 -44.73 26.38 -1.37
C PHE E 254 -43.78 26.32 -2.57
N ALA E 255 -43.89 27.29 -3.46
CA ALA E 255 -43.09 27.28 -4.69
C ALA E 255 -41.61 27.17 -4.35
N LEU E 256 -40.90 26.35 -5.11
CA LEU E 256 -39.53 25.97 -4.78
C LEU E 256 -38.54 26.71 -5.67
N SER E 257 -37.25 26.42 -5.47
CA SER E 257 -36.18 26.97 -6.28
C SER E 257 -35.14 25.89 -6.56
N ARG E 258 -35.60 24.64 -6.65
CA ARG E 258 -34.73 23.48 -6.82
C ARG E 258 -33.60 23.73 -7.82
N GLY E 263 -31.05 19.34 3.41
CA GLY E 263 -30.87 18.15 4.22
C GLY E 263 -31.65 18.21 5.53
N ILE E 264 -31.45 17.20 6.37
CA ILE E 264 -32.15 17.08 7.64
C ILE E 264 -31.13 16.83 8.74
N ILE E 265 -31.31 17.51 9.87
CA ILE E 265 -30.45 17.32 11.03
C ILE E 265 -31.33 17.25 12.27
N THR E 266 -31.54 16.05 12.80
CA THR E 266 -32.38 15.84 13.98
C THR E 266 -31.50 16.05 15.21
N SER E 267 -31.67 17.19 15.87
CA SER E 267 -30.90 17.53 17.06
C SER E 267 -31.45 18.84 17.62
N ASN E 268 -30.88 19.26 18.74
CA ASN E 268 -31.30 20.49 19.40
C ASN E 268 -30.10 21.13 20.07
N ALA E 269 -29.89 22.41 19.81
CA ALA E 269 -28.80 23.16 20.42
C ALA E 269 -28.98 24.63 20.05
N PRO E 270 -28.44 25.55 20.86
CA PRO E 270 -28.54 26.97 20.51
C PRO E 270 -27.83 27.28 19.20
N MET E 271 -28.37 28.25 18.47
CA MET E 271 -27.78 28.67 17.21
C MET E 271 -26.31 29.03 17.40
N GLN E 279 -22.55 21.91 8.94
CA GLN E 279 -22.59 21.64 10.37
C GLN E 279 -22.88 20.16 10.62
N THR E 280 -22.99 19.80 11.89
CA THR E 280 -23.29 18.45 12.32
C THR E 280 -24.38 18.49 13.38
N PRO E 281 -25.02 17.35 13.66
CA PRO E 281 -26.06 17.34 14.70
C PRO E 281 -25.54 17.73 16.07
N GLN E 282 -24.24 17.66 16.29
CA GLN E 282 -23.63 17.94 17.58
C GLN E 282 -22.61 19.07 17.48
N GLY E 283 -22.96 20.13 16.77
CA GLY E 283 -22.13 21.33 16.77
C GLY E 283 -21.49 21.66 15.44
N ALA E 284 -20.33 22.31 15.49
CA ALA E 284 -19.63 22.77 14.29
C ALA E 284 -18.16 22.39 14.39
N ILE E 285 -17.54 22.23 13.23
CA ILE E 285 -16.13 21.85 13.11
C ILE E 285 -15.44 22.86 12.22
N ASN E 286 -14.28 23.34 12.66
CA ASN E 286 -13.48 24.31 11.91
C ASN E 286 -12.06 23.77 11.80
N SER E 287 -11.82 22.95 10.77
CA SER E 287 -10.51 22.39 10.53
C SER E 287 -10.43 21.91 9.09
N SER E 288 -9.21 21.66 8.62
CA SER E 288 -8.96 21.27 7.24
C SER E 288 -8.55 19.82 7.09
N LEU E 289 -8.43 19.06 8.17
CA LEU E 289 -8.02 17.68 8.07
C LEU E 289 -9.09 16.86 7.36
N PRO E 290 -8.72 15.76 6.71
CA PRO E 290 -9.69 14.99 5.92
C PRO E 290 -10.58 14.09 6.77
N PHE E 291 -10.05 13.59 7.88
CA PHE E 291 -10.75 12.61 8.70
C PHE E 291 -11.36 13.26 9.94
N GLN E 292 -12.50 12.73 10.35
CA GLN E 292 -13.25 13.26 11.48
C GLN E 292 -13.63 12.14 12.43
N ASN E 293 -13.74 12.48 13.71
CA ASN E 293 -14.22 11.54 14.72
C ASN E 293 -15.60 11.88 15.25
N VAL E 294 -16.11 13.08 14.96
CA VAL E 294 -17.47 13.44 15.32
C VAL E 294 -18.41 12.56 14.51
N HIS E 295 -19.69 12.56 14.87
CA HIS E 295 -20.63 11.65 14.24
C HIS E 295 -20.57 11.80 12.72
N PRO E 296 -20.58 10.69 11.97
CA PRO E 296 -20.40 10.82 10.50
C PRO E 296 -21.38 11.75 9.83
N VAL E 297 -22.67 11.66 10.16
CA VAL E 297 -23.68 12.37 9.39
C VAL E 297 -23.42 13.86 9.44
N THR E 298 -23.46 14.51 8.29
CA THR E 298 -23.22 15.95 8.19
C THR E 298 -23.91 16.45 6.92
N ILE E 299 -23.85 17.77 6.72
CA ILE E 299 -24.42 18.40 5.55
C ILE E 299 -23.37 19.33 4.95
N GLY E 300 -23.25 19.31 3.62
CA GLY E 300 -22.26 20.10 2.94
C GLY E 300 -20.90 19.43 2.98
N GLU E 301 -19.93 20.07 2.33
CA GLU E 301 -18.57 19.56 2.32
C GLU E 301 -18.04 19.48 3.74
N CYS E 302 -17.48 18.31 4.08
CA CYS E 302 -16.99 18.06 5.42
C CYS E 302 -15.98 16.92 5.35
N PRO E 303 -15.10 16.80 6.35
CA PRO E 303 -14.15 15.69 6.35
C PRO E 303 -14.85 14.35 6.40
N LYS E 304 -14.26 13.37 5.71
CA LYS E 304 -14.80 12.01 5.75
C LYS E 304 -14.68 11.44 7.16
N TYR E 305 -15.67 10.66 7.54
CA TYR E 305 -15.68 10.04 8.86
C TYR E 305 -14.92 8.72 8.84
N VAL E 306 -14.45 8.31 10.02
CA VAL E 306 -13.70 7.07 10.17
C VAL E 306 -13.83 6.63 11.61
N ARG E 307 -13.74 5.31 11.83
CA ARG E 307 -13.82 4.74 13.17
C ARG E 307 -12.41 4.42 13.64
N SER E 308 -11.74 5.44 14.16
CA SER E 308 -10.39 5.29 14.70
C SER E 308 -10.15 6.37 15.74
N ALA E 309 -9.16 6.13 16.60
CA ALA E 309 -8.88 7.04 17.71
C ALA E 309 -7.67 7.93 17.48
N LYS E 310 -6.59 7.39 16.93
CA LYS E 310 -5.33 8.13 16.79
C LYS E 310 -4.74 7.86 15.42
N LEU E 311 -4.66 8.91 14.59
CA LEU E 311 -4.04 8.84 13.27
C LEU E 311 -3.08 10.02 13.18
N ARG E 312 -1.85 9.83 13.65
CA ARG E 312 -0.84 10.87 13.69
C ARG E 312 0.29 10.52 12.74
N MET E 313 0.61 11.46 11.84
CA MET E 313 1.73 11.29 10.92
C MET E 313 3.00 11.89 11.52
N VAL E 314 4.14 11.35 11.08
CA VAL E 314 5.44 11.77 11.58
C VAL E 314 6.10 12.65 10.52
N THR E 315 6.53 13.84 10.93
CA THR E 315 7.17 14.79 10.04
C THR E 315 8.58 15.16 10.49
N GLY E 316 9.14 14.43 11.44
CA GLY E 316 10.47 14.72 11.97
C GLY E 316 11.22 13.45 12.26
N LEU E 317 12.01 13.49 13.33
CA LEU E 317 12.82 12.36 13.75
C LEU E 317 12.45 11.94 15.16
N ARG E 318 12.93 10.77 15.56
CA ARG E 318 12.69 10.27 16.90
C ARG E 318 13.24 11.25 17.93
N ASN E 319 12.85 11.04 19.19
CA ASN E 319 13.28 11.91 20.29
C ASN E 319 13.62 11.04 21.49
N ILE E 320 14.91 10.80 21.70
CA ILE E 320 15.38 10.10 22.89
C ILE E 320 16.74 10.68 23.26
N PRO E 321 16.95 11.16 24.49
CA PRO E 321 18.22 11.80 24.81
C PRO E 321 19.38 10.83 24.75
N SER E 322 20.56 11.38 24.44
CA SER E 322 21.78 10.59 24.39
C SER E 322 21.77 9.62 23.23
N PHE F 9 24.02 3.28 14.58
CA PHE F 9 25.30 3.88 15.06
C PHE F 9 25.06 5.14 15.87
N ILE F 10 24.03 5.90 15.48
CA ILE F 10 23.64 7.12 16.17
C ILE F 10 22.25 6.88 16.75
N GLU F 11 22.11 7.08 18.07
CA GLU F 11 20.91 6.70 18.79
C GLU F 11 20.03 7.88 19.16
N GLY F 12 20.58 8.86 19.87
CA GLY F 12 19.78 9.96 20.38
C GLY F 12 20.33 11.30 19.93
N GLY F 13 19.41 12.23 19.70
CA GLY F 13 19.77 13.57 19.29
C GLY F 13 20.16 14.43 20.48
N TRP F 14 21.10 15.34 20.24
CA TRP F 14 21.58 16.22 21.29
C TRP F 14 20.50 17.24 21.66
N THR F 15 20.47 17.61 22.94
CA THR F 15 19.53 18.63 23.38
C THR F 15 19.89 19.99 22.83
N GLY F 16 21.17 20.26 22.61
CA GLY F 16 21.59 21.51 22.02
C GLY F 16 21.16 21.59 20.58
N MET F 17 21.76 22.50 19.81
CA MET F 17 21.43 22.68 18.39
C MET F 17 19.93 22.93 18.23
N VAL F 18 19.52 24.09 18.73
CA VAL F 18 18.09 24.40 18.82
C VAL F 18 17.41 24.26 17.46
N ASP F 19 18.03 24.79 16.41
CA ASP F 19 17.41 24.86 15.09
C ASP F 19 18.19 24.03 14.10
N GLY F 20 17.47 23.22 13.31
CA GLY F 20 18.06 22.38 12.29
C GLY F 20 17.60 20.94 12.42
N TRP F 21 18.05 20.13 11.47
CA TRP F 21 17.77 18.69 11.49
C TRP F 21 19.04 17.86 11.56
N TYR F 22 20.04 18.18 10.76
CA TYR F 22 21.32 17.49 10.78
C TYR F 22 22.44 18.52 10.88
N GLY F 23 23.46 18.18 11.65
CA GLY F 23 24.56 19.11 11.86
C GLY F 23 25.73 18.44 12.53
N TYR F 24 26.73 19.24 12.86
CA TYR F 24 27.97 18.76 13.44
C TYR F 24 28.27 19.51 14.73
N HIS F 25 28.96 18.82 15.63
CA HIS F 25 29.44 19.41 16.88
C HIS F 25 30.96 19.46 16.79
N HIS F 26 31.48 20.57 16.28
CA HIS F 26 32.91 20.74 16.09
C HIS F 26 33.56 21.11 17.41
N GLN F 27 34.76 20.59 17.63
CA GLN F 27 35.57 20.96 18.78
C GLN F 27 36.99 21.21 18.32
N ASN F 28 37.57 22.32 18.79
CA ASN F 28 38.93 22.68 18.42
C ASN F 28 39.58 23.37 19.60
N GLU F 29 40.91 23.46 19.55
CA GLU F 29 41.64 24.06 20.65
C GLU F 29 41.16 25.46 20.97
N GLN F 30 40.64 26.19 19.98
CA GLN F 30 40.22 27.56 20.20
C GLN F 30 38.78 27.66 20.67
N GLY F 31 37.90 26.79 20.19
CA GLY F 31 36.50 26.89 20.54
C GLY F 31 35.78 25.59 20.30
N SER F 32 34.49 25.60 20.63
CA SER F 32 33.65 24.41 20.48
C SER F 32 32.20 24.86 20.45
N GLY F 33 31.35 24.00 19.90
CA GLY F 33 29.93 24.30 19.82
C GLY F 33 29.26 23.44 18.76
N TYR F 34 28.09 23.89 18.34
CA TYR F 34 27.29 23.20 17.33
C TYR F 34 27.33 23.95 16.02
N ALA F 35 26.77 23.31 14.99
CA ALA F 35 26.67 23.92 13.67
C ALA F 35 25.69 23.10 12.85
N ALA F 36 24.73 23.78 12.22
CA ALA F 36 23.63 23.11 11.52
C ALA F 36 23.86 23.18 10.02
N ASP F 37 23.73 22.03 9.36
CA ASP F 37 23.79 21.97 7.91
C ASP F 37 22.45 22.41 7.31
N GLN F 38 22.49 22.75 6.03
CA GLN F 38 21.32 23.30 5.35
C GLN F 38 20.85 22.47 4.17
N LYS F 39 21.75 22.06 3.27
CA LYS F 39 21.33 21.40 2.04
C LYS F 39 20.46 20.19 2.33
N SER F 40 20.98 19.23 3.08
CA SER F 40 20.18 18.07 3.45
C SER F 40 18.94 18.49 4.24
N THR F 41 19.05 19.53 5.05
CA THR F 41 17.88 20.05 5.75
C THR F 41 16.79 20.43 4.76
N GLN F 42 17.14 21.24 3.76
CA GLN F 42 16.15 21.66 2.78
C GLN F 42 15.56 20.47 2.04
N ASN F 43 16.42 19.53 1.62
CA ASN F 43 15.93 18.37 0.90
C ASN F 43 14.92 17.59 1.74
N ALA F 44 15.28 17.29 2.99
CA ALA F 44 14.42 16.48 3.83
C ALA F 44 13.11 17.18 4.11
N ILE F 45 13.16 18.46 4.49
CA ILE F 45 11.92 19.16 4.82
C ILE F 45 11.03 19.25 3.59
N ASN F 46 11.62 19.53 2.42
CA ASN F 46 10.83 19.61 1.19
C ASN F 46 10.15 18.28 0.90
N GLN F 47 10.90 17.18 1.00
CA GLN F 47 10.33 15.87 0.69
C GLN F 47 9.21 15.52 1.66
N ILE F 48 9.42 15.77 2.95
CA ILE F 48 8.40 15.43 3.94
C ILE F 48 7.16 16.28 3.73
N THR F 49 7.32 17.58 3.46
CA THR F 49 6.18 18.41 3.18
C THR F 49 5.45 17.94 1.94
N ASN F 50 6.19 17.47 0.93
CA ASN F 50 5.56 16.94 -0.26
C ASN F 50 4.73 15.70 0.06
N LYS F 51 5.27 14.82 0.92
CA LYS F 51 4.50 13.65 1.33
C LYS F 51 3.21 14.06 2.03
N VAL F 52 3.32 15.01 2.96
CA VAL F 52 2.14 15.45 3.70
C VAL F 52 1.11 16.04 2.74
N ASN F 53 1.56 16.88 1.82
CA ASN F 53 0.65 17.44 0.83
C ASN F 53 -0.02 16.33 0.04
N SER F 54 0.77 15.42 -0.52
CA SER F 54 0.21 14.34 -1.32
C SER F 54 -0.90 13.63 -0.57
N VAL F 55 -0.67 13.34 0.71
CA VAL F 55 -1.68 12.58 1.45
C VAL F 55 -2.92 13.42 1.72
N ILE F 56 -2.75 14.70 2.11
CA ILE F 56 -3.88 15.45 2.64
C ILE F 56 -4.97 15.62 1.59
N GLU F 57 -4.63 16.07 0.38
CA GLU F 57 -5.64 16.22 -0.64
C GLU F 57 -5.91 14.88 -1.31
N LYS F 58 -6.61 14.90 -2.43
CA LYS F 58 -7.20 13.70 -3.04
C LYS F 58 -8.38 13.20 -2.22
N MET F 59 -9.02 14.11 -1.49
CA MET F 59 -10.17 13.78 -0.64
C MET F 59 -11.19 14.90 -0.83
N ASN F 60 -12.20 14.65 -1.65
CA ASN F 60 -13.23 15.64 -1.95
C ASN F 60 -14.60 15.00 -1.81
N THR F 61 -15.51 15.70 -1.13
CA THR F 61 -16.86 15.20 -0.91
C THR F 61 -17.86 16.27 -1.34
N GLN F 62 -18.96 15.81 -1.95
CA GLN F 62 -19.99 16.71 -2.43
C GLN F 62 -21.05 16.90 -1.34
N PHE F 63 -22.17 17.54 -1.68
CA PHE F 63 -23.28 17.74 -0.75
C PHE F 63 -23.91 16.38 -0.47
N THR F 64 -23.24 15.62 0.40
CA THR F 64 -23.64 14.24 0.70
C THR F 64 -24.59 14.26 1.89
N ALA F 65 -25.88 14.07 1.62
CA ALA F 65 -26.88 13.94 2.66
C ALA F 65 -26.94 12.47 3.07
N VAL F 66 -26.03 12.10 3.97
CA VAL F 66 -25.90 10.69 4.35
C VAL F 66 -27.19 10.20 4.99
N GLY F 67 -27.78 11.00 5.89
CA GLY F 67 -28.99 10.61 6.57
C GLY F 67 -30.12 10.29 5.61
N LYS F 68 -30.77 9.14 5.80
CA LYS F 68 -31.86 8.71 4.94
C LYS F 68 -33.00 8.20 5.81
N GLU F 69 -34.21 8.27 5.27
CA GLU F 69 -35.42 7.84 5.97
C GLU F 69 -36.06 6.69 5.22
N PHE F 70 -36.71 5.80 5.96
CA PHE F 70 -37.34 4.61 5.38
C PHE F 70 -38.63 4.30 6.12
N ASN F 71 -39.63 3.85 5.36
CA ASN F 71 -40.95 3.59 5.91
C ASN F 71 -40.98 2.26 6.66
N LYS F 72 -42.05 2.09 7.45
CA LYS F 72 -42.19 0.88 8.25
C LYS F 72 -42.18 -0.37 7.37
N LEU F 73 -42.75 -0.28 6.18
CA LEU F 73 -42.95 -1.45 5.33
C LEU F 73 -41.79 -1.70 4.37
N GLU F 74 -40.70 -0.94 4.48
CA GLU F 74 -39.58 -1.04 3.56
C GLU F 74 -38.29 -1.44 4.29
N ARG F 75 -38.42 -2.25 5.35
CA ARG F 75 -37.25 -2.54 6.17
C ARG F 75 -36.14 -3.17 5.35
N ARG F 76 -36.47 -3.83 4.23
CA ARG F 76 -35.43 -4.29 3.33
C ARG F 76 -34.54 -3.15 2.89
N MET F 77 -35.15 -1.99 2.61
CA MET F 77 -34.36 -0.81 2.26
C MET F 77 -33.47 -0.39 3.41
N GLU F 78 -33.99 -0.43 4.64
CA GLU F 78 -33.17 -0.09 5.80
C GLU F 78 -31.95 -1.00 5.87
N ASN F 79 -32.16 -2.30 5.70
CA ASN F 79 -31.05 -3.24 5.77
C ASN F 79 -30.03 -2.94 4.67
N LEU F 80 -30.51 -2.70 3.44
CA LEU F 80 -29.59 -2.40 2.36
C LEU F 80 -28.78 -1.14 2.65
N ASN F 81 -29.45 -0.10 3.14
CA ASN F 81 -28.77 1.16 3.41
C ASN F 81 -27.71 1.00 4.48
N LYS F 82 -28.06 0.34 5.58
CA LYS F 82 -27.07 0.14 6.64
C LYS F 82 -25.91 -0.70 6.13
N LYS F 83 -26.21 -1.70 5.30
CA LYS F 83 -25.15 -2.53 4.73
C LYS F 83 -24.17 -1.67 3.95
N VAL F 84 -24.68 -0.88 3.01
CA VAL F 84 -23.77 -0.09 2.18
C VAL F 84 -22.99 0.90 3.04
N ASP F 85 -23.66 1.55 3.99
CA ASP F 85 -23.00 2.56 4.80
C ASP F 85 -21.88 1.94 5.63
N ASP F 86 -22.17 0.86 6.35
CA ASP F 86 -21.15 0.26 7.19
C ASP F 86 -20.03 -0.33 6.34
N GLY F 87 -20.34 -0.88 5.17
CA GLY F 87 -19.30 -1.36 4.30
C GLY F 87 -18.34 -0.27 3.88
N PHE F 88 -18.89 0.88 3.45
CA PHE F 88 -18.03 2.00 3.08
C PHE F 88 -17.21 2.44 4.27
N LEU F 89 -17.83 2.54 5.45
CA LEU F 89 -17.10 2.98 6.63
C LEU F 89 -15.91 2.06 6.91
N ASP F 90 -16.16 0.74 6.92
CA ASP F 90 -15.09 -0.20 7.21
C ASP F 90 -13.99 -0.12 6.17
N ILE F 91 -14.36 -0.07 4.89
CA ILE F 91 -13.36 -0.01 3.83
C ILE F 91 -12.48 1.20 4.00
N TRP F 92 -13.08 2.37 4.23
CA TRP F 92 -12.29 3.58 4.37
C TRP F 92 -11.42 3.55 5.62
N THR F 93 -11.97 3.02 6.72
CA THR F 93 -11.16 2.89 7.93
C THR F 93 -9.91 2.08 7.66
N TYR F 94 -10.08 0.89 7.09
CA TYR F 94 -8.93 0.02 6.84
C TYR F 94 -7.94 0.69 5.90
N ASN F 95 -8.45 1.30 4.82
CA ASN F 95 -7.56 1.92 3.85
C ASN F 95 -6.74 3.04 4.49
N ALA F 96 -7.40 3.92 5.22
CA ALA F 96 -6.70 5.05 5.82
C ALA F 96 -5.69 4.58 6.85
N GLU F 97 -6.06 3.61 7.68
CA GLU F 97 -5.14 3.11 8.69
C GLU F 97 -3.90 2.52 8.04
N LEU F 98 -4.09 1.70 7.00
CA LEU F 98 -2.94 1.11 6.33
C LEU F 98 -2.07 2.19 5.71
N LEU F 99 -2.68 3.19 5.06
CA LEU F 99 -1.89 4.23 4.43
C LEU F 99 -1.06 5.00 5.45
N VAL F 100 -1.67 5.37 6.57
CA VAL F 100 -0.95 6.15 7.56
C VAL F 100 0.19 5.33 8.18
N LEU F 101 -0.07 4.06 8.47
CA LEU F 101 1.00 3.23 9.00
C LEU F 101 2.15 3.10 8.00
N LEU F 102 1.82 2.94 6.72
CA LEU F 102 2.86 2.81 5.71
C LEU F 102 3.70 4.07 5.62
N GLU F 103 3.05 5.25 5.63
CA GLU F 103 3.80 6.49 5.57
C GLU F 103 4.69 6.66 6.79
N ASN F 104 4.17 6.33 7.97
CA ASN F 104 4.98 6.41 9.18
C ASN F 104 6.20 5.51 9.07
N GLU F 105 6.02 4.30 8.54
CA GLU F 105 7.16 3.43 8.33
C GLU F 105 8.15 4.03 7.35
N ARG F 106 7.65 4.64 6.28
CA ARG F 106 8.51 5.06 5.18
C ARG F 106 9.23 6.37 5.46
N THR F 107 8.82 7.15 6.47
CA THR F 107 9.52 8.40 6.72
C THR F 107 10.80 8.21 7.54
N LEU F 108 10.75 7.39 8.59
CA LEU F 108 11.88 7.26 9.49
C LEU F 108 13.08 6.64 8.79
N ASP F 109 12.83 5.59 7.99
CA ASP F 109 13.92 4.96 7.25
C ASP F 109 14.57 5.96 6.31
N PHE F 110 13.78 6.80 5.65
CA PHE F 110 14.36 7.81 4.77
C PHE F 110 15.23 8.78 5.54
N HIS F 111 14.77 9.21 6.72
CA HIS F 111 15.58 10.11 7.54
C HIS F 111 16.92 9.46 7.89
N ASP F 112 16.87 8.20 8.33
CA ASP F 112 18.10 7.50 8.70
C ASP F 112 19.03 7.36 7.50
N SER F 113 18.46 7.04 6.33
CA SER F 113 19.28 6.91 5.14
C SER F 113 19.96 8.23 4.79
N ASN F 114 19.24 9.33 4.93
CA ASN F 114 19.85 10.63 4.68
C ASN F 114 21.00 10.89 5.64
N VAL F 115 20.81 10.54 6.92
CA VAL F 115 21.89 10.74 7.89
C VAL F 115 23.11 9.90 7.50
N LYS F 116 22.89 8.65 7.10
CA LYS F 116 23.99 7.80 6.69
C LYS F 116 24.70 8.38 5.46
N ASN F 117 23.93 8.91 4.52
CA ASN F 117 24.53 9.52 3.34
C ASN F 117 25.41 10.69 3.73
N LEU F 118 24.95 11.53 4.65
CA LEU F 118 25.78 12.65 5.10
C LEU F 118 27.03 12.16 5.78
N TYR F 119 26.93 11.10 6.58
CA TYR F 119 28.10 10.55 7.24
C TYR F 119 29.12 10.08 6.22
N GLU F 120 28.68 9.38 5.18
CA GLU F 120 29.62 8.96 4.15
C GLU F 120 30.16 10.15 3.38
N LYS F 121 29.34 11.18 3.18
CA LYS F 121 29.82 12.39 2.51
C LYS F 121 31.00 12.98 3.27
N VAL F 122 30.88 13.11 4.59
CA VAL F 122 32.00 13.64 5.36
C VAL F 122 33.17 12.67 5.35
N LYS F 123 32.89 11.37 5.38
CA LYS F 123 33.97 10.38 5.29
C LYS F 123 34.78 10.56 4.02
N SER F 124 34.11 10.96 2.93
CA SER F 124 34.77 11.01 1.62
C SER F 124 36.04 11.85 1.62
N GLN F 125 36.01 13.06 2.19
CA GLN F 125 37.16 13.95 2.13
C GLN F 125 38.29 13.46 3.01
N LEU F 126 37.97 13.05 4.23
CA LEU F 126 38.96 12.71 5.26
C LEU F 126 39.44 11.28 5.17
N LYS F 127 39.99 10.88 4.03
CA LYS F 127 40.23 9.46 3.78
C LYS F 127 41.27 8.86 4.72
N ASN F 128 42.37 9.58 4.98
CA ASN F 128 43.29 9.12 6.01
C ASN F 128 43.86 10.24 6.87
N ASN F 129 43.48 11.50 6.66
CA ASN F 129 43.91 12.55 7.57
C ASN F 129 43.28 12.38 8.95
N ALA F 130 42.14 11.71 9.01
CA ALA F 130 41.41 11.48 10.25
C ALA F 130 41.52 10.01 10.64
N LYS F 131 40.81 9.65 11.70
CA LYS F 131 40.76 8.27 12.16
C LYS F 131 39.43 8.06 12.87
N GLU F 132 38.59 7.20 12.31
CA GLU F 132 37.28 6.97 12.90
C GLU F 132 37.41 6.45 14.33
N ILE F 133 36.55 6.95 15.21
CA ILE F 133 36.54 6.55 16.60
C ILE F 133 35.27 5.79 16.95
N GLY F 134 34.14 6.16 16.35
CA GLY F 134 32.87 5.52 16.63
C GLY F 134 31.80 6.55 16.89
N ASN F 135 30.56 6.06 16.95
CA ASN F 135 29.40 6.91 17.18
C ASN F 135 29.37 8.07 16.20
N GLY F 136 29.86 7.85 14.99
CA GLY F 136 29.90 8.89 13.99
C GLY F 136 30.75 10.07 14.40
N CYS F 137 31.97 9.80 14.88
CA CYS F 137 32.88 10.86 15.32
C CYS F 137 34.22 10.69 14.63
N PHE F 138 34.86 11.81 14.32
CA PHE F 138 36.13 11.84 13.64
C PHE F 138 37.06 12.84 14.30
N GLU F 139 38.36 12.64 14.08
CA GLU F 139 39.38 13.55 14.57
C GLU F 139 40.60 13.41 13.66
N PHE F 140 41.42 14.46 13.63
CA PHE F 140 42.53 14.52 12.70
C PHE F 140 43.86 14.40 13.44
N TYR F 141 44.82 13.73 12.82
CA TYR F 141 46.17 13.72 13.37
C TYR F 141 46.75 15.12 13.41
N HIS F 142 46.57 15.88 12.32
CA HIS F 142 46.99 17.27 12.29
C HIS F 142 46.01 18.14 13.06
N LYS F 143 46.50 19.27 13.56
CA LYS F 143 45.66 20.27 14.17
C LYS F 143 45.35 21.35 13.15
N CYS F 144 44.09 21.81 13.13
CA CYS F 144 43.69 22.88 12.24
C CYS F 144 42.78 23.84 12.99
N ASN F 145 42.77 25.10 12.54
CA ASN F 145 42.02 26.16 13.17
C ASN F 145 40.55 26.08 12.73
N ASN F 146 39.79 27.14 13.00
CA ASN F 146 38.37 27.12 12.69
C ASN F 146 38.12 26.92 11.20
N GLU F 147 38.92 27.56 10.36
CA GLU F 147 38.63 27.59 8.93
C GLU F 147 38.55 26.20 8.33
N CYS F 148 39.31 25.24 8.87
CA CYS F 148 39.22 23.87 8.36
C CYS F 148 37.82 23.30 8.57
N MET F 149 37.13 23.72 9.64
CA MET F 149 35.74 23.33 9.83
C MET F 149 34.91 23.74 8.62
N GLU F 150 34.98 25.01 8.23
CA GLU F 150 34.24 25.47 7.07
C GLU F 150 34.66 24.72 5.83
N SER F 151 35.96 24.47 5.69
CA SER F 151 36.46 23.77 4.51
C SER F 151 35.82 22.39 4.38
N VAL F 152 35.78 21.64 5.48
CA VAL F 152 35.23 20.30 5.43
C VAL F 152 33.71 20.35 5.25
N LYS F 153 33.05 21.31 5.92
CA LYS F 153 31.60 21.38 5.82
C LYS F 153 31.16 21.64 4.39
N ASN F 154 31.86 22.53 3.68
CA ASN F 154 31.57 22.77 2.27
C ASN F 154 32.24 21.76 1.35
N GLY F 155 33.00 20.81 1.90
CA GLY F 155 33.63 19.79 1.09
C GLY F 155 34.92 20.21 0.43
N THR F 156 35.41 21.43 0.72
CA THR F 156 36.63 21.93 0.09
C THR F 156 37.88 21.56 0.85
N TYR F 157 37.84 20.49 1.64
CA TYR F 157 39.03 20.06 2.36
C TYR F 157 40.15 19.75 1.38
N ASP F 158 41.31 20.36 1.61
CA ASP F 158 42.48 20.20 0.74
C ASP F 158 43.32 19.07 1.29
N TYR F 159 43.07 17.86 0.78
CA TYR F 159 43.75 16.69 1.32
C TYR F 159 45.27 16.79 1.21
N PRO F 160 45.85 17.15 0.06
CA PRO F 160 47.31 17.31 0.04
C PRO F 160 47.83 18.35 1.00
N LYS F 161 47.05 19.41 1.26
CA LYS F 161 47.52 20.48 2.13
C LYS F 161 47.95 19.95 3.49
N TYR F 162 47.18 19.01 4.04
CA TYR F 162 47.50 18.41 5.33
C TYR F 162 47.96 16.96 5.21
N SER F 163 48.08 16.44 3.99
CA SER F 163 48.60 15.08 3.82
C SER F 163 50.04 14.97 4.33
N GLU F 164 50.83 16.03 4.17
CA GLU F 164 52.24 15.99 4.56
C GLU F 164 52.43 15.88 6.07
N GLU F 165 51.38 16.06 6.86
CA GLU F 165 51.50 15.97 8.31
C GLU F 165 52.25 14.71 8.71
N SER F 166 53.00 14.80 9.80
CA SER F 166 53.79 13.66 10.29
C SER F 166 52.83 12.65 10.91
N LYS F 167 52.21 11.86 10.04
CA LYS F 167 51.22 10.89 10.50
C LYS F 167 51.82 9.85 11.44
N LEU F 168 53.14 9.70 11.45
CA LEU F 168 53.80 8.80 12.39
C LEU F 168 53.86 9.46 13.77
N ASN F 169 52.68 9.74 14.31
CA ASN F 169 52.54 10.36 15.62
C ASN F 169 52.58 9.34 16.76
N ARG F 170 52.61 8.05 16.44
CA ARG F 170 52.68 7.02 17.47
C ARG F 170 54.14 6.72 17.80
N VAL G 2 41.64 32.19 -16.25
CA VAL G 2 42.59 31.07 -16.53
C VAL G 2 43.79 31.60 -17.31
N GLN G 3 44.98 31.15 -16.93
CA GLN G 3 46.21 31.60 -17.54
C GLN G 3 47.08 30.40 -17.89
N LEU G 4 47.71 30.46 -19.06
CA LEU G 4 48.56 29.37 -19.52
C LEU G 4 49.72 29.95 -20.32
N VAL G 5 50.88 29.30 -20.24
CA VAL G 5 52.06 29.74 -20.97
C VAL G 5 52.92 28.52 -21.26
N GLU G 6 53.63 28.57 -22.38
CA GLU G 6 54.50 27.49 -22.83
C GLU G 6 55.85 28.06 -23.22
N SER G 7 56.91 27.38 -22.81
CA SER G 7 58.27 27.85 -23.08
C SER G 7 59.17 26.64 -23.32
N GLY G 8 60.24 26.86 -24.08
CA GLY G 8 61.19 25.82 -24.39
C GLY G 8 62.14 26.22 -25.50
N SER G 17 67.89 16.29 -29.07
CA SER G 17 66.71 16.37 -28.20
C SER G 17 66.44 17.82 -27.79
N LEU G 18 65.20 18.08 -27.37
CA LEU G 18 64.82 19.41 -26.90
C LEU G 18 63.78 19.25 -25.80
N ARG G 19 63.71 20.24 -24.93
CA ARG G 19 62.81 20.22 -23.79
C ARG G 19 61.73 21.28 -23.95
N LEU G 20 60.49 20.90 -23.65
CA LEU G 20 59.36 21.80 -23.79
C LEU G 20 58.48 21.68 -22.55
N SER G 21 58.09 22.81 -21.99
CA SER G 21 57.26 22.85 -20.80
C SER G 21 56.11 23.84 -21.00
N CYS G 22 54.99 23.57 -20.34
CA CYS G 22 53.79 24.38 -20.45
C CYS G 22 53.30 24.71 -19.04
N ALA G 23 53.60 25.92 -18.59
CA ALA G 23 53.16 26.38 -17.28
C ALA G 23 51.78 27.03 -17.39
N ALA G 24 50.99 26.88 -16.34
CA ALA G 24 49.64 27.41 -16.32
C ALA G 24 49.22 27.64 -14.88
N SER G 25 48.14 28.40 -14.72
CA SER G 25 47.61 28.76 -13.41
C SER G 25 46.21 29.33 -13.60
N GLY G 26 45.61 29.76 -12.50
CA GLY G 26 44.29 30.35 -12.55
C GLY G 26 43.16 29.36 -12.47
N PHE G 27 43.40 28.16 -11.98
CA PHE G 27 42.37 27.12 -11.87
C PHE G 27 42.93 26.00 -11.00
N THR G 28 42.18 24.91 -10.89
CA THR G 28 42.61 23.74 -10.13
C THR G 28 43.38 22.82 -11.08
N PHE G 29 44.70 22.91 -11.02
CA PHE G 29 45.54 22.10 -11.91
C PHE G 29 45.48 20.62 -11.56
N SER G 30 45.11 20.27 -10.33
CA SER G 30 45.15 18.88 -9.89
C SER G 30 43.91 18.08 -10.30
N SER G 31 42.89 18.73 -10.87
CA SER G 31 41.64 18.07 -11.21
C SER G 31 41.31 18.28 -12.68
N TYR G 32 42.30 18.10 -13.54
CA TYR G 32 42.09 18.23 -14.98
C TYR G 32 43.16 17.44 -15.71
N GLY G 33 42.89 17.18 -16.99
CA GLY G 33 43.83 16.49 -17.85
C GLY G 33 44.28 17.42 -18.97
N LEU G 34 45.59 17.55 -19.13
CA LEU G 34 46.17 18.37 -20.17
C LEU G 34 46.32 17.53 -21.44
N SER G 35 46.90 18.14 -22.46
CA SER G 35 47.14 17.45 -23.73
C SER G 35 48.06 18.32 -24.57
N TRP G 36 48.47 17.79 -25.71
CA TRP G 36 49.38 18.49 -26.61
C TRP G 36 48.99 18.19 -28.05
N VAL G 37 48.98 19.24 -28.87
CA VAL G 37 48.65 19.12 -30.29
C VAL G 37 49.69 19.86 -31.09
N ARG G 38 50.25 19.20 -32.09
CA ARG G 38 51.21 19.83 -32.99
C ARG G 38 50.48 20.50 -34.15
N GLN G 39 51.18 21.41 -34.80
CA GLN G 39 50.63 22.16 -35.92
C GLN G 39 51.64 22.18 -37.05
N ALA G 40 51.19 21.88 -38.27
CA ALA G 40 52.05 21.87 -39.43
C ALA G 40 52.28 23.29 -39.93
N PRO G 41 53.34 23.51 -40.72
CA PRO G 41 53.59 24.87 -41.24
C PRO G 41 52.43 25.43 -42.04
N GLY G 42 51.75 24.59 -42.83
CA GLY G 42 50.62 25.05 -43.62
C GLY G 42 49.44 24.12 -43.63
N LYS G 43 49.58 22.94 -43.02
CA LYS G 43 48.52 21.95 -42.99
C LYS G 43 47.73 22.09 -41.69
N GLY G 44 46.84 21.13 -41.44
CA GLY G 44 46.03 21.14 -40.26
C GLY G 44 46.80 20.72 -39.03
N LEU G 45 46.09 20.68 -37.91
CA LEU G 45 46.69 20.31 -36.65
C LEU G 45 46.71 18.79 -36.51
N GLU G 46 47.69 18.29 -35.76
CA GLU G 46 47.86 16.85 -35.57
C GLU G 46 48.04 16.57 -34.09
N TRP G 47 47.30 15.56 -33.60
CA TRP G 47 47.40 15.16 -32.21
C TRP G 47 48.78 14.61 -31.89
N VAL G 48 49.17 14.69 -30.62
CA VAL G 48 50.50 14.27 -30.20
C VAL G 48 50.40 13.25 -29.08
N SER G 49 49.74 13.62 -27.99
CA SER G 49 49.72 12.78 -26.80
C SER G 49 48.63 13.29 -25.86
N TYR G 50 48.55 12.67 -24.69
CA TYR G 50 47.56 13.05 -23.69
C TYR G 50 47.86 12.28 -22.41
N ILE G 51 47.59 12.91 -21.27
CA ILE G 51 47.76 12.28 -19.97
C ILE G 51 46.56 12.63 -19.10
N SER G 52 46.12 11.67 -18.30
CA SER G 52 45.02 11.92 -17.38
C SER G 52 45.50 12.79 -16.22
N ASN G 53 44.55 13.25 -15.42
CA ASN G 53 44.85 14.18 -14.33
C ASN G 53 45.78 13.55 -13.31
N SER G 54 45.51 12.31 -12.92
CA SER G 54 46.28 11.70 -11.82
C SER G 54 47.75 11.59 -12.18
N GLY G 55 48.06 11.08 -13.37
CA GLY G 55 49.43 10.93 -13.80
C GLY G 55 49.86 9.49 -13.94
N ILE G 56 48.90 8.62 -14.25
CA ILE G 56 49.21 7.20 -14.44
C ILE G 56 48.86 6.79 -15.87
N SER G 57 47.57 6.92 -16.23
CA SER G 57 47.16 6.60 -17.58
C SER G 57 47.82 7.55 -18.57
N THR G 58 48.30 7.01 -19.68
CA THR G 58 49.02 7.79 -20.66
C THR G 58 48.86 7.16 -22.04
N TYR G 59 49.05 7.98 -23.06
CA TYR G 59 49.01 7.53 -24.44
C TYR G 59 50.02 8.33 -25.24
N TYR G 60 50.13 8.02 -26.52
CA TYR G 60 51.07 8.74 -27.38
C TYR G 60 50.61 8.61 -28.82
N ALA G 61 51.17 9.47 -29.66
CA ALA G 61 50.94 9.36 -31.09
C ALA G 61 51.54 8.06 -31.61
N ASP G 62 50.90 7.49 -32.63
CA ASP G 62 51.38 6.22 -33.18
C ASP G 62 52.81 6.34 -33.66
N SER G 63 53.12 7.41 -34.40
CA SER G 63 54.43 7.59 -35.01
C SER G 63 55.44 8.23 -34.06
N VAL G 64 55.17 8.25 -32.76
CA VAL G 64 56.08 8.86 -31.80
C VAL G 64 56.43 7.95 -30.64
N LYS G 65 55.68 6.88 -30.39
CA LYS G 65 55.89 6.06 -29.20
C LYS G 65 57.36 5.74 -29.02
N GLY G 66 57.93 6.20 -27.92
CA GLY G 66 59.34 6.01 -27.64
C GLY G 66 60.14 7.29 -27.77
N ARG G 67 59.83 8.09 -28.79
CA ARG G 67 60.60 9.31 -29.02
C ARG G 67 60.27 10.38 -27.99
N PHE G 68 59.01 10.82 -27.94
CA PHE G 68 58.60 11.91 -27.06
C PHE G 68 57.84 11.33 -25.88
N THR G 69 58.21 11.77 -24.68
CA THR G 69 57.59 11.30 -23.46
C THR G 69 57.03 12.49 -22.68
N ILE G 70 55.94 12.25 -21.96
CA ILE G 70 55.24 13.30 -21.22
C ILE G 70 55.28 12.98 -19.74
N SER G 71 55.55 13.99 -18.93
CA SER G 71 55.53 13.87 -17.48
C SER G 71 54.86 15.10 -16.89
N ARG G 72 54.22 14.92 -15.74
CA ARG G 72 53.48 15.98 -15.09
C ARG G 72 53.78 16.02 -13.59
N ASP G 73 53.59 17.19 -13.01
CA ASP G 73 53.60 17.39 -11.57
C ASP G 73 52.28 18.04 -11.16
N ASN G 74 52.18 18.40 -9.88
CA ASN G 74 51.01 19.12 -9.40
C ASN G 74 51.42 20.34 -8.58
N SER G 75 52.59 20.27 -7.94
CA SER G 75 53.04 21.39 -7.13
C SER G 75 53.26 22.64 -7.97
N LYS G 76 53.89 22.49 -9.13
CA LYS G 76 54.20 23.61 -10.00
C LYS G 76 53.10 23.90 -11.02
N ASN G 77 52.08 23.05 -11.09
CA ASN G 77 50.99 23.23 -12.05
C ASN G 77 51.54 23.38 -13.47
N THR G 78 52.53 22.56 -13.79
CA THR G 78 53.21 22.64 -15.07
C THR G 78 53.54 21.23 -15.57
N VAL G 79 53.52 21.07 -16.89
CA VAL G 79 53.85 19.79 -17.52
C VAL G 79 55.01 20.00 -18.47
N SER G 80 55.46 18.92 -19.09
CA SER G 80 56.57 19.02 -20.04
C SER G 80 56.69 17.73 -20.82
N LEU G 81 56.96 17.85 -22.11
CA LEU G 81 57.27 16.71 -22.97
C LEU G 81 58.78 16.62 -23.12
N GLN G 82 59.32 15.41 -22.97
CA GLN G 82 60.75 15.23 -23.16
C GLN G 82 61.15 15.55 -24.59
N LEU G 83 60.33 15.14 -25.56
CA LEU G 83 60.54 15.50 -26.96
C LEU G 83 61.93 15.14 -27.43
N ASN G 84 62.41 13.98 -26.98
CA ASN G 84 63.75 13.54 -27.33
C ASN G 84 63.80 13.07 -28.79
N SER G 85 65.01 12.82 -29.27
CA SER G 85 65.24 12.26 -30.60
C SER G 85 64.64 13.14 -31.68
N LEU G 86 65.19 14.35 -31.80
CA LEU G 86 64.79 15.25 -32.86
C LEU G 86 65.02 14.61 -34.22
N THR G 87 64.07 14.80 -35.13
CA THR G 87 64.15 14.30 -36.49
C THR G 87 63.80 15.42 -37.45
N PRO G 88 64.27 15.35 -38.69
CA PRO G 88 64.03 16.46 -39.63
C PRO G 88 62.57 16.76 -39.87
N GLU G 89 61.71 15.73 -39.87
CA GLU G 89 60.30 15.94 -40.17
C GLU G 89 59.56 16.65 -39.04
N ASP G 90 60.17 16.80 -37.86
CA ASP G 90 59.49 17.33 -36.69
C ASP G 90 59.38 18.85 -36.71
N THR G 91 59.64 19.49 -37.84
CA THR G 91 59.53 20.94 -37.92
C THR G 91 58.06 21.35 -37.82
N ALA G 92 57.47 21.22 -36.64
CA ALA G 92 56.07 21.48 -36.43
C ALA G 92 55.87 22.47 -35.30
N VAL G 93 54.78 23.22 -35.38
CA VAL G 93 54.42 24.17 -34.34
C VAL G 93 53.66 23.44 -33.25
N TYR G 94 54.10 23.59 -32.01
CA TYR G 94 53.54 22.86 -30.89
C TYR G 94 52.76 23.78 -29.98
N TYR G 95 51.69 23.24 -29.39
CA TYR G 95 50.72 24.03 -28.64
C TYR G 95 50.51 23.40 -27.28
N CYS G 96 49.61 23.99 -26.51
CA CYS G 96 49.17 23.46 -25.23
C CYS G 96 47.65 23.55 -25.17
N ALA G 97 47.04 22.65 -24.42
CA ALA G 97 45.58 22.63 -24.35
C ALA G 97 45.15 21.89 -23.09
N LYS G 98 43.90 22.14 -22.70
CA LYS G 98 43.32 21.57 -21.51
C LYS G 98 41.91 21.06 -21.80
N LYS G 99 41.54 19.96 -21.16
CA LYS G 99 40.21 19.41 -21.35
C LYS G 99 39.17 20.33 -20.77
N GLY G 100 37.93 20.18 -21.24
CA GLY G 100 36.84 21.03 -20.82
C GLY G 100 36.01 20.52 -19.67
N SER G 101 36.27 19.30 -19.20
CA SER G 101 35.52 18.74 -18.08
C SER G 101 36.29 17.55 -17.55
N THR G 102 35.91 17.13 -16.34
CA THR G 102 36.60 16.03 -15.67
C THR G 102 36.01 14.67 -16.00
N LEU G 103 34.88 14.61 -16.69
CA LEU G 103 34.29 13.32 -17.04
C LEU G 103 35.07 12.67 -18.16
N ILE G 104 35.38 11.39 -18.00
CA ILE G 104 36.22 10.69 -18.98
C ILE G 104 35.57 10.66 -20.36
N PRO G 105 34.32 10.21 -20.52
CA PRO G 105 33.82 9.96 -21.88
C PRO G 105 33.84 11.19 -22.78
N TYR G 106 33.54 12.35 -22.25
CA TYR G 106 33.46 13.56 -23.07
C TYR G 106 34.81 14.26 -23.14
N THR G 107 35.02 14.99 -24.23
CA THR G 107 36.30 15.66 -24.42
C THR G 107 36.16 16.81 -25.42
N TRP G 108 36.89 17.88 -25.17
CA TRP G 108 37.05 18.98 -26.12
C TRP G 108 38.09 19.93 -25.56
N PHE G 109 38.93 20.47 -26.44
CA PHE G 109 40.01 21.36 -26.05
C PHE G 109 39.51 22.79 -26.10
N ASP G 110 39.11 23.33 -24.95
CA ASP G 110 38.59 24.70 -24.87
C ASP G 110 39.71 25.70 -24.60
N VAL G 111 40.40 25.54 -23.48
CA VAL G 111 41.49 26.44 -23.15
C VAL G 111 42.62 26.22 -24.15
N TRP G 112 43.03 27.28 -24.82
CA TRP G 112 44.08 27.20 -25.83
C TRP G 112 45.09 28.31 -25.58
N GLY G 113 46.37 27.96 -25.65
CA GLY G 113 47.43 28.89 -25.36
C GLY G 113 48.09 29.43 -26.62
N PRO G 114 49.05 30.33 -26.46
CA PRO G 114 49.75 30.87 -27.64
C PRO G 114 50.53 29.80 -28.41
N GLY G 115 50.89 28.70 -27.77
CA GLY G 115 51.70 27.70 -28.42
C GLY G 115 53.15 28.15 -28.52
N VAL G 116 53.94 27.30 -29.19
CA VAL G 116 55.37 27.55 -29.36
C VAL G 116 55.77 27.17 -30.77
N LEU G 117 56.61 28.00 -31.37
CA LEU G 117 57.23 27.71 -32.67
C LEU G 117 58.61 27.14 -32.39
N VAL G 118 58.75 25.83 -32.52
CA VAL G 118 60.01 25.16 -32.22
C VAL G 118 61.14 25.75 -33.04
N VAL H 2 41.56 -33.80 -14.03
CA VAL H 2 42.26 -33.67 -12.73
C VAL H 2 43.35 -34.73 -12.63
N GLN H 3 44.50 -34.33 -12.08
CA GLN H 3 45.64 -35.23 -11.96
C GLN H 3 46.35 -34.94 -10.65
N LEU H 4 46.87 -35.99 -10.01
CA LEU H 4 47.56 -35.86 -8.74
C LEU H 4 48.61 -36.94 -8.62
N VAL H 5 49.74 -36.60 -8.00
CA VAL H 5 50.85 -37.52 -7.80
C VAL H 5 51.50 -37.24 -6.46
N GLU H 6 52.20 -38.25 -5.95
CA GLU H 6 52.90 -38.14 -4.68
C GLU H 6 54.21 -38.93 -4.78
N SER H 7 55.28 -38.34 -4.26
CA SER H 7 56.60 -38.96 -4.35
C SER H 7 57.34 -38.72 -3.04
N GLY H 8 58.22 -39.66 -2.71
CA GLY H 8 59.00 -39.57 -1.49
C GLY H 8 59.45 -40.94 -0.99
N SER H 17 64.15 -38.96 10.07
CA SER H 17 63.07 -38.21 9.46
C SER H 17 62.90 -38.58 8.00
N LEU H 18 61.88 -38.03 7.36
CA LEU H 18 61.62 -38.29 5.95
C LEU H 18 60.80 -37.14 5.38
N ARG H 19 60.89 -36.99 4.06
CA ARG H 19 60.19 -35.93 3.34
C ARG H 19 59.19 -36.57 2.39
N LEU H 20 58.02 -35.94 2.27
CA LEU H 20 56.95 -36.45 1.42
C LEU H 20 56.19 -35.27 0.83
N SER H 21 56.02 -35.27 -0.48
CA SER H 21 55.31 -34.21 -1.19
C SER H 21 54.30 -34.81 -2.15
N CYS H 22 53.18 -34.11 -2.31
CA CYS H 22 52.08 -34.56 -3.17
C CYS H 22 51.82 -33.48 -4.20
N ALA H 23 52.31 -33.70 -5.42
CA ALA H 23 52.12 -32.75 -6.50
C ALA H 23 50.87 -33.09 -7.29
N ALA H 24 50.18 -32.05 -7.77
CA ALA H 24 48.94 -32.23 -8.49
C ALA H 24 48.74 -31.05 -9.45
N SER H 25 47.76 -31.20 -10.33
CA SER H 25 47.48 -30.19 -11.34
C SER H 25 46.10 -30.49 -11.92
N GLY H 26 45.72 -29.72 -12.94
CA GLY H 26 44.45 -29.92 -13.61
C GLY H 26 43.28 -29.22 -12.97
N PHE H 27 43.52 -28.28 -12.06
CA PHE H 27 42.46 -27.56 -11.39
C PHE H 27 43.04 -26.29 -10.78
N THR H 28 42.25 -25.61 -9.94
CA THR H 28 42.70 -24.40 -9.26
C THR H 28 43.23 -24.79 -7.90
N PHE H 29 44.55 -24.93 -7.80
CA PHE H 29 45.17 -25.33 -6.54
C PHE H 29 45.03 -24.26 -5.47
N SER H 30 44.76 -23.02 -5.85
CA SER H 30 44.71 -21.92 -4.89
C SER H 30 43.35 -21.74 -4.24
N SER H 31 42.34 -22.50 -4.65
CA SER H 31 40.98 -22.34 -4.15
C SER H 31 40.44 -23.68 -3.67
N TYR H 32 41.25 -24.41 -2.91
CA TYR H 32 40.83 -25.69 -2.36
C TYR H 32 41.69 -26.02 -1.15
N GLY H 33 41.22 -26.98 -0.37
CA GLY H 33 41.94 -27.47 0.80
C GLY H 33 42.33 -28.92 0.59
N LEU H 34 43.60 -29.22 0.82
CA LEU H 34 44.12 -30.56 0.71
C LEU H 34 44.00 -31.26 2.06
N SER H 35 44.52 -32.49 2.13
CA SER H 35 44.50 -33.25 3.36
C SER H 35 45.35 -34.49 3.16
N TRP H 36 45.46 -35.30 4.20
CA TRP H 36 46.26 -36.52 4.15
C TRP H 36 45.57 -37.60 4.97
N VAL H 37 45.78 -38.85 4.58
CA VAL H 37 45.18 -39.99 5.27
C VAL H 37 46.14 -41.16 5.19
N ARG H 38 46.51 -41.69 6.35
CA ARG H 38 47.38 -42.85 6.39
C ARG H 38 46.55 -44.13 6.30
N GLN H 39 47.22 -45.22 5.90
CA GLN H 39 46.56 -46.51 5.74
C GLN H 39 47.42 -47.58 6.38
N ALA H 40 46.79 -48.44 7.18
CA ALA H 40 47.49 -49.51 7.85
C ALA H 40 47.65 -50.71 6.91
N PRO H 41 48.61 -51.60 7.19
CA PRO H 41 48.79 -52.76 6.31
C PRO H 41 47.55 -53.63 6.19
N GLY H 42 46.78 -53.79 7.26
CA GLY H 42 45.61 -54.63 7.22
C GLY H 42 44.36 -54.00 7.80
N LYS H 43 44.50 -52.87 8.49
CA LYS H 43 43.37 -52.22 9.12
C LYS H 43 42.79 -51.17 8.16
N GLY H 44 41.89 -50.35 8.67
CA GLY H 44 41.28 -49.30 7.87
C GLY H 44 42.18 -48.08 7.78
N LEU H 45 41.64 -47.05 7.13
CA LEU H 45 42.37 -45.81 6.96
C LEU H 45 42.30 -44.98 8.23
N GLU H 46 43.26 -44.07 8.38
CA GLU H 46 43.32 -43.20 9.55
C GLU H 46 43.71 -41.79 9.13
N TRP H 47 42.92 -40.82 9.58
CA TRP H 47 43.21 -39.42 9.30
C TRP H 47 44.49 -39.01 10.02
N VAL H 48 45.23 -38.10 9.40
CA VAL H 48 46.52 -37.68 9.96
C VAL H 48 46.64 -36.17 10.05
N SER H 49 45.91 -35.44 9.20
CA SER H 49 46.12 -34.00 9.14
C SER H 49 45.16 -33.31 8.18
N TYR H 50 45.26 -31.98 8.08
CA TYR H 50 44.45 -31.20 7.17
C TYR H 50 44.91 -29.76 7.23
N ILE H 51 44.71 -29.04 6.13
CA ILE H 51 45.03 -27.62 6.06
C ILE H 51 43.98 -26.93 5.20
N SER H 52 43.74 -25.65 5.48
CA SER H 52 42.82 -24.87 4.69
C SER H 52 43.52 -24.33 3.44
N ASN H 53 42.71 -23.76 2.54
CA ASN H 53 43.25 -23.30 1.26
C ASN H 53 44.27 -22.19 1.43
N SER H 54 43.99 -21.20 2.28
CA SER H 54 44.87 -20.04 2.40
C SER H 54 46.26 -20.44 2.86
N GLY H 55 46.33 -21.22 3.93
CA GLY H 55 47.59 -21.64 4.50
C GLY H 55 47.86 -21.17 5.91
N ILE H 56 46.83 -20.80 6.67
CA ILE H 56 47.02 -20.34 8.04
C ILE H 56 46.44 -21.37 9.00
N SER H 57 45.13 -21.61 8.91
CA SER H 57 44.50 -22.59 9.76
C SER H 57 45.06 -23.98 9.49
N THR H 58 45.34 -24.72 10.56
CA THR H 58 45.96 -26.03 10.43
C THR H 58 45.56 -26.88 11.62
N TYR H 59 45.65 -28.20 11.44
CA TYR H 59 45.36 -29.16 12.49
C TYR H 59 46.32 -30.33 12.34
N TYR H 60 46.19 -31.31 13.23
CA TYR H 60 47.07 -32.47 13.19
C TYR H 60 46.40 -33.61 13.92
N ALA H 61 46.94 -34.81 13.72
CA ALA H 61 46.40 -35.99 14.39
C ALA H 61 46.60 -35.87 15.90
N ASP H 62 45.71 -36.53 16.64
CA ASP H 62 45.76 -36.46 18.09
C ASP H 62 47.13 -36.91 18.62
N SER H 63 47.60 -38.07 18.16
CA SER H 63 48.81 -38.68 18.67
C SER H 63 50.06 -38.27 17.89
N VAL H 64 49.99 -37.16 17.16
CA VAL H 64 51.11 -36.74 16.31
C VAL H 64 51.49 -35.29 16.49
N LYS H 65 50.66 -34.46 17.13
CA LYS H 65 50.96 -33.03 17.24
C LYS H 65 52.38 -32.81 17.75
N GLY H 66 53.20 -32.18 16.92
CA GLY H 66 54.57 -31.82 17.27
C GLY H 66 55.61 -32.40 16.34
N ARG H 67 55.39 -33.60 15.81
CA ARG H 67 56.39 -34.27 15.00
C ARG H 67 56.12 -34.13 13.51
N PHE H 68 54.94 -34.53 13.05
CA PHE H 68 54.60 -34.40 11.65
C PHE H 68 54.14 -32.98 11.37
N THR H 69 54.72 -32.36 10.35
CA THR H 69 54.43 -30.98 10.01
C THR H 69 53.98 -30.90 8.55
N ILE H 70 53.11 -29.93 8.26
CA ILE H 70 52.55 -29.75 6.93
C ILE H 70 52.80 -28.33 6.47
N SER H 71 53.18 -28.17 5.21
CA SER H 71 53.36 -26.86 4.60
C SER H 71 52.85 -26.91 3.16
N ARG H 72 52.38 -25.77 2.68
CA ARG H 72 51.80 -25.68 1.35
C ARG H 72 52.29 -24.43 0.65
N ASP H 73 52.27 -24.48 -0.68
CA ASP H 73 52.52 -23.30 -1.51
C ASP H 73 51.43 -23.22 -2.57
N ASN H 74 51.58 -22.31 -3.52
CA ASN H 74 50.65 -22.19 -4.65
C ASN H 74 51.33 -22.13 -6.00
N SER H 75 52.61 -21.77 -6.08
CA SER H 75 53.27 -21.63 -7.37
C SER H 75 53.32 -22.98 -8.10
N LYS H 76 53.82 -24.01 -7.43
CA LYS H 76 53.97 -25.33 -8.05
C LYS H 76 52.83 -26.26 -7.74
N ASN H 77 51.78 -25.79 -7.06
CA ASN H 77 50.59 -26.59 -6.80
C ASN H 77 50.95 -27.91 -6.11
N THR H 78 51.84 -27.84 -5.12
CA THR H 78 52.31 -29.02 -4.41
C THR H 78 52.42 -28.69 -2.92
N VAL H 79 52.29 -29.73 -2.09
CA VAL H 79 52.38 -29.60 -0.65
C VAL H 79 53.36 -30.66 -0.15
N SER H 80 53.89 -30.42 1.04
CA SER H 80 54.90 -31.30 1.62
C SER H 80 54.60 -31.53 3.09
N LEU H 81 54.90 -32.75 3.56
CA LEU H 81 54.84 -33.10 4.96
C LEU H 81 56.25 -33.44 5.42
N GLN H 82 56.72 -32.78 6.48
CA GLN H 82 58.03 -33.07 7.05
C GLN H 82 57.87 -34.23 8.01
N LEU H 83 57.94 -35.44 7.46
CA LEU H 83 57.74 -36.66 8.26
C LEU H 83 58.99 -36.88 9.09
N ASN H 84 58.95 -36.43 10.34
CA ASN H 84 60.06 -36.57 11.28
C ASN H 84 59.71 -37.58 12.36
N SER H 85 60.72 -37.94 13.16
CA SER H 85 60.56 -38.89 14.25
C SER H 85 60.03 -40.22 13.73
N LEU H 86 60.88 -40.88 12.95
CA LEU H 86 60.51 -42.12 12.26
C LEU H 86 60.43 -43.24 13.30
N THR H 87 59.36 -43.22 14.09
CA THR H 87 59.10 -44.31 15.01
C THR H 87 58.79 -45.58 14.22
N PRO H 88 59.37 -46.73 14.60
CA PRO H 88 59.20 -47.93 13.79
C PRO H 88 57.76 -48.38 13.62
N GLU H 89 56.87 -48.00 14.54
CA GLU H 89 55.46 -48.39 14.42
C GLU H 89 54.74 -47.63 13.33
N ASP H 90 55.37 -46.63 12.71
CA ASP H 90 54.72 -45.77 11.72
C ASP H 90 54.67 -46.39 10.33
N THR H 91 54.86 -47.70 10.22
CA THR H 91 54.86 -48.35 8.90
C THR H 91 53.46 -48.38 8.33
N ALA H 92 52.97 -47.23 7.86
CA ALA H 92 51.62 -47.10 7.34
C ALA H 92 51.64 -46.53 5.94
N VAL H 93 50.73 -47.02 5.09
CA VAL H 93 50.65 -46.54 3.72
C VAL H 93 50.01 -45.16 3.73
N TYR H 94 50.68 -44.19 3.09
CA TYR H 94 50.26 -42.80 3.12
C TYR H 94 49.67 -42.41 1.76
N TYR H 95 48.65 -41.56 1.80
CA TYR H 95 47.89 -41.21 0.61
C TYR H 95 47.82 -39.69 0.43
N CYS H 96 47.06 -39.25 -0.56
CA CYS H 96 46.80 -37.84 -0.79
C CYS H 96 45.34 -37.69 -1.19
N ALA H 97 44.75 -36.55 -0.84
CA ALA H 97 43.33 -36.36 -1.12
C ALA H 97 43.02 -34.87 -1.11
N LYS H 98 41.87 -34.53 -1.71
CA LYS H 98 41.42 -33.17 -1.86
C LYS H 98 39.95 -33.06 -1.50
N LYS H 99 39.57 -31.91 -0.94
CA LYS H 99 38.19 -31.68 -0.57
C LYS H 99 37.32 -31.57 -1.82
N GLY H 100 36.01 -31.69 -1.62
CA GLY H 100 35.07 -31.69 -2.72
C GLY H 100 34.39 -30.36 -2.96
N SER H 101 34.60 -29.40 -2.07
CA SER H 101 33.99 -28.08 -2.24
C SER H 101 34.72 -27.10 -1.35
N THR H 102 34.50 -25.81 -1.62
CA THR H 102 35.18 -24.75 -0.90
C THR H 102 34.44 -24.29 0.35
N LEU H 103 33.20 -24.74 0.57
CA LEU H 103 32.45 -24.35 1.75
C LEU H 103 32.97 -25.09 2.97
N ILE H 104 33.20 -24.35 4.05
CA ILE H 104 33.81 -24.94 5.24
C ILE H 104 32.96 -26.06 5.83
N PRO H 105 31.67 -25.87 6.10
CA PRO H 105 30.94 -26.89 6.88
C PRO H 105 30.93 -28.27 6.24
N TYR H 106 30.83 -28.36 4.93
CA TYR H 106 30.71 -29.63 4.26
C TYR H 106 32.08 -30.16 3.87
N THR H 107 32.20 -31.49 3.82
CA THR H 107 33.49 -32.10 3.55
C THR H 107 33.31 -33.52 3.02
N TRP H 108 34.17 -33.90 2.09
CA TRP H 108 34.28 -35.27 1.62
C TRP H 108 35.48 -35.36 0.70
N PHE H 109 36.22 -36.46 0.79
CA PHE H 109 37.44 -36.66 0.01
C PHE H 109 37.08 -37.40 -1.26
N ASP H 110 36.93 -36.68 -2.37
CA ASP H 110 36.58 -37.27 -3.66
C ASP H 110 37.81 -37.59 -4.48
N VAL H 111 38.61 -36.58 -4.79
CA VAL H 111 39.81 -36.77 -5.60
C VAL H 111 40.80 -37.59 -4.78
N TRP H 112 41.03 -38.83 -5.18
CA TRP H 112 41.94 -39.72 -4.48
C TRP H 112 43.07 -40.13 -5.41
N GLY H 113 44.29 -40.07 -4.89
CA GLY H 113 45.47 -40.35 -5.67
C GLY H 113 46.00 -41.75 -5.47
N PRO H 114 47.07 -42.09 -6.18
CA PRO H 114 47.66 -43.43 -6.03
C PRO H 114 48.14 -43.73 -4.62
N GLY H 115 48.59 -42.72 -3.89
CA GLY H 115 49.18 -42.93 -2.59
C GLY H 115 50.62 -43.39 -2.69
N VAL H 116 51.23 -43.60 -1.53
CA VAL H 116 52.63 -43.99 -1.44
C VAL H 116 52.79 -45.06 -0.37
N LEU H 117 53.60 -46.06 -0.67
CA LEU H 117 53.99 -47.08 0.29
C LEU H 117 55.39 -46.75 0.79
N VAL H 118 55.48 -46.27 2.03
CA VAL H 118 56.77 -45.90 2.60
C VAL H 118 57.49 -47.13 3.12
N ILE I 2 34.24 -38.46 19.46
CA ILE I 2 33.25 -39.30 18.72
C ILE I 2 33.87 -40.64 18.36
N VAL I 3 33.02 -41.67 18.28
CA VAL I 3 33.47 -43.02 17.95
C VAL I 3 32.51 -43.61 16.92
N MET I 4 33.00 -44.59 16.19
CA MET I 4 32.26 -45.23 15.11
C MET I 4 32.40 -46.74 15.23
N THR I 5 31.65 -47.45 14.39
CA THR I 5 31.68 -48.91 14.35
C THR I 5 30.92 -49.36 13.12
N GLN I 6 30.93 -50.68 12.89
CA GLN I 6 30.29 -51.25 11.72
C GLN I 6 29.84 -52.67 12.03
N SER I 7 28.93 -53.17 11.19
CA SER I 7 28.40 -54.53 11.32
C SER I 7 29.50 -55.57 11.11
N ALA I 19 21.91 -55.77 -1.39
CA ALA I 19 22.75 -55.88 -0.20
C ALA I 19 22.70 -54.57 0.60
N THR I 20 22.94 -54.67 1.90
CA THR I 20 22.82 -53.51 2.77
C THR I 20 23.90 -53.58 3.84
N LEU I 21 24.21 -52.42 4.42
CA LEU I 21 25.17 -52.28 5.50
C LEU I 21 24.52 -51.49 6.64
N SER I 22 25.28 -51.27 7.70
CA SER I 22 24.77 -50.57 8.88
C SER I 22 25.93 -49.93 9.62
N CYS I 23 25.95 -48.61 9.66
CA CYS I 23 26.94 -47.84 10.41
C CYS I 23 26.24 -47.19 11.60
N ARG I 24 26.76 -47.43 12.80
CA ARG I 24 26.15 -46.93 14.04
C ARG I 24 27.15 -46.08 14.80
N ALA I 25 26.66 -44.99 15.37
CA ALA I 25 27.45 -44.07 16.17
C ALA I 25 26.93 -44.06 17.60
N SER I 26 27.58 -43.24 18.43
CA SER I 26 27.15 -43.04 19.81
C SER I 26 26.76 -41.59 20.06
N GLN I 27 26.44 -40.85 19.00
CA GLN I 27 26.07 -39.44 19.13
C GLN I 27 25.25 -39.06 17.91
N SER I 28 24.53 -37.96 18.03
CA SER I 28 23.62 -37.50 16.98
C SER I 28 24.41 -36.72 15.92
N VAL I 29 24.38 -37.20 14.69
CA VAL I 29 24.94 -36.51 13.54
C VAL I 29 23.86 -36.42 12.48
N SER I 30 23.61 -35.20 11.99
CA SER I 30 22.49 -35.00 11.08
C SER I 30 22.83 -35.47 9.67
N THR I 31 23.78 -34.81 9.01
CA THR I 31 24.08 -35.09 7.61
C THR I 31 25.55 -35.24 7.28
N SER I 32 26.46 -34.87 8.18
CA SER I 32 27.88 -34.92 7.84
C SER I 32 28.39 -36.36 7.83
N LEU I 33 27.89 -37.15 6.87
CA LEU I 33 28.31 -38.53 6.71
C LEU I 33 28.47 -38.83 5.23
N ALA I 34 29.26 -39.85 4.93
CA ALA I 34 29.50 -40.26 3.56
C ALA I 34 29.76 -41.77 3.55
N TRP I 35 30.29 -42.28 2.45
CA TRP I 35 30.62 -43.68 2.34
C TRP I 35 31.78 -43.86 1.37
N TYR I 36 32.75 -44.69 1.74
CA TYR I 36 33.92 -44.93 0.93
C TYR I 36 34.12 -46.41 0.72
N GLN I 37 34.33 -46.79 -0.53
CA GLN I 37 34.54 -48.18 -0.93
C GLN I 37 35.95 -48.32 -1.50
N GLN I 38 36.49 -49.54 -1.39
CA GLN I 38 37.79 -49.82 -1.97
C GLN I 38 37.98 -51.32 -2.05
N LYS I 39 38.54 -51.79 -3.15
CA LYS I 39 39.01 -53.15 -3.27
C LYS I 39 40.52 -53.18 -3.12
N PRO I 40 41.10 -54.33 -2.77
CA PRO I 40 42.54 -54.37 -2.52
C PRO I 40 43.34 -53.92 -3.72
N GLY I 41 44.43 -53.20 -3.46
CA GLY I 41 45.33 -52.72 -4.49
C GLY I 41 45.02 -51.34 -5.02
N GLN I 42 43.77 -51.07 -5.33
CA GLN I 42 43.34 -49.81 -5.89
C GLN I 42 42.99 -48.83 -4.77
N ALA I 43 43.16 -47.54 -5.06
CA ALA I 43 42.83 -46.52 -4.08
C ALA I 43 41.32 -46.45 -3.87
N PRO I 44 40.87 -46.06 -2.67
CA PRO I 44 39.43 -45.93 -2.45
C PRO I 44 38.81 -44.92 -3.38
N LYS I 45 37.59 -45.22 -3.84
CA LYS I 45 36.84 -44.35 -4.71
C LYS I 45 35.63 -43.79 -3.96
N LEU I 46 35.25 -42.56 -4.32
CA LEU I 46 34.13 -41.93 -3.65
C LEU I 46 32.85 -42.72 -3.86
N LEU I 47 31.99 -42.70 -2.85
CA LEU I 47 30.63 -43.23 -2.98
C LEU I 47 29.67 -42.15 -2.54
N ILE I 48 28.39 -42.50 -2.36
CA ILE I 48 27.37 -41.49 -2.05
C ILE I 48 27.89 -40.57 -0.96
N TYR I 49 27.87 -39.27 -1.23
CA TYR I 49 28.26 -38.26 -0.27
C TYR I 49 27.01 -37.62 0.33
N GLY I 50 27.23 -36.88 1.42
CA GLY I 50 26.11 -36.41 2.22
C GLY I 50 25.47 -37.57 2.93
N ALA I 51 24.32 -37.28 3.56
CA ALA I 51 23.62 -38.33 4.30
C ALA I 51 23.30 -39.51 3.39
N SER I 52 22.66 -39.25 2.26
CA SER I 52 22.41 -40.30 1.28
C SER I 52 22.57 -39.84 -0.16
N SER I 53 22.91 -38.57 -0.41
CA SER I 53 22.97 -38.08 -1.79
C SER I 53 23.98 -38.89 -2.59
N ARG I 54 23.61 -39.19 -3.83
CA ARG I 54 24.40 -40.06 -4.69
C ARG I 54 25.40 -39.21 -5.49
N ALA I 55 26.67 -39.56 -5.39
CA ALA I 55 27.69 -38.86 -6.16
C ALA I 55 27.55 -39.19 -7.64
N THR I 56 27.87 -38.21 -8.48
CA THR I 56 27.77 -38.38 -9.91
C THR I 56 28.94 -39.20 -10.45
N GLY I 57 28.85 -39.56 -11.73
CA GLY I 57 29.91 -40.30 -12.37
C GLY I 57 29.95 -41.76 -11.95
N ILE I 58 30.02 -41.99 -10.65
CA ILE I 58 30.10 -43.33 -10.09
C ILE I 58 28.84 -44.10 -10.50
N PRO I 59 28.92 -45.43 -10.67
CA PRO I 59 27.70 -46.19 -10.97
C PRO I 59 26.65 -45.99 -9.89
N ASP I 60 25.40 -45.91 -10.31
CA ASP I 60 24.31 -45.65 -9.38
C ASP I 60 23.77 -46.90 -8.71
N ARG I 61 24.32 -48.08 -9.03
CA ARG I 61 23.87 -49.29 -8.36
C ARG I 61 23.96 -49.16 -6.85
N PHE I 62 25.03 -48.54 -6.36
CA PHE I 62 25.17 -48.30 -4.94
C PHE I 62 24.16 -47.27 -4.46
N SER I 63 23.70 -47.45 -3.22
CA SER I 63 22.71 -46.54 -2.65
C SER I 63 22.64 -46.81 -1.15
N GLY I 64 21.89 -45.95 -0.46
CA GLY I 64 21.70 -46.09 0.97
C GLY I 64 20.83 -44.96 1.49
N SER I 65 20.54 -45.03 2.78
CA SER I 65 19.73 -44.03 3.46
C SER I 65 19.85 -44.25 4.95
N GLY I 66 19.09 -43.48 5.73
CA GLY I 66 19.16 -43.53 7.17
C GLY I 66 20.05 -42.43 7.72
N SER I 67 19.74 -41.99 8.94
CA SER I 67 20.49 -40.92 9.58
C SER I 67 20.23 -40.98 11.08
N GLY I 68 20.77 -40.00 11.80
CA GLY I 68 20.59 -39.92 13.23
C GLY I 68 21.24 -41.07 13.96
N THR I 69 22.57 -41.17 13.88
CA THR I 69 23.32 -42.20 14.58
C THR I 69 23.01 -43.59 14.02
N GLU I 70 22.23 -43.64 12.94
CA GLU I 70 21.87 -44.90 12.30
C GLU I 70 21.89 -44.70 10.79
N PHE I 71 22.82 -45.38 10.12
CA PHE I 71 22.98 -45.27 8.68
C PHE I 71 23.10 -46.66 8.09
N THR I 72 22.58 -46.82 6.87
CA THR I 72 22.56 -48.12 6.21
C THR I 72 22.67 -47.93 4.71
N LEU I 73 23.47 -48.78 4.08
CA LEU I 73 23.61 -48.78 2.64
C LEU I 73 22.58 -49.72 2.01
N THR I 74 22.46 -49.64 0.68
CA THR I 74 21.53 -50.47 -0.07
C THR I 74 22.15 -50.81 -1.41
N ILE I 75 22.11 -52.09 -1.76
CA ILE I 75 22.67 -52.56 -3.01
C ILE I 75 21.70 -53.52 -3.69
N VAL I 83 32.20 -59.64 -2.56
CA VAL I 83 33.40 -59.43 -1.75
C VAL I 83 33.85 -57.98 -1.87
N GLY I 84 34.51 -57.49 -0.83
CA GLY I 84 35.01 -56.13 -0.82
C GLY I 84 35.06 -55.60 0.61
N VAL I 85 35.26 -54.28 0.71
CA VAL I 85 35.31 -53.59 1.98
C VAL I 85 34.83 -52.17 1.77
N TYR I 86 34.26 -51.58 2.82
CA TYR I 86 33.70 -50.24 2.74
C TYR I 86 33.99 -49.51 4.04
N TYR I 87 33.67 -48.21 4.05
CA TYR I 87 33.93 -47.38 5.23
C TYR I 87 32.88 -46.27 5.31
N CYS I 88 32.51 -45.94 6.54
CA CYS I 88 31.61 -44.84 6.83
C CYS I 88 32.33 -43.85 7.73
N GLN I 89 32.22 -42.56 7.39
CA GLN I 89 32.97 -41.50 8.06
C GLN I 89 32.01 -40.42 8.56
N GLN I 90 32.33 -39.85 9.72
CA GLN I 90 31.53 -38.79 10.33
C GLN I 90 32.33 -37.51 10.34
N ASP I 91 31.65 -36.39 10.08
CA ASP I 91 32.32 -35.10 9.92
C ASP I 91 31.52 -33.99 10.61
N TYR I 92 31.12 -34.23 11.86
CA TYR I 92 30.43 -33.19 12.63
C TYR I 92 31.38 -32.47 13.58
N ASN I 93 32.03 -33.20 14.48
CA ASN I 93 33.07 -32.64 15.33
C ASN I 93 34.38 -32.73 14.56
N TRP I 94 34.84 -31.61 14.04
CA TRP I 94 35.75 -31.65 12.92
C TRP I 94 37.17 -32.04 13.29
N PRO I 95 37.82 -31.35 14.22
CA PRO I 95 39.28 -31.52 14.39
C PRO I 95 39.67 -32.97 14.59
N PRO I 96 38.92 -33.73 15.41
CA PRO I 96 39.24 -35.17 15.55
C PRO I 96 38.47 -36.05 14.57
N LEU I 97 38.89 -36.05 13.31
CA LEU I 97 38.28 -36.92 12.32
C LEU I 97 38.37 -38.38 12.78
N THR I 98 37.63 -39.24 12.08
CA THR I 98 37.64 -40.65 12.44
C THR I 98 37.04 -41.47 11.30
N PHE I 99 37.66 -42.60 11.02
CA PHE I 99 37.17 -43.56 10.06
C PHE I 99 36.73 -44.82 10.78
N GLY I 100 35.64 -45.41 10.32
CA GLY I 100 35.14 -46.64 10.91
C GLY I 100 36.09 -47.80 10.68
N GLY I 101 35.55 -49.00 10.87
CA GLY I 101 36.29 -50.22 10.69
C GLY I 101 36.13 -50.80 9.30
N GLY I 102 36.41 -52.10 9.19
CA GLY I 102 36.22 -52.80 7.94
C GLY I 102 34.80 -53.25 7.74
N THR I 103 34.53 -53.81 6.56
CA THR I 103 33.21 -54.34 6.24
C THR I 103 33.38 -55.50 5.28
N LYS I 104 33.43 -56.72 5.84
CA LYS I 104 33.55 -57.91 5.02
C LYS I 104 32.22 -58.24 4.36
N VAL I 105 32.29 -58.76 3.15
CA VAL I 105 31.10 -59.19 2.42
C VAL I 105 31.41 -60.42 1.58
N ILE J 2 39.81 5.15 -37.66
CA ILE J 2 38.79 6.16 -38.10
C ILE J 2 39.49 7.24 -38.90
N VAL J 3 38.78 7.80 -39.88
CA VAL J 3 39.31 8.82 -40.76
C VAL J 3 38.27 9.94 -40.91
N MET J 4 38.74 11.11 -41.33
CA MET J 4 37.91 12.30 -41.47
C MET J 4 38.19 12.95 -42.81
N THR J 5 37.38 13.96 -43.13
CA THR J 5 37.53 14.72 -44.37
C THR J 5 36.52 15.86 -44.34
N GLN J 6 36.73 16.84 -45.20
CA GLN J 6 35.88 18.02 -45.26
C GLN J 6 35.66 18.41 -46.71
N SER J 7 34.63 19.22 -46.93
CA SER J 7 34.29 19.72 -48.26
C SER J 7 35.37 20.65 -48.80
N PRO J 15 30.41 39.11 -47.21
CA PRO J 15 29.19 39.84 -46.85
C PRO J 15 28.02 39.52 -47.78
N GLY J 16 26.89 39.11 -47.20
CA GLY J 16 25.72 38.75 -47.97
C GLY J 16 25.71 37.32 -48.48
N GLU J 17 26.77 36.56 -48.24
CA GLU J 17 26.84 35.17 -48.64
C GLU J 17 26.52 34.28 -47.45
N ARG J 18 25.83 33.17 -47.71
CA ARG J 18 25.41 32.26 -46.65
C ARG J 18 26.51 31.24 -46.40
N ALA J 19 27.06 31.25 -45.19
CA ALA J 19 28.20 30.41 -44.84
C ALA J 19 27.68 29.09 -44.27
N THR J 20 27.72 28.05 -45.10
CA THR J 20 27.33 26.71 -44.70
C THR J 20 28.44 25.74 -45.10
N LEU J 21 28.72 24.78 -44.22
CA LEU J 21 29.80 23.83 -44.43
C LEU J 21 29.35 22.46 -43.96
N SER J 22 29.99 21.43 -44.50
CA SER J 22 29.68 20.04 -44.16
C SER J 22 30.96 19.27 -43.91
N CYS J 23 30.93 18.38 -42.91
CA CYS J 23 32.05 17.51 -42.58
C CYS J 23 31.50 16.11 -42.37
N ARG J 24 32.16 15.11 -42.94
CA ARG J 24 31.65 13.75 -42.97
C ARG J 24 32.73 12.77 -42.57
N ALA J 25 32.30 11.61 -42.10
CA ALA J 25 33.17 10.52 -41.69
C ALA J 25 32.90 9.30 -42.56
N SER J 26 33.68 8.24 -42.32
CA SER J 26 33.46 6.94 -42.97
C SER J 26 32.99 5.90 -41.98
N GLN J 27 32.44 6.34 -40.84
CA GLN J 27 32.01 5.42 -39.79
C GLN J 27 30.99 6.15 -38.93
N SER J 28 30.25 5.38 -38.15
CA SER J 28 29.17 5.92 -37.33
C SER J 28 29.73 6.47 -36.02
N VAL J 29 29.52 7.76 -35.78
CA VAL J 29 29.83 8.40 -34.51
C VAL J 29 28.60 9.19 -34.07
N SER J 30 28.18 8.98 -32.83
CA SER J 30 26.91 9.54 -32.38
C SER J 30 27.03 11.02 -32.04
N THR J 31 27.77 11.33 -30.98
CA THR J 31 27.78 12.69 -30.43
C THR J 31 29.18 13.25 -30.20
N SER J 32 30.22 12.44 -30.08
CA SER J 32 31.53 12.95 -29.70
C SER J 32 32.16 13.73 -30.85
N LEU J 33 31.56 14.87 -31.20
CA LEU J 33 32.08 15.72 -32.26
C LEU J 33 32.02 17.17 -31.79
N ALA J 34 32.89 17.99 -32.37
CA ALA J 34 32.97 19.40 -32.02
C ALA J 34 33.38 20.18 -33.27
N TRP J 35 33.80 21.43 -33.07
CA TRP J 35 34.21 22.28 -34.18
C TRP J 35 35.23 23.29 -33.69
N TYR J 36 36.33 23.43 -34.44
CA TYR J 36 37.40 24.34 -34.08
C TYR J 36 37.67 25.28 -35.25
N GLN J 37 37.73 26.57 -34.96
CA GLN J 37 37.99 27.61 -35.94
C GLN J 37 39.26 28.36 -35.55
N GLN J 38 39.99 28.83 -36.55
CA GLN J 38 41.22 29.56 -36.31
C GLN J 38 41.53 30.45 -37.49
N LYS J 39 41.78 31.72 -37.23
CA LYS J 39 42.32 32.62 -38.23
C LYS J 39 43.84 32.50 -38.25
N PRO J 40 44.48 32.94 -39.32
CA PRO J 40 45.94 32.84 -39.38
C PRO J 40 46.59 33.60 -38.23
N GLY J 41 47.66 33.03 -37.70
CA GLY J 41 48.41 33.66 -36.63
C GLY J 41 47.91 33.32 -35.24
N GLN J 42 46.69 33.74 -34.92
CA GLN J 42 46.15 33.52 -33.59
C GLN J 42 45.85 32.03 -33.38
N ALA J 43 45.84 31.64 -32.11
CA ALA J 43 45.58 30.25 -31.77
C ALA J 43 44.12 29.91 -32.06
N PRO J 44 43.81 28.64 -32.34
CA PRO J 44 42.41 28.25 -32.55
C PRO J 44 41.58 28.51 -31.31
N LYS J 45 40.34 28.93 -31.54
CA LYS J 45 39.39 29.19 -30.47
C LYS J 45 38.24 28.20 -30.55
N LEU J 46 37.64 27.91 -29.40
CA LEU J 46 36.55 26.94 -29.33
C LEU J 46 35.40 27.37 -30.24
N LEU J 47 34.54 26.41 -30.53
CA LEU J 47 33.28 26.66 -31.23
C LEU J 47 32.27 25.67 -30.70
N ILE J 48 31.15 25.50 -31.43
CA ILE J 48 30.12 24.58 -30.99
C ILE J 48 30.75 23.23 -30.68
N TYR J 49 30.38 22.67 -29.53
CA TYR J 49 30.95 21.42 -29.04
C TYR J 49 29.82 20.46 -28.68
N GLY J 50 30.13 19.18 -28.71
CA GLY J 50 29.15 18.17 -28.37
C GLY J 50 28.06 18.04 -29.42
N ALA J 51 28.46 17.75 -30.66
CA ALA J 51 27.51 17.56 -31.75
C ALA J 51 26.64 18.79 -31.96
N SER J 52 27.29 19.89 -32.30
CA SER J 52 26.69 21.15 -32.73
C SER J 52 26.11 21.95 -31.58
N SER J 53 26.12 21.45 -30.34
CA SER J 53 25.60 22.23 -29.24
C SER J 53 26.41 23.51 -29.05
N ARG J 54 25.73 24.61 -28.80
CA ARG J 54 26.38 25.90 -28.72
C ARG J 54 27.32 25.97 -27.53
N ALA J 55 28.50 26.54 -27.75
CA ALA J 55 29.47 26.77 -26.69
C ALA J 55 29.31 28.20 -26.18
N THR J 56 29.25 28.34 -24.86
CA THR J 56 29.00 29.64 -24.26
C THR J 56 30.20 30.57 -24.48
N GLY J 57 30.04 31.82 -24.04
CA GLY J 57 31.11 32.79 -24.13
C GLY J 57 31.33 33.32 -25.53
N ILE J 58 31.60 32.42 -26.47
CA ILE J 58 31.91 32.80 -27.84
C ILE J 58 30.65 33.40 -28.49
N PRO J 59 30.80 34.18 -29.55
CA PRO J 59 29.61 34.78 -30.18
C PRO J 59 28.64 33.71 -30.67
N ASP J 60 27.35 34.01 -30.55
CA ASP J 60 26.30 33.09 -30.98
C ASP J 60 26.07 33.12 -32.48
N ARG J 61 26.70 34.05 -33.20
CA ARG J 61 26.51 34.12 -34.64
C ARG J 61 26.80 32.77 -35.29
N PHE J 62 27.78 32.04 -34.77
CA PHE J 62 28.13 30.74 -35.31
C PHE J 62 27.15 29.68 -34.83
N SER J 63 26.87 28.69 -35.68
CA SER J 63 25.97 27.60 -35.33
C SER J 63 26.08 26.52 -36.39
N GLY J 64 25.40 25.41 -36.12
CA GLY J 64 25.42 24.28 -37.04
C GLY J 64 24.55 23.17 -36.52
N SER J 65 24.54 22.06 -37.25
CA SER J 65 23.75 20.89 -36.88
C SER J 65 24.20 19.72 -37.76
N GLY J 66 23.58 18.57 -37.53
CA GLY J 66 23.94 17.35 -38.23
C GLY J 66 24.53 16.31 -37.30
N SER J 67 24.37 15.03 -37.64
CA SER J 67 24.86 13.97 -36.77
C SER J 67 24.92 12.68 -37.57
N GLY J 68 25.55 11.67 -36.97
CA GLY J 68 25.61 10.35 -37.56
C GLY J 68 26.39 10.30 -38.86
N THR J 69 27.70 10.55 -38.79
CA THR J 69 28.61 10.51 -39.93
C THR J 69 28.40 11.68 -40.88
N GLU J 70 27.40 12.53 -40.64
CA GLU J 70 27.13 13.69 -41.48
C GLU J 70 26.89 14.89 -40.57
N PHE J 71 27.77 15.89 -40.66
CA PHE J 71 27.70 17.07 -39.82
C PHE J 71 27.84 18.32 -40.69
N THR J 72 27.19 19.39 -40.25
CA THR J 72 27.16 20.62 -41.03
C THR J 72 27.25 21.83 -40.11
N LEU J 73 27.82 22.90 -40.63
CA LEU J 73 27.93 24.18 -39.93
C LEU J 73 27.06 25.21 -40.62
N THR J 74 26.41 26.06 -39.82
CA THR J 74 25.48 27.05 -40.33
C THR J 74 25.92 28.42 -39.82
N ILE J 75 26.40 29.26 -40.72
CA ILE J 75 26.83 30.60 -40.37
C ILE J 75 26.26 31.61 -41.38
N VAL J 83 36.22 34.68 -43.00
CA VAL J 83 36.99 33.95 -44.00
C VAL J 83 38.19 33.30 -43.32
N GLY J 84 38.52 32.08 -43.73
CA GLY J 84 39.64 31.36 -43.16
C GLY J 84 39.52 29.86 -43.32
N VAL J 85 39.72 29.13 -42.22
CA VAL J 85 39.67 27.68 -42.22
C VAL J 85 39.01 27.21 -40.92
N TYR J 86 38.52 25.96 -40.97
CA TYR J 86 37.82 25.37 -39.84
C TYR J 86 38.16 23.89 -39.79
N TYR J 87 37.94 23.28 -38.62
CA TYR J 87 38.29 21.89 -38.38
C TYR J 87 37.18 21.17 -37.63
N CYS J 88 36.96 19.92 -37.99
CA CYS J 88 36.03 19.03 -37.30
C CYS J 88 36.83 17.87 -36.71
N GLN J 89 36.49 17.47 -35.49
CA GLN J 89 37.23 16.44 -34.77
C GLN J 89 36.26 15.40 -34.22
N GLN J 90 36.70 14.14 -34.24
CA GLN J 90 35.90 13.02 -33.75
C GLN J 90 36.58 12.41 -32.54
N ASP J 91 35.77 12.02 -31.55
CA ASP J 91 36.29 11.54 -30.27
C ASP J 91 35.51 10.34 -29.78
N TYR J 92 35.26 9.37 -30.66
CA TYR J 92 34.60 8.13 -30.24
C TYR J 92 35.62 7.05 -29.88
N ASN J 93 36.46 6.66 -30.83
CA ASN J 93 37.55 5.73 -30.57
C ASN J 93 38.75 6.56 -30.12
N TRP J 94 39.07 6.48 -28.85
CA TRP J 94 39.82 7.56 -28.23
C TRP J 94 41.31 7.55 -28.56
N PRO J 95 42.03 6.47 -28.32
CA PRO J 95 43.50 6.53 -28.33
C PRO J 95 44.04 7.12 -29.62
N PRO J 96 43.49 6.73 -30.78
CA PRO J 96 43.95 7.35 -32.04
C PRO J 96 43.13 8.57 -32.45
N LEU J 97 43.37 9.69 -31.77
CA LEU J 97 42.68 10.93 -32.13
C LEU J 97 42.95 11.28 -33.59
N THR J 98 42.20 12.24 -34.10
CA THR J 98 42.36 12.63 -35.50
C THR J 98 41.69 13.97 -35.74
N PHE J 99 42.33 14.81 -36.56
CA PHE J 99 41.81 16.09 -36.96
C PHE J 99 41.57 16.09 -38.47
N GLY J 100 40.51 16.77 -38.89
CA GLY J 100 40.19 16.88 -40.29
C GLY J 100 41.12 17.85 -41.00
N GLY J 101 40.94 17.93 -42.32
CA GLY J 101 41.73 18.79 -43.15
C GLY J 101 41.25 20.23 -43.11
N GLY J 102 41.95 21.08 -43.85
CA GLY J 102 41.57 22.47 -43.94
C GLY J 102 40.27 22.65 -44.70
N THR J 103 39.69 23.85 -44.56
CA THR J 103 38.42 24.19 -45.19
C THR J 103 38.47 25.64 -45.69
N LYS J 104 38.86 25.80 -46.95
CA LYS J 104 38.88 27.12 -47.55
C LYS J 104 37.46 27.62 -47.77
N VAL J 105 37.30 28.94 -47.77
CA VAL J 105 36.00 29.56 -47.96
C VAL J 105 36.12 30.75 -48.89
N VAL K 2 35.90 1.10 41.93
CA VAL K 2 36.84 2.02 41.22
C VAL K 2 37.74 2.70 42.23
N GLN K 3 39.03 2.78 41.90
CA GLN K 3 40.03 3.35 42.79
C GLN K 3 40.95 4.26 41.98
N LEU K 4 41.53 5.24 42.68
CA LEU K 4 42.41 6.21 42.04
C LEU K 4 43.38 6.74 43.08
N VAL K 5 44.61 6.99 42.65
CA VAL K 5 45.67 7.48 43.54
C VAL K 5 46.58 8.41 42.77
N GLU K 6 47.10 9.41 43.45
CA GLU K 6 48.00 10.41 42.86
C GLU K 6 49.20 10.60 43.77
N SER K 7 50.39 10.61 43.18
CA SER K 7 51.63 10.73 43.94
C SER K 7 52.57 11.66 43.22
N GLY K 8 53.44 12.31 43.99
CA GLY K 8 54.41 13.24 43.44
C GLY K 8 54.83 14.29 44.44
N SER K 17 61.04 22.65 38.10
CA SER K 17 60.08 21.70 37.56
C SER K 17 59.85 20.55 38.54
N LEU K 18 58.62 20.03 38.57
CA LEU K 18 58.27 18.91 39.43
C LEU K 18 57.32 17.99 38.68
N ARG K 19 57.56 16.69 38.79
CA ARG K 19 56.73 15.69 38.14
C ARG K 19 55.54 15.33 39.02
N LEU K 20 54.46 14.90 38.38
CA LEU K 20 53.25 14.53 39.09
C LEU K 20 52.48 13.51 38.26
N SER K 21 52.02 12.45 38.92
CA SER K 21 51.31 11.36 38.25
C SER K 21 50.08 10.97 39.06
N CYS K 22 49.08 10.45 38.35
CA CYS K 22 47.82 10.02 38.95
C CYS K 22 47.54 8.60 38.47
N ALA K 23 47.84 7.62 39.33
CA ALA K 23 47.58 6.23 38.99
C ALA K 23 46.17 5.83 39.41
N ALA K 24 45.56 4.95 38.61
CA ALA K 24 44.19 4.55 38.84
C ALA K 24 43.98 3.16 38.27
N SER K 25 42.85 2.55 38.65
CA SER K 25 42.52 1.19 38.24
C SER K 25 41.07 0.94 38.60
N GLY K 26 40.62 -0.30 38.37
CA GLY K 26 39.26 -0.68 38.70
C GLY K 26 38.24 -0.38 37.63
N PHE K 27 38.68 -0.11 36.40
CA PHE K 27 37.76 0.20 35.30
C PHE K 27 38.54 0.03 34.00
N THR K 28 37.92 0.46 32.90
CA THR K 28 38.55 0.42 31.58
C THR K 28 39.26 1.74 31.36
N PHE K 29 40.56 1.76 31.66
CA PHE K 29 41.34 2.99 31.49
C PHE K 29 41.44 3.41 30.03
N SER K 30 41.24 2.49 29.10
CA SER K 30 41.44 2.79 27.68
C SER K 30 40.22 3.41 27.03
N SER K 31 39.09 3.50 27.73
CA SER K 31 37.84 4.00 27.16
C SER K 31 37.27 5.12 28.01
N TYR K 32 38.12 6.06 28.40
CA TYR K 32 37.68 7.20 29.18
C TYR K 32 38.68 8.33 29.02
N GLY K 33 38.24 9.53 29.40
CA GLY K 33 39.07 10.71 29.35
C GLY K 33 39.30 11.25 30.75
N LEU K 34 40.57 11.39 31.11
CA LEU K 34 40.94 11.92 32.41
C LEU K 34 40.93 13.44 32.35
N SER K 35 41.38 14.09 33.41
CA SER K 35 41.46 15.54 33.46
C SER K 35 42.19 15.94 34.73
N TRP K 36 42.36 17.23 34.92
CA TRP K 36 43.07 17.74 36.09
C TRP K 36 42.45 19.06 36.51
N VAL K 37 42.36 19.28 37.82
CA VAL K 37 41.81 20.50 38.38
C VAL K 37 42.67 20.93 39.55
N ARG K 38 43.03 22.21 39.58
CA ARG K 38 43.83 22.76 40.65
C ARG K 38 42.93 23.45 41.67
N GLN K 39 43.42 23.51 42.91
CA GLN K 39 42.68 24.09 44.02
C GLN K 39 43.57 25.07 44.77
N ALA K 40 43.04 26.25 45.05
CA ALA K 40 43.78 27.28 45.75
C ALA K 40 43.66 27.09 47.26
N PRO K 41 44.60 27.62 48.03
CA PRO K 41 44.55 27.43 49.49
C PRO K 41 43.30 27.98 50.14
N GLY K 42 42.72 29.05 49.61
CA GLY K 42 41.63 29.72 50.28
C GLY K 42 40.50 30.20 49.40
N LYS K 43 40.20 29.46 48.33
CA LYS K 43 39.07 29.81 47.47
C LYS K 43 38.73 28.58 46.62
N GLY K 44 37.86 28.80 45.62
CA GLY K 44 37.36 27.71 44.82
C GLY K 44 38.43 26.98 44.02
N LEU K 45 37.99 26.10 43.13
CA LEU K 45 38.89 25.28 42.35
C LEU K 45 39.25 26.02 41.06
N GLU K 46 39.92 25.34 40.13
CA GLU K 46 40.27 25.93 38.85
C GLU K 46 40.72 24.86 37.85
N TRP K 47 40.14 24.88 36.66
CA TRP K 47 40.52 23.93 35.62
C TRP K 47 41.93 24.23 35.13
N VAL K 48 42.66 23.17 34.80
CA VAL K 48 44.05 23.34 34.37
C VAL K 48 44.32 22.65 33.04
N SER K 49 43.58 21.58 32.75
CA SER K 49 43.90 20.80 31.56
C SER K 49 42.89 19.67 31.32
N TYR K 50 43.06 18.94 30.22
CA TYR K 50 42.20 17.82 29.90
C TYR K 50 42.77 17.14 28.66
N ILE K 51 42.49 15.84 28.53
CA ILE K 51 42.91 15.06 27.37
C ILE K 51 41.81 14.08 27.01
N SER K 52 41.74 13.76 25.72
CA SER K 52 40.79 12.76 25.25
C SER K 52 41.29 11.36 25.55
N ASN K 53 40.40 10.38 25.41
CA ASN K 53 40.74 9.01 25.76
C ASN K 53 41.86 8.46 24.89
N SER K 54 41.81 8.71 23.58
CA SER K 54 42.80 8.13 22.68
C SER K 54 44.20 8.63 22.99
N GLY K 55 44.34 9.92 23.28
CA GLY K 55 45.63 10.52 23.51
C GLY K 55 46.15 11.36 22.35
N ILE K 56 45.32 11.66 21.36
CA ILE K 56 45.77 12.45 20.23
C ILE K 56 45.35 13.91 20.35
N SER K 57 44.20 14.18 20.97
CA SER K 57 43.68 15.52 21.14
C SER K 57 43.96 15.99 22.57
N THR K 58 44.32 17.26 22.72
CA THR K 58 44.71 17.80 24.01
C THR K 58 44.37 19.28 24.07
N TYR K 59 44.24 19.78 25.29
CA TYR K 59 44.01 21.19 25.55
C TYR K 59 44.83 21.59 26.76
N TYR K 60 44.77 22.87 27.12
CA TYR K 60 45.51 23.36 28.26
C TYR K 60 44.84 24.62 28.78
N ALA K 61 45.21 25.00 30.00
CA ALA K 61 44.71 26.24 30.57
C ALA K 61 45.30 27.43 29.83
N ASP K 62 44.53 28.51 29.79
CA ASP K 62 44.97 29.70 29.08
C ASP K 62 46.26 30.26 29.66
N SER K 63 46.34 30.32 30.99
CA SER K 63 47.47 30.91 31.68
C SER K 63 48.63 29.93 31.86
N VAL K 64 48.61 28.80 31.17
CA VAL K 64 49.63 27.77 31.36
C VAL K 64 50.21 27.25 30.06
N LYS K 65 49.59 27.50 28.91
CA LYS K 65 50.00 26.89 27.65
C LYS K 65 51.51 26.91 27.50
N GLY K 66 52.09 25.72 27.35
CA GLY K 66 53.52 25.58 27.27
C GLY K 66 54.17 25.27 28.61
N ARG K 67 53.81 26.01 29.64
CA ARG K 67 54.45 25.83 30.94
C ARG K 67 54.26 24.40 31.46
N PHE K 68 53.02 23.94 31.49
CA PHE K 68 52.71 22.58 31.94
C PHE K 68 52.38 21.71 30.74
N THR K 69 52.68 20.43 30.86
CA THR K 69 52.44 19.47 29.79
C THR K 69 51.76 18.23 30.37
N ILE K 70 51.06 17.51 29.50
CA ILE K 70 50.31 16.31 29.90
C ILE K 70 50.69 15.16 28.98
N SER K 71 50.77 13.96 29.55
CA SER K 71 51.03 12.75 28.79
C SER K 71 50.28 11.60 29.44
N ARG K 72 49.94 10.60 28.62
CA ARG K 72 49.16 9.46 29.09
C ARG K 72 49.67 8.18 28.44
N ASP K 73 49.38 7.06 29.09
CA ASP K 73 49.61 5.74 28.52
C ASP K 73 48.35 4.90 28.70
N ASN K 74 48.42 3.62 28.36
CA ASN K 74 47.29 2.73 28.58
C ASN K 74 47.71 1.48 29.35
N SER K 75 48.93 1.00 29.08
CA SER K 75 49.40 -0.21 29.75
C SER K 75 49.46 -0.01 31.26
N LYS K 76 50.00 1.13 31.70
CA LYS K 76 50.10 1.41 33.13
C LYS K 76 48.83 2.00 33.71
N ASN K 77 47.86 2.39 32.86
CA ASN K 77 46.62 2.98 33.34
C ASN K 77 46.89 4.16 34.25
N THR K 78 47.88 4.98 33.88
CA THR K 78 48.30 6.09 34.70
C THR K 78 48.76 7.23 33.81
N VAL K 79 48.52 8.46 34.25
CA VAL K 79 48.89 9.65 33.50
C VAL K 79 49.82 10.49 34.36
N SER K 80 50.32 11.57 33.77
CA SER K 80 51.24 12.43 34.48
C SER K 80 51.35 13.77 33.76
N LEU K 81 51.56 14.83 34.54
CA LEU K 81 51.82 16.16 34.03
C LEU K 81 53.24 16.54 34.39
N GLN K 82 54.01 16.99 33.39
CA GLN K 82 55.39 17.36 33.65
C GLN K 82 55.47 18.53 34.62
N LEU K 83 54.59 19.51 34.47
CA LEU K 83 54.43 20.59 35.45
C LEU K 83 55.75 21.31 35.69
N ASN K 84 56.32 21.85 34.61
CA ASN K 84 57.59 22.55 34.70
C ASN K 84 57.35 24.03 35.00
N SER K 85 58.44 24.79 35.10
CA SER K 85 58.39 26.24 35.30
C SER K 85 57.65 26.59 36.60
N LEU K 86 58.21 26.13 37.71
CA LEU K 86 57.63 26.45 39.01
C LEU K 86 57.70 27.94 39.28
N THR K 87 56.68 28.45 39.97
CA THR K 87 56.58 29.87 40.27
C THR K 87 55.73 29.98 41.53
N PRO K 88 56.06 30.86 42.48
CA PRO K 88 55.41 30.79 43.81
C PRO K 88 53.89 30.83 43.75
N GLU K 89 53.28 31.61 42.85
CA GLU K 89 51.83 31.67 42.83
C GLU K 89 51.20 30.33 42.46
N ASP K 90 51.98 29.39 41.93
CA ASP K 90 51.49 28.05 41.61
C ASP K 90 51.28 27.19 42.85
N THR K 91 51.41 27.76 44.05
CA THR K 91 51.23 26.97 45.26
C THR K 91 49.76 26.63 45.46
N ALA K 92 49.26 25.70 44.65
CA ALA K 92 47.85 25.33 44.66
C ALA K 92 47.72 23.82 44.85
N VAL K 93 46.62 23.41 45.48
CA VAL K 93 46.37 21.99 45.70
C VAL K 93 45.88 21.38 44.40
N TYR K 94 46.52 20.29 43.98
CA TYR K 94 46.25 19.65 42.70
C TYR K 94 45.52 18.34 42.91
N TYR K 95 44.55 18.08 42.03
CA TYR K 95 43.68 16.92 42.17
C TYR K 95 43.74 16.05 40.93
N CYS K 96 42.89 15.01 40.88
CA CYS K 96 42.78 14.15 39.72
C CYS K 96 41.34 13.71 39.61
N ALA K 97 40.83 13.63 38.38
CA ALA K 97 39.42 13.36 38.17
C ALA K 97 39.21 12.71 36.82
N LYS K 98 38.03 12.10 36.65
CA LYS K 98 37.70 11.34 35.46
C LYS K 98 36.30 11.72 34.98
N LYS K 99 36.12 11.67 33.66
CA LYS K 99 34.83 11.99 33.07
C LYS K 99 33.80 10.92 33.45
N GLY K 100 32.54 11.25 33.24
CA GLY K 100 31.45 10.39 33.63
C GLY K 100 30.86 9.57 32.51
N SER K 101 31.29 9.83 31.28
CA SER K 101 30.79 9.08 30.14
C SER K 101 31.72 9.32 28.96
N THR K 102 31.57 8.47 27.93
CA THR K 102 32.43 8.52 26.77
C THR K 102 31.90 9.43 25.66
N LEU K 103 30.69 9.95 25.79
CA LEU K 103 30.13 10.83 24.78
C LEU K 103 30.77 12.21 24.89
N ILE K 104 31.22 12.75 23.76
CA ILE K 104 31.94 14.02 23.78
C ILE K 104 31.09 15.15 24.34
N PRO K 105 29.87 15.39 23.84
CA PRO K 105 29.18 16.64 24.23
C PRO K 105 28.96 16.78 25.73
N TYR K 106 28.67 15.69 26.43
CA TYR K 106 28.37 15.77 27.85
C TYR K 106 29.64 15.62 28.67
N THR K 107 29.60 16.17 29.89
CA THR K 107 30.77 16.12 30.75
C THR K 107 30.39 16.40 32.19
N TRP K 108 31.08 15.72 33.11
CA TRP K 108 30.99 15.99 34.53
C TRP K 108 32.03 15.14 35.24
N PHE K 109 32.66 15.71 36.26
CA PHE K 109 33.73 15.02 36.99
C PHE K 109 33.12 14.31 38.19
N ASP K 110 32.89 13.01 38.05
CA ASP K 110 32.29 12.20 39.11
C ASP K 110 33.36 11.55 39.99
N VAL K 111 34.21 10.73 39.39
CA VAL K 111 35.23 10.02 40.15
C VAL K 111 36.26 11.04 40.62
N TRP K 112 36.26 11.35 41.91
CA TRP K 112 37.18 12.31 42.49
C TRP K 112 38.12 11.62 43.46
N GLY K 113 39.40 12.00 43.39
CA GLY K 113 40.42 11.36 44.17
C GLY K 113 40.87 12.21 45.34
N PRO K 114 41.79 11.67 46.16
CA PRO K 114 42.29 12.44 47.30
C PRO K 114 42.99 13.73 46.90
N GLY K 115 43.60 13.77 45.72
CA GLY K 115 44.38 14.92 45.32
C GLY K 115 45.75 14.93 45.98
N VAL K 116 46.52 15.98 45.67
CA VAL K 116 47.87 16.13 46.19
C VAL K 116 48.07 17.57 46.63
N LEU K 117 48.74 17.74 47.76
CA LEU K 117 49.17 19.05 48.25
C LEU K 117 50.64 19.22 47.86
N VAL K 118 50.89 19.93 46.77
CA VAL K 118 52.24 20.12 46.28
C VAL K 118 53.07 20.86 47.31
N ILE L 2 33.18 33.41 28.95
CA ILE L 2 32.02 33.07 29.82
C ILE L 2 32.44 33.19 31.27
N VAL L 3 31.51 33.65 32.12
CA VAL L 3 31.78 33.88 33.53
C VAL L 3 30.61 33.34 34.35
N MET L 4 30.89 33.07 35.63
CA MET L 4 29.92 32.55 36.57
C MET L 4 29.87 33.48 37.79
N THR L 5 28.95 33.17 38.70
CA THR L 5 28.80 33.94 39.94
C THR L 5 27.89 33.15 40.87
N GLN L 6 27.80 33.62 42.10
CA GLN L 6 26.99 32.95 43.11
C GLN L 6 26.47 33.97 44.11
N SER L 7 25.42 33.59 44.82
CA SER L 7 24.81 34.45 45.84
C SER L 7 25.68 34.56 47.07
N PRO L 15 19.42 25.53 63.21
CA PRO L 15 18.03 25.90 62.92
C PRO L 15 17.50 25.22 61.66
N GLY L 16 16.18 25.26 61.47
CA GLY L 16 15.58 24.67 60.30
C GLY L 16 15.61 25.60 59.10
N GLU L 17 16.77 26.14 58.79
CA GLU L 17 16.91 27.04 57.65
C GLU L 17 16.50 26.33 56.37
N ARG L 18 15.79 27.06 55.51
CA ARG L 18 15.39 26.54 54.21
C ARG L 18 16.52 26.80 53.22
N ALA L 19 17.19 25.74 52.78
CA ALA L 19 18.42 25.86 52.01
C ALA L 19 18.08 26.03 50.53
N THR L 20 18.35 27.22 50.01
CA THR L 20 18.18 27.52 48.59
C THR L 20 19.38 28.32 48.11
N LEU L 21 19.63 28.25 46.81
CA LEU L 21 20.81 28.91 46.24
C LEU L 21 20.57 29.13 44.75
N SER L 22 21.26 30.13 44.21
CA SER L 22 21.14 30.49 42.80
C SER L 22 22.52 30.72 42.21
N CYS L 23 22.65 30.37 40.92
CA CYS L 23 23.86 30.60 40.16
C CYS L 23 23.47 31.18 38.80
N ARG L 24 24.19 32.20 38.36
CA ARG L 24 23.84 32.92 37.15
C ARG L 24 25.08 33.15 36.30
N ALA L 25 24.85 33.30 35.00
CA ALA L 25 25.89 33.61 34.02
C ALA L 25 25.45 34.83 33.21
N SER L 26 26.30 35.24 32.27
CA SER L 26 26.00 36.33 31.35
C SER L 26 25.78 35.83 29.93
N GLN L 27 25.38 34.57 29.77
CA GLN L 27 25.18 33.98 28.45
C GLN L 27 24.23 32.81 28.60
N SER L 28 23.66 32.39 27.47
CA SER L 28 22.66 31.34 27.44
C SER L 28 23.34 29.97 27.39
N VAL L 29 23.05 29.13 28.38
CA VAL L 29 23.50 27.74 28.41
C VAL L 29 22.29 26.87 28.68
N SER L 30 22.08 25.87 27.83
CA SER L 30 20.85 25.09 27.89
C SER L 30 20.89 24.07 29.03
N THR L 31 21.82 23.13 28.96
CA THR L 31 21.84 22.00 29.88
C THR L 31 23.21 21.66 30.46
N SER L 32 24.31 22.09 29.84
CA SER L 32 25.62 21.66 30.28
C SER L 32 25.99 22.35 31.59
N LEU L 33 25.25 22.03 32.65
CA LEU L 33 25.51 22.55 33.98
C LEU L 33 25.43 21.40 34.98
N ALA L 34 26.10 21.60 36.13
CA ALA L 34 26.12 20.58 37.17
C ALA L 34 26.24 21.29 38.51
N TRP L 35 26.58 20.54 39.55
CA TRP L 35 26.75 21.10 40.88
C TRP L 35 27.75 20.26 41.66
N TYR L 36 28.70 20.92 42.31
CA TYR L 36 29.73 20.24 43.09
C TYR L 36 29.77 20.82 44.49
N GLN L 37 29.63 19.95 45.48
CA GLN L 37 29.75 20.30 46.88
C GLN L 37 31.00 19.65 47.46
N GLN L 38 31.59 20.32 48.44
CA GLN L 38 32.73 19.76 49.15
C GLN L 38 32.73 20.29 50.57
N LYS L 39 32.86 19.38 51.53
CA LYS L 39 33.10 19.77 52.90
C LYS L 39 34.60 20.02 53.08
N PRO L 40 34.98 20.82 54.08
CA PRO L 40 36.40 21.13 54.25
C PRO L 40 37.23 19.87 54.47
N GLY L 41 38.42 19.86 53.89
CA GLY L 41 39.36 18.76 54.03
C GLY L 41 39.21 17.65 53.02
N GLN L 42 37.99 17.14 52.84
CA GLN L 42 37.75 16.04 51.92
C GLN L 42 37.55 16.55 50.50
N ALA L 43 37.73 15.64 49.55
CA ALA L 43 37.59 16.00 48.14
C ALA L 43 36.12 16.31 47.82
N PRO L 44 35.88 17.17 46.84
CA PRO L 44 34.49 17.43 46.44
C PRO L 44 33.81 16.17 45.93
N LYS L 45 32.54 16.02 46.27
CA LYS L 45 31.72 14.91 45.82
C LYS L 45 30.81 15.36 44.69
N LEU L 46 30.37 14.40 43.90
CA LEU L 46 29.41 14.69 42.85
C LEU L 46 28.08 15.12 43.46
N LEU L 47 27.33 15.90 42.70
CA LEU L 47 25.95 16.23 43.02
C LEU L 47 25.15 16.18 41.73
N ILE L 48 23.94 16.71 41.75
CA ILE L 48 23.05 16.62 40.59
C ILE L 48 23.80 17.07 39.35
N TYR L 49 23.84 16.20 38.35
CA TYR L 49 24.49 16.50 37.08
C TYR L 49 23.44 16.77 36.01
N GLY L 50 23.88 17.38 34.92
CA GLY L 50 22.95 17.85 33.92
C GLY L 50 22.18 19.04 34.45
N ALA L 51 21.11 19.38 33.73
CA ALA L 51 20.26 20.51 34.11
C ALA L 51 19.44 20.11 35.32
N SER L 52 20.10 20.09 36.47
CA SER L 52 19.52 19.78 37.78
C SER L 52 19.07 18.33 37.89
N SER L 53 19.32 17.48 36.89
CA SER L 53 18.91 16.09 36.97
C SER L 53 19.59 15.41 38.16
N ARG L 54 18.81 14.68 38.93
CA ARG L 54 19.31 14.09 40.17
C ARG L 54 20.45 13.14 39.90
N ALA L 55 21.52 13.25 40.69
CA ALA L 55 22.65 12.35 40.58
C ALA L 55 22.35 11.06 41.33
N THR L 56 23.21 10.06 41.15
CA THR L 56 23.03 8.74 41.73
C THR L 56 23.94 8.55 42.93
N GLY L 57 23.52 7.68 43.85
CA GLY L 57 24.31 7.39 45.03
C GLY L 57 24.14 8.43 46.11
N ILE L 58 24.13 9.69 45.72
CA ILE L 58 24.00 10.80 46.66
C ILE L 58 22.66 10.72 47.38
N PRO L 59 22.57 11.17 48.62
CA PRO L 59 21.27 11.23 49.28
C PRO L 59 20.30 12.13 48.52
N ASP L 60 19.02 11.73 48.53
CA ASP L 60 18.01 12.48 47.81
C ASP L 60 17.68 13.82 48.46
N ARG L 61 18.18 14.08 49.67
CA ARG L 61 17.91 15.37 50.31
C ARG L 61 18.28 16.52 49.40
N PHE L 62 19.35 16.37 48.63
CA PHE L 62 19.80 17.44 47.76
C PHE L 62 18.93 17.50 46.50
N SER L 63 18.64 18.70 46.04
CA SER L 63 17.78 18.90 44.87
C SER L 63 17.99 20.32 44.36
N GLY L 64 17.43 20.58 43.19
CA GLY L 64 17.54 21.90 42.58
C GLY L 64 16.82 21.92 41.26
N SER L 65 16.76 23.11 40.66
CA SER L 65 16.12 23.29 39.36
C SER L 65 16.52 24.66 38.83
N GLY L 66 16.08 24.93 37.60
CA GLY L 66 16.42 26.17 36.92
C GLY L 66 17.18 25.92 35.64
N SER L 67 17.17 26.88 34.73
CA SER L 67 17.86 26.72 33.46
C SER L 67 17.93 28.08 32.77
N GLY L 68 18.66 28.12 31.67
CA GLY L 68 18.75 29.32 30.86
C GLY L 68 19.39 30.50 31.58
N THR L 69 20.68 30.36 31.91
CA THR L 69 21.42 31.44 32.56
C THR L 69 20.88 31.72 33.95
N GLU L 70 19.98 30.87 34.44
CA GLU L 70 19.42 31.01 35.77
C GLU L 70 19.21 29.61 36.35
N PHE L 71 19.99 29.27 37.36
CA PHE L 71 19.94 27.95 37.96
C PHE L 71 19.85 28.10 39.48
N THR L 72 19.15 27.16 40.11
CA THR L 72 18.90 27.23 41.55
C THR L 72 19.06 25.85 42.16
N LEU L 73 19.44 25.83 43.44
CA LEU L 73 19.54 24.62 44.23
C LEU L 73 18.49 24.64 45.32
N THR L 74 17.90 23.48 45.59
CA THR L 74 16.83 23.34 46.57
C THR L 74 17.19 22.25 47.55
N ILE L 75 17.42 22.63 48.81
CA ILE L 75 17.75 21.66 49.84
C ILE L 75 16.89 21.94 51.07
N ASP L 82 25.94 19.50 56.48
CA ASP L 82 25.94 19.97 55.09
C ASP L 82 26.26 21.46 55.03
N VAL L 83 27.09 21.91 55.95
CA VAL L 83 27.48 23.32 56.04
C VAL L 83 28.83 23.48 55.34
N GLY L 84 28.94 24.53 54.54
CA GLY L 84 30.20 24.78 53.84
C GLY L 84 30.05 25.54 52.55
N VAL L 85 30.59 25.00 51.47
CA VAL L 85 30.66 25.69 50.19
C VAL L 85 30.11 24.78 49.09
N TYR L 86 29.71 25.40 47.99
CA TYR L 86 29.17 24.70 46.84
C TYR L 86 29.67 25.39 45.58
N TYR L 87 29.52 24.72 44.44
CA TYR L 87 30.04 25.24 43.18
C TYR L 87 29.12 24.89 42.02
N CYS L 88 29.00 25.82 41.08
CA CYS L 88 28.27 25.63 39.83
C CYS L 88 29.25 25.76 38.67
N GLN L 89 29.16 24.83 37.71
CA GLN L 89 30.10 24.77 36.61
C GLN L 89 29.34 24.70 35.29
N GLN L 90 29.86 25.39 34.28
CA GLN L 90 29.24 25.48 32.96
C GLN L 90 30.14 24.81 31.93
N ASP L 91 29.55 23.96 31.09
CA ASP L 91 30.29 23.16 30.11
C ASP L 91 29.65 23.27 28.73
N TYR L 92 29.37 24.49 28.28
CA TYR L 92 28.86 24.69 26.93
C TYR L 92 29.99 25.00 25.95
N ASN L 93 30.69 26.12 26.18
CA ASN L 93 31.86 26.47 25.39
C ASN L 93 33.08 25.80 26.03
N TRP L 94 33.60 24.80 25.37
CA TRP L 94 34.39 23.80 26.08
C TRP L 94 35.77 24.27 26.49
N PRO L 95 36.63 24.69 25.56
CA PRO L 95 38.07 24.80 25.85
C PRO L 95 38.33 25.61 27.11
N PRO L 96 37.72 26.78 27.27
CA PRO L 96 37.97 27.57 28.49
C PRO L 96 36.98 27.26 29.61
N LEU L 97 37.14 26.11 30.25
CA LEU L 97 36.31 25.78 31.40
C LEU L 97 36.40 26.87 32.46
N THR L 98 35.43 26.87 33.37
CA THR L 98 35.40 27.87 34.43
C THR L 98 34.57 27.34 35.59
N PHE L 99 35.07 27.56 36.80
CA PHE L 99 34.35 27.19 38.02
C PHE L 99 33.86 28.45 38.71
N GLY L 100 32.63 28.40 39.23
CA GLY L 100 32.05 29.55 39.89
C GLY L 100 32.79 29.94 41.15
N GLY L 101 32.17 30.79 41.96
CA GLY L 101 32.79 31.26 43.17
C GLY L 101 32.55 30.33 44.34
N GLY L 102 32.82 30.86 45.53
CA GLY L 102 32.62 30.12 46.76
C GLY L 102 31.36 30.58 47.46
N THR L 103 30.53 29.61 47.85
CA THR L 103 29.26 29.92 48.50
C THR L 103 29.37 29.65 50.00
N LYS L 104 28.45 30.26 50.75
CA LYS L 104 28.38 30.10 52.19
C LYS L 104 26.96 29.76 52.58
N VAL L 105 26.78 29.34 53.83
CA VAL L 105 25.47 28.98 54.35
C VAL L 105 25.29 29.56 55.74
#